data_5ZSN
#
_entry.id   5ZSN
#
_cell.length_a   98.448
_cell.length_b   139.391
_cell.length_c   149.579
_cell.angle_alpha   90.00
_cell.angle_beta   90.00
_cell.angle_gamma   90.00
#
_symmetry.space_group_name_H-M   'P 21 21 21'
#
loop_
_entity.id
_entity.type
_entity.pdbx_description
1 polymer 'Toll-like receptor 7'
2 polymer "RNA (5'-R(P*UP*UP*AP*A)-3')"
3 branched 2-acetamido-2-deoxy-beta-D-glucopyranose-(1-4)-2-acetamido-2-deoxy-beta-D-glucopyranose
4 branched beta-D-mannopyranose-(1-4)-2-acetamido-2-deoxy-beta-D-glucopyranose
5 non-polymer 2-acetamido-2-deoxy-beta-D-glucopyranose
6 non-polymer 'PHOSPHATE ION'
7 non-polymer 'SULFATE ION'
8 non-polymer "2',3'- cyclic AMP"
9 water water
#
loop_
_entity_poly.entity_id
_entity_poly.type
_entity_poly.pdbx_seq_one_letter_code
_entity_poly.pdbx_strand_id
1 'polypeptide(L)'
;RSPWARWFPKTLPCDVTLDVSKNHVIVDCTDKHLTEIPGGIPTNTTNLTLTINHIPDISPASFHRLVHLVEIDFRCNCVP
IRLGSKSNMCPRRLQIKPRSFSGLTYLKSLYLDGNQLLEIPQGLPPSLQLLSLEANNIFSIRKEQLTELANIEILYLGQN
CYYRNPCYVSYSIEKDAFLNLTKLKVLSLKDNNVTTVPTVLPSTLTELYLYNNMIAEIQEDDFNNLNQLQILDLSGNCPR
CYNAPFPCTPCKNNSPLQIPVNAFDALTELKVLRLHSNSLQHVPPRWFKNINNLQELDLSQNFLAKEIGDAKFLHFLPNL
IQLDLSFNFELQVYRASMNLSQAFSSLKSLKILRIRGYVFKELKSFQLSPLHNLQNLEVLDLGTNFIKIANLSMFKQFKR
LKVIDLSVNKISPSGDSLVPRGSSNARTSVESYEPQVLEQLYYFRYDKYARSCRFKNKEASFTSVQESCYKYGQTLDLSK
NSIFFIKSSDFQHLSFLKCLNLSGNLISQTLNGSEFQPLAELRYLDFSNNRLDLLHSTAFEELRKLEVLDISSNSHYFQS
EGITHMLNFTKNLKVLQKLMMNDNDISSSTSRTMESESLRTLEFRGNHLDVLWRDGDNRYLQLFKNLLKLEELDISKNSL
SFLPSGVFDGMPPNLKNLSLAKNGLKSFIWEKLRYLKNLETLDLSHNQLTTVPERLSNCSRSLKNLILKNNQIRSLTKYF
LQDAFQLRYLDLSSNKIQMIQKTSFPENVLNNLKMLLLHHNRFLCTCDAVWFVWWVQHTEVTIPYLATDVTCVGPGAHKG
QSVISLDLYTCELDLTNEFLVPR
;
B,A
2 'polyribonucleotide' AAUUAA D,E
#
loop_
_chem_comp.id
_chem_comp.type
_chem_comp.name
_chem_comp.formula
A RNA linking ADENOSINE-5'-MONOPHOSPHATE 'C10 H14 N5 O7 P'
ACK non-polymer '2',3'- cyclic AMP' 'C10 H12 N5 O6 P'
BMA D-saccharide, beta linking beta-D-mannopyranose 'C6 H12 O6'
NAG D-saccharide, beta linking 2-acetamido-2-deoxy-beta-D-glucopyranose 'C8 H15 N O6'
PO4 non-polymer 'PHOSPHATE ION' 'O4 P -3'
SO4 non-polymer 'SULFATE ION' 'O4 S -2'
U RNA linking URIDINE-5'-MONOPHOSPHATE 'C9 H13 N2 O9 P'
#
# COMPACT_ATOMS: atom_id res chain seq x y z
N ALA A 5 -34.58 -25.24 -17.42
CA ALA A 5 -35.73 -24.32 -17.49
C ALA A 5 -35.74 -23.64 -18.88
N ARG A 6 -34.58 -23.10 -19.30
CA ARG A 6 -34.41 -22.44 -20.60
C ARG A 6 -34.31 -23.48 -21.72
N TRP A 7 -35.04 -23.25 -22.81
CA TRP A 7 -35.07 -24.20 -23.93
C TRP A 7 -33.92 -23.89 -24.91
N PHE A 8 -33.59 -22.60 -25.10
CA PHE A 8 -32.52 -22.18 -26.04
C PHE A 8 -31.44 -21.37 -25.33
N PRO A 9 -30.19 -21.90 -25.22
CA PRO A 9 -29.11 -21.19 -24.53
C PRO A 9 -28.70 -19.93 -25.29
N LYS A 10 -28.48 -18.86 -24.55
CA LYS A 10 -27.99 -17.60 -25.07
C LYS A 10 -26.48 -17.70 -25.28
N THR A 11 -26.06 -17.66 -26.54
CA THR A 11 -24.67 -17.85 -26.91
C THR A 11 -24.00 -16.50 -27.24
N LEU A 12 -24.82 -15.50 -27.59
CA LEU A 12 -24.34 -14.18 -28.00
C LEU A 12 -23.53 -13.54 -26.87
N PRO A 13 -22.33 -13.01 -27.17
CA PRO A 13 -21.46 -12.43 -26.15
C PRO A 13 -21.82 -11.01 -25.70
N CYS A 14 -23.09 -10.64 -25.73
CA CYS A 14 -23.54 -9.29 -25.41
C CYS A 14 -24.69 -9.36 -24.43
N ASP A 15 -24.77 -8.38 -23.53
CA ASP A 15 -25.87 -8.27 -22.60
C ASP A 15 -27.10 -7.78 -23.38
N VAL A 16 -28.21 -8.53 -23.27
CA VAL A 16 -29.47 -8.19 -23.88
C VAL A 16 -30.48 -7.82 -22.77
N THR A 17 -31.10 -6.65 -22.89
CA THR A 17 -32.12 -6.18 -21.97
C THR A 17 -33.39 -5.92 -22.79
N LEU A 18 -34.55 -6.08 -22.13
CA LEU A 18 -35.87 -5.70 -22.63
C LEU A 18 -36.42 -4.60 -21.75
N ASP A 19 -37.00 -3.57 -22.37
CA ASP A 19 -37.72 -2.51 -21.67
C ASP A 19 -39.02 -2.27 -22.46
N VAL A 20 -40.02 -3.12 -22.22
CA VAL A 20 -41.22 -3.21 -23.05
C VAL A 20 -42.05 -1.92 -22.91
N SER A 21 -41.83 -1.20 -21.81
CA SER A 21 -42.36 0.15 -21.61
C SER A 21 -41.91 1.08 -22.74
N LYS A 22 -40.62 1.46 -22.72
CA LYS A 22 -40.04 2.39 -23.70
C LYS A 22 -39.73 1.65 -25.01
N ASN A 23 -40.15 0.38 -25.14
CA ASN A 23 -40.21 -0.33 -26.42
C ASN A 23 -38.79 -0.57 -26.98
N HIS A 24 -37.82 -0.77 -26.09
CA HIS A 24 -36.38 -0.91 -26.46
C HIS A 24 -35.89 -2.36 -26.28
N VAL A 25 -35.13 -2.84 -27.29
CA VAL A 25 -34.37 -4.06 -27.23
C VAL A 25 -32.89 -3.67 -27.24
N ILE A 26 -32.24 -3.75 -26.08
CA ILE A 26 -30.93 -3.18 -25.83
C ILE A 26 -29.86 -4.27 -25.87
N VAL A 27 -28.96 -4.19 -26.84
CA VAL A 27 -27.87 -5.12 -26.98
C VAL A 27 -26.55 -4.39 -26.73
N ASP A 28 -25.89 -4.72 -25.62
CA ASP A 28 -24.67 -4.06 -25.16
C ASP A 28 -23.49 -5.04 -25.27
N CYS A 29 -22.64 -4.83 -26.29
CA CYS A 29 -21.42 -5.58 -26.50
C CYS A 29 -20.20 -4.73 -26.16
N THR A 30 -20.30 -3.88 -25.13
CA THR A 30 -19.18 -3.05 -24.71
C THR A 30 -18.00 -3.97 -24.35
N ASP A 31 -16.85 -3.78 -24.99
CA ASP A 31 -15.57 -4.35 -24.52
C ASP A 31 -15.65 -5.87 -24.45
N LYS A 32 -15.86 -6.53 -25.59
CA LYS A 32 -15.98 -7.98 -25.63
C LYS A 32 -14.94 -8.55 -26.59
N HIS A 33 -13.89 -7.80 -26.87
CA HIS A 33 -12.78 -8.28 -27.66
C HIS A 33 -13.26 -8.80 -29.03
N LEU A 34 -14.25 -8.12 -29.60
CA LEU A 34 -14.81 -8.49 -30.88
C LEU A 34 -13.95 -7.94 -32.02
N THR A 35 -13.75 -8.77 -33.06
CA THR A 35 -13.14 -8.38 -34.34
C THR A 35 -14.19 -8.34 -35.48
N GLU A 36 -15.41 -8.79 -35.17
CA GLU A 36 -16.54 -8.82 -36.10
C GLU A 36 -17.77 -8.36 -35.33
N ILE A 37 -18.80 -7.87 -36.02
CA ILE A 37 -20.09 -7.79 -35.40
C ILE A 37 -20.56 -9.21 -35.17
N PRO A 38 -20.98 -9.59 -33.94
CA PRO A 38 -21.42 -10.96 -33.69
C PRO A 38 -22.68 -11.29 -34.52
N GLY A 39 -22.75 -12.53 -34.99
CA GLY A 39 -23.95 -13.06 -35.62
C GLY A 39 -25.03 -13.29 -34.59
N GLY A 40 -26.28 -13.24 -35.04
CA GLY A 40 -27.41 -13.64 -34.23
C GLY A 40 -27.91 -12.54 -33.32
N ILE A 41 -27.64 -11.27 -33.66
CA ILE A 41 -28.17 -10.13 -32.88
C ILE A 41 -29.67 -10.08 -33.12
N PRO A 42 -30.52 -9.91 -32.07
CA PRO A 42 -31.96 -9.85 -32.26
C PRO A 42 -32.38 -8.86 -33.35
N THR A 43 -33.38 -9.25 -34.13
CA THR A 43 -33.91 -8.47 -35.25
C THR A 43 -34.69 -7.26 -34.72
N ASN A 44 -35.25 -7.38 -33.50
CA ASN A 44 -35.99 -6.29 -32.84
C ASN A 44 -35.05 -5.29 -32.13
N THR A 45 -33.72 -5.44 -32.29
CA THR A 45 -32.73 -4.63 -31.57
C THR A 45 -32.91 -3.14 -31.89
N THR A 46 -33.01 -2.31 -30.84
CA THR A 46 -33.20 -0.87 -31.01
C THR A 46 -31.92 -0.11 -30.64
N ASN A 47 -31.29 -0.43 -29.49
CA ASN A 47 -30.02 0.21 -29.06
C ASN A 47 -28.86 -0.79 -29.04
N LEU A 48 -27.90 -0.62 -29.97
CA LEU A 48 -26.79 -1.52 -30.15
C LEU A 48 -25.49 -0.79 -29.82
N THR A 49 -24.78 -1.26 -28.79
CA THR A 49 -23.51 -0.68 -28.35
C THR A 49 -22.35 -1.63 -28.64
N LEU A 50 -21.36 -1.15 -29.41
CA LEU A 50 -20.18 -1.93 -29.77
C LEU A 50 -18.89 -1.19 -29.40
N THR A 51 -18.99 -0.27 -28.42
CA THR A 51 -17.87 0.52 -27.91
C THR A 51 -16.73 -0.41 -27.46
N ILE A 52 -15.50 -0.03 -27.76
CA ILE A 52 -14.28 -0.68 -27.31
C ILE A 52 -14.23 -2.13 -27.82
N ASN A 53 -14.06 -2.27 -29.12
CA ASN A 53 -13.83 -3.54 -29.78
C ASN A 53 -12.83 -3.24 -30.90
N HIS A 54 -12.52 -4.22 -31.75
CA HIS A 54 -11.54 -4.04 -32.81
C HIS A 54 -12.16 -4.43 -34.15
N ILE A 55 -13.40 -3.98 -34.36
CA ILE A 55 -14.13 -4.27 -35.58
C ILE A 55 -13.58 -3.33 -36.65
N PRO A 56 -12.91 -3.86 -37.70
CA PRO A 56 -12.12 -3.01 -38.60
C PRO A 56 -12.94 -2.26 -39.66
N ASP A 57 -14.23 -2.61 -39.81
CA ASP A 57 -15.07 -2.02 -40.85
C ASP A 57 -16.56 -2.19 -40.55
N ILE A 58 -17.32 -1.27 -41.15
CA ILE A 58 -18.76 -1.28 -41.24
C ILE A 58 -19.13 -1.39 -42.72
N SER A 59 -20.20 -2.12 -43.02
CA SER A 59 -20.68 -2.31 -44.40
C SER A 59 -22.21 -2.52 -44.38
N PRO A 60 -22.86 -2.63 -45.56
CA PRO A 60 -24.30 -2.94 -45.58
C PRO A 60 -24.66 -4.23 -44.84
N ALA A 61 -23.73 -5.20 -44.80
CA ALA A 61 -23.91 -6.47 -44.07
C ALA A 61 -23.99 -6.23 -42.55
N SER A 62 -23.25 -5.24 -42.05
CA SER A 62 -23.13 -4.95 -40.61
C SER A 62 -24.50 -4.92 -39.92
N PHE A 63 -25.45 -4.19 -40.51
CA PHE A 63 -26.74 -3.94 -39.86
C PHE A 63 -27.92 -4.38 -40.74
N HIS A 64 -27.66 -5.26 -41.72
CA HIS A 64 -28.64 -5.71 -42.76
C HIS A 64 -30.05 -5.91 -42.16
N ARG A 65 -30.12 -6.69 -41.07
CA ARG A 65 -31.39 -7.18 -40.56
C ARG A 65 -31.99 -6.24 -39.51
N LEU A 66 -31.20 -5.25 -39.06
CA LEU A 66 -31.43 -4.55 -37.80
C LEU A 66 -32.19 -3.24 -38.03
N VAL A 67 -33.31 -3.35 -38.76
CA VAL A 67 -33.99 -2.22 -39.34
C VAL A 67 -34.76 -1.42 -38.28
N HIS A 68 -34.81 -1.88 -37.03
CA HIS A 68 -35.55 -1.13 -36.00
C HIS A 68 -34.58 -0.31 -35.12
N LEU A 69 -33.30 -0.24 -35.49
CA LEU A 69 -32.25 0.44 -34.70
C LEU A 69 -32.56 1.93 -34.59
N VAL A 70 -32.65 2.45 -33.36
CA VAL A 70 -32.75 3.90 -33.14
C VAL A 70 -31.39 4.48 -32.71
N GLU A 71 -30.46 3.64 -32.22
CA GLU A 71 -29.17 4.09 -31.74
C GLU A 71 -28.09 3.04 -32.01
N ILE A 72 -27.01 3.46 -32.66
CA ILE A 72 -25.81 2.70 -32.77
C ILE A 72 -24.71 3.46 -32.01
N ASP A 73 -24.06 2.77 -31.06
CA ASP A 73 -22.89 3.33 -30.39
C ASP A 73 -21.67 2.50 -30.80
N PHE A 74 -20.92 3.01 -31.77
CA PHE A 74 -19.76 2.34 -32.34
C PHE A 74 -18.50 3.18 -32.07
N ARG A 75 -18.33 3.61 -30.80
CA ARG A 75 -17.17 4.37 -30.35
C ARG A 75 -15.94 3.46 -30.15
N CYS A 76 -14.76 4.03 -30.42
CA CYS A 76 -13.49 3.53 -29.93
C CYS A 76 -13.22 2.09 -30.41
N ASN A 77 -13.45 1.84 -31.71
CA ASN A 77 -12.96 0.63 -32.35
C ASN A 77 -11.65 0.91 -33.06
N CYS A 78 -11.23 2.17 -33.14
CA CYS A 78 -9.91 2.51 -33.62
C CYS A 78 -9.49 3.86 -33.03
N VAL A 79 -9.20 3.90 -31.73
CA VAL A 79 -9.01 5.19 -31.09
C VAL A 79 -7.62 5.70 -31.50
N PRO A 80 -7.46 7.02 -31.69
CA PRO A 80 -6.17 7.58 -32.08
C PRO A 80 -5.04 7.08 -31.17
N ILE A 81 -3.85 6.97 -31.75
CA ILE A 81 -2.66 6.35 -31.19
C ILE A 81 -2.44 6.84 -29.74
N ARG A 82 -2.44 8.17 -29.53
CA ARG A 82 -2.01 8.77 -28.24
C ARG A 82 -3.08 8.58 -27.16
N LEU A 83 -4.32 8.33 -27.58
CA LEU A 83 -5.48 8.25 -26.67
C LEU A 83 -5.74 6.80 -26.27
N GLY A 84 -5.35 5.87 -27.14
CA GLY A 84 -5.68 4.46 -26.99
C GLY A 84 -4.57 3.65 -26.35
N SER A 85 -4.86 2.35 -26.22
CA SER A 85 -3.96 1.33 -25.74
C SER A 85 -2.67 1.33 -26.57
N LYS A 86 -1.52 1.31 -25.89
CA LYS A 86 -0.21 1.09 -26.54
C LYS A 86 0.07 -0.42 -26.75
N SER A 87 -0.59 -1.30 -25.98
CA SER A 87 -0.37 -2.76 -26.15
C SER A 87 -1.26 -3.33 -27.28
N ASN A 88 -2.24 -2.56 -27.73
CA ASN A 88 -3.17 -2.96 -28.80
C ASN A 88 -3.53 -1.68 -29.58
N MET A 89 -2.53 -1.11 -30.27
CA MET A 89 -2.72 0.03 -31.14
C MET A 89 -3.58 -0.43 -32.32
N CYS A 90 -4.64 0.32 -32.62
CA CYS A 90 -5.40 0.07 -33.82
C CYS A 90 -4.47 0.24 -35.03
N PRO A 91 -4.34 -0.81 -35.89
CA PRO A 91 -3.42 -0.75 -37.03
C PRO A 91 -3.87 0.21 -38.17
N ARG A 92 -5.17 0.25 -38.47
CA ARG A 92 -5.70 1.02 -39.58
C ARG A 92 -7.09 1.53 -39.23
N ARG A 93 -7.41 2.75 -39.67
CA ARG A 93 -8.62 3.46 -39.31
C ARG A 93 -9.85 2.65 -39.72
N LEU A 94 -10.95 2.85 -38.99
CA LEU A 94 -12.25 2.25 -39.29
C LEU A 94 -12.67 2.60 -40.72
N GLN A 95 -13.15 1.59 -41.45
CA GLN A 95 -13.58 1.69 -42.85
C GLN A 95 -15.10 1.60 -42.92
N ILE A 96 -15.76 2.66 -43.38
CA ILE A 96 -17.22 2.67 -43.48
C ILE A 96 -17.59 2.60 -44.95
N LYS A 97 -18.21 1.49 -45.38
CA LYS A 97 -18.55 1.29 -46.80
C LYS A 97 -19.78 2.13 -47.14
N PRO A 98 -19.94 2.51 -48.43
CA PRO A 98 -21.18 3.09 -48.92
C PRO A 98 -22.40 2.27 -48.49
N ARG A 99 -23.48 2.98 -48.11
CA ARG A 99 -24.83 2.43 -47.92
C ARG A 99 -24.96 1.70 -46.58
N SER A 100 -23.98 1.87 -45.68
CA SER A 100 -23.97 1.13 -44.41
C SER A 100 -25.10 1.58 -43.47
N PHE A 101 -25.51 2.86 -43.56
CA PHE A 101 -26.47 3.39 -42.61
C PHE A 101 -27.79 3.80 -43.27
N SER A 102 -27.79 3.96 -44.61
CA SER A 102 -28.93 4.55 -45.33
C SER A 102 -30.21 3.70 -45.17
N GLY A 103 -30.06 2.39 -44.92
CA GLY A 103 -31.20 1.47 -44.66
C GLY A 103 -31.87 1.65 -43.29
N LEU A 104 -31.23 2.35 -42.35
CA LEU A 104 -31.72 2.43 -40.96
C LEU A 104 -32.66 3.63 -40.82
N THR A 105 -33.84 3.47 -41.43
CA THR A 105 -34.89 4.45 -41.51
C THR A 105 -35.20 5.08 -40.16
N TYR A 106 -34.95 4.38 -39.04
CA TYR A 106 -35.40 4.84 -37.70
C TYR A 106 -34.24 5.37 -36.84
N LEU A 107 -33.03 5.40 -37.39
CA LEU A 107 -31.82 5.67 -36.61
C LEU A 107 -31.81 7.15 -36.18
N LYS A 108 -31.83 7.39 -34.86
CA LYS A 108 -31.86 8.71 -34.27
C LYS A 108 -30.49 9.14 -33.71
N SER A 109 -29.61 8.19 -33.37
CA SER A 109 -28.31 8.51 -32.69
C SER A 109 -27.20 7.63 -33.27
N LEU A 110 -26.10 8.25 -33.66
CA LEU A 110 -24.94 7.53 -34.15
C LEU A 110 -23.69 8.13 -33.51
N TYR A 111 -23.01 7.32 -32.70
CA TYR A 111 -21.76 7.64 -32.09
C TYR A 111 -20.62 6.91 -32.84
N LEU A 112 -19.72 7.65 -33.50
CA LEU A 112 -18.58 7.09 -34.16
C LEU A 112 -17.31 7.76 -33.66
N ASP A 113 -17.32 8.19 -32.39
CA ASP A 113 -16.16 8.83 -31.78
C ASP A 113 -14.99 7.87 -31.76
N GLY A 114 -13.76 8.39 -31.89
CA GLY A 114 -12.56 7.59 -31.63
C GLY A 114 -12.34 6.43 -32.60
N ASN A 115 -12.45 6.69 -33.92
CA ASN A 115 -12.29 5.67 -34.94
C ASN A 115 -11.28 6.09 -36.01
N GLN A 116 -10.67 7.27 -35.83
CA GLN A 116 -9.62 7.78 -36.71
C GLN A 116 -10.19 8.10 -38.11
N LEU A 117 -11.47 8.44 -38.17
CA LEU A 117 -12.13 8.82 -39.43
C LEU A 117 -11.50 10.13 -39.94
N LEU A 118 -11.40 10.24 -41.28
CA LEU A 118 -10.80 11.39 -41.97
C LEU A 118 -11.88 12.37 -42.44
N GLU A 119 -13.12 11.91 -42.58
CA GLU A 119 -14.21 12.69 -43.16
C GLU A 119 -15.51 12.39 -42.42
N ILE A 120 -16.46 13.31 -42.54
CA ILE A 120 -17.78 13.12 -42.01
C ILE A 120 -18.46 12.05 -42.86
N PRO A 121 -18.90 10.92 -42.29
CA PRO A 121 -19.40 9.81 -43.10
C PRO A 121 -20.72 10.23 -43.76
N GLN A 122 -20.91 9.81 -45.01
CA GLN A 122 -22.06 10.24 -45.82
C GLN A 122 -23.08 9.08 -45.90
N GLY A 123 -24.24 9.35 -46.51
CA GLY A 123 -25.30 8.36 -46.63
C GLY A 123 -25.98 8.09 -45.31
N LEU A 124 -25.98 9.09 -44.41
CA LEU A 124 -26.68 8.97 -43.16
C LEU A 124 -28.15 9.24 -43.43
N PRO A 125 -29.07 8.56 -42.72
CA PRO A 125 -30.50 8.76 -42.93
C PRO A 125 -31.03 10.05 -42.32
N PRO A 126 -32.10 10.61 -42.91
CA PRO A 126 -32.65 11.90 -42.48
C PRO A 126 -33.35 11.86 -41.12
N SER A 127 -33.49 10.65 -40.53
CA SER A 127 -34.04 10.49 -39.17
C SER A 127 -33.08 10.95 -38.08
N LEU A 128 -31.78 11.06 -38.41
CA LEU A 128 -30.68 11.27 -37.42
C LEU A 128 -30.82 12.61 -36.70
N GLN A 129 -30.87 12.55 -35.36
CA GLN A 129 -30.91 13.73 -34.50
C GLN A 129 -29.54 13.98 -33.82
N LEU A 130 -28.75 12.93 -33.55
CA LEU A 130 -27.49 13.08 -32.80
C LEU A 130 -26.38 12.37 -33.58
N LEU A 131 -25.30 13.10 -33.84
CA LEU A 131 -24.11 12.55 -34.46
C LEU A 131 -22.87 13.00 -33.68
N SER A 132 -22.03 12.02 -33.32
CA SER A 132 -20.87 12.22 -32.50
C SER A 132 -19.64 11.66 -33.22
N LEU A 133 -18.65 12.55 -33.41
CA LEU A 133 -17.45 12.24 -34.14
C LEU A 133 -16.23 12.74 -33.38
N GLU A 134 -16.30 12.77 -32.04
CA GLU A 134 -15.16 13.21 -31.22
C GLU A 134 -13.97 12.28 -31.49
N ALA A 135 -12.76 12.81 -31.28
CA ALA A 135 -11.54 12.01 -31.26
C ALA A 135 -11.42 11.21 -32.56
N ASN A 136 -11.74 11.87 -33.68
CA ASN A 136 -11.42 11.38 -35.02
C ASN A 136 -10.35 12.32 -35.58
N ASN A 137 -10.09 12.24 -36.90
CA ASN A 137 -9.13 13.11 -37.59
C ASN A 137 -9.87 13.89 -38.70
N ILE A 138 -10.92 14.61 -38.30
CA ILE A 138 -11.70 15.46 -39.19
C ILE A 138 -11.47 16.91 -38.75
N PHE A 139 -10.70 17.65 -39.55
CA PHE A 139 -10.32 19.02 -39.17
C PHE A 139 -10.60 20.03 -40.29
N SER A 140 -11.54 19.67 -41.17
CA SER A 140 -12.05 20.55 -42.23
C SER A 140 -13.54 20.23 -42.48
N ILE A 141 -14.39 21.21 -42.20
CA ILE A 141 -15.86 21.10 -42.25
C ILE A 141 -16.36 21.90 -43.47
N ARG A 142 -16.98 21.21 -44.42
CA ARG A 142 -17.45 21.81 -45.67
C ARG A 142 -18.97 21.70 -45.70
N LYS A 143 -19.64 22.77 -46.16
CA LYS A 143 -21.12 22.86 -46.22
C LYS A 143 -21.69 21.61 -46.91
N GLU A 144 -21.01 21.17 -47.97
CA GLU A 144 -21.45 20.07 -48.83
C GLU A 144 -21.56 18.77 -48.04
N GLN A 145 -20.64 18.54 -47.10
CA GLN A 145 -20.58 17.30 -46.30
C GLN A 145 -21.69 17.27 -45.24
N LEU A 146 -22.36 18.41 -45.01
CA LEU A 146 -23.33 18.58 -43.95
C LEU A 146 -24.77 18.63 -44.49
N THR A 147 -24.99 18.49 -45.80
CA THR A 147 -26.36 18.57 -46.36
C THR A 147 -27.19 17.38 -45.84
N GLU A 148 -26.58 16.20 -45.79
CA GLU A 148 -27.25 14.99 -45.27
C GLU A 148 -27.80 15.21 -43.86
N LEU A 149 -27.28 16.16 -43.09
CA LEU A 149 -27.67 16.31 -41.66
C LEU A 149 -28.80 17.32 -41.47
N ALA A 150 -29.75 17.38 -42.41
CA ALA A 150 -30.77 18.46 -42.37
C ALA A 150 -31.53 18.43 -41.04
N ASN A 151 -31.81 17.24 -40.50
CA ASN A 151 -32.68 17.13 -39.32
C ASN A 151 -31.88 17.03 -38.02
N ILE A 152 -30.56 17.26 -38.08
CA ILE A 152 -29.68 17.03 -36.94
C ILE A 152 -29.91 18.09 -35.85
N GLU A 153 -29.91 17.65 -34.59
CA GLU A 153 -30.10 18.54 -33.44
C GLU A 153 -28.83 18.62 -32.57
N ILE A 154 -28.02 17.55 -32.55
CA ILE A 154 -26.88 17.50 -31.63
C ILE A 154 -25.68 16.99 -32.43
N LEU A 155 -24.61 17.79 -32.44
CA LEU A 155 -23.44 17.54 -33.27
C LEU A 155 -22.17 17.77 -32.43
N TYR A 156 -21.43 16.68 -32.19
CA TYR A 156 -20.20 16.66 -31.41
C TYR A 156 -19.00 16.44 -32.35
N LEU A 157 -18.15 17.46 -32.50
CA LEU A 157 -17.06 17.40 -33.46
C LEU A 157 -15.71 17.65 -32.78
N GLY A 158 -15.68 17.64 -31.43
CA GLY A 158 -14.49 18.04 -30.66
C GLY A 158 -13.39 16.99 -30.65
N GLN A 159 -12.22 17.36 -30.11
CA GLN A 159 -11.06 16.47 -29.88
C GLN A 159 -10.58 15.85 -31.19
N ASN A 160 -10.77 16.57 -32.31
CA ASN A 160 -10.27 16.13 -33.60
C ASN A 160 -8.95 16.83 -33.95
N CYS A 161 -8.52 17.87 -33.21
CA CYS A 161 -7.20 18.50 -33.42
C CYS A 161 -6.72 19.19 -32.15
N TYR A 162 -5.98 18.46 -31.30
CA TYR A 162 -5.37 19.00 -30.06
C TYR A 162 -4.17 18.13 -29.68
N TYR A 163 -3.46 18.49 -28.60
CA TYR A 163 -2.15 17.90 -28.29
C TYR A 163 -2.18 16.36 -28.21
N ARG A 164 -3.29 15.74 -27.81
CA ARG A 164 -3.37 14.27 -27.71
C ARG A 164 -3.78 13.65 -29.05
N ASN A 165 -4.18 14.48 -30.02
CA ASN A 165 -4.71 13.97 -31.25
C ASN A 165 -4.54 15.03 -32.33
N PRO A 166 -3.29 15.35 -32.67
CA PRO A 166 -3.00 16.52 -33.50
C PRO A 166 -3.29 16.34 -34.99
N CYS A 167 -3.60 17.46 -35.65
CA CYS A 167 -3.83 17.54 -37.06
C CYS A 167 -2.79 18.46 -37.74
N TYR A 168 -2.04 19.23 -36.96
CA TYR A 168 -0.87 20.01 -37.41
C TYR A 168 -1.27 21.17 -38.36
N VAL A 169 -2.56 21.52 -38.43
CA VAL A 169 -3.03 22.72 -39.11
C VAL A 169 -4.12 23.35 -38.24
N SER A 170 -4.53 24.56 -38.61
CA SER A 170 -5.72 25.17 -38.09
C SER A 170 -6.95 24.44 -38.61
N TYR A 171 -8.00 24.38 -37.78
CA TYR A 171 -9.29 23.84 -38.14
C TYR A 171 -9.90 24.77 -39.18
N SER A 172 -10.58 24.20 -40.18
CA SER A 172 -11.27 24.97 -41.21
C SER A 172 -12.76 24.67 -41.15
N ILE A 173 -13.55 25.75 -41.16
CA ILE A 173 -14.97 25.69 -41.28
C ILE A 173 -15.37 26.67 -42.40
N GLU A 174 -16.02 26.16 -43.45
CA GLU A 174 -16.51 27.01 -44.49
C GLU A 174 -17.50 28.02 -43.87
N LYS A 175 -17.46 29.24 -44.40
CA LYS A 175 -18.49 30.23 -44.21
C LYS A 175 -19.85 29.52 -44.28
N ASP A 176 -20.67 29.75 -43.25
CA ASP A 176 -22.11 29.38 -43.20
C ASP A 176 -22.30 27.85 -43.25
N ALA A 177 -21.24 27.09 -42.98
CA ALA A 177 -21.28 25.65 -43.11
C ALA A 177 -22.50 25.06 -42.39
N PHE A 178 -22.86 25.63 -41.23
CA PHE A 178 -23.87 25.04 -40.35
C PHE A 178 -25.22 25.75 -40.45
N LEU A 179 -25.32 26.84 -41.25
CA LEU A 179 -26.51 27.72 -41.25
C LEU A 179 -27.77 26.95 -41.69
N ASN A 180 -27.64 26.07 -42.69
CA ASN A 180 -28.76 25.30 -43.26
C ASN A 180 -29.19 24.13 -42.36
N LEU A 181 -28.56 23.94 -41.19
CA LEU A 181 -29.01 22.94 -40.22
C LEU A 181 -30.01 23.62 -39.29
N THR A 182 -31.26 23.69 -39.75
CA THR A 182 -32.27 24.57 -39.16
C THR A 182 -32.84 23.99 -37.87
N LYS A 183 -32.42 22.78 -37.46
CA LYS A 183 -32.88 22.19 -36.19
C LYS A 183 -31.75 22.02 -35.17
N LEU A 184 -30.53 22.45 -35.51
CA LEU A 184 -29.32 22.26 -34.68
C LEU A 184 -29.48 22.99 -33.34
N LYS A 185 -29.36 22.27 -32.23
CA LYS A 185 -29.50 22.80 -30.86
C LYS A 185 -28.13 22.85 -30.17
N VAL A 186 -27.33 21.79 -30.33
CA VAL A 186 -26.05 21.64 -29.64
C VAL A 186 -24.95 21.45 -30.65
N LEU A 187 -23.96 22.36 -30.62
CA LEU A 187 -22.75 22.29 -31.42
C LEU A 187 -21.54 22.34 -30.48
N SER A 188 -20.67 21.35 -30.62
CA SER A 188 -19.44 21.21 -29.83
C SER A 188 -18.25 21.13 -30.77
N LEU A 189 -17.34 22.10 -30.65
CA LEU A 189 -16.17 22.20 -31.52
C LEU A 189 -14.93 22.43 -30.65
N LYS A 190 -15.01 21.94 -29.41
CA LYS A 190 -13.95 22.07 -28.39
C LYS A 190 -12.68 21.29 -28.78
N ASP A 191 -11.54 21.70 -28.25
CA ASP A 191 -10.31 20.90 -28.36
C ASP A 191 -10.02 20.61 -29.85
N ASN A 192 -10.11 21.64 -30.70
CA ASN A 192 -10.06 21.47 -32.16
C ASN A 192 -9.08 22.44 -32.88
N ASN A 193 -8.40 23.36 -32.19
CA ASN A 193 -7.47 24.27 -32.89
C ASN A 193 -8.23 25.20 -33.85
N VAL A 194 -9.45 25.59 -33.46
CA VAL A 194 -10.26 26.54 -34.18
C VAL A 194 -9.70 27.95 -33.94
N THR A 195 -9.68 28.79 -34.99
CA THR A 195 -9.10 30.17 -34.91
C THR A 195 -10.18 31.26 -34.93
N THR A 196 -11.39 30.97 -35.43
CA THR A 196 -12.48 31.97 -35.35
C THR A 196 -13.81 31.29 -35.02
N VAL A 197 -14.70 32.05 -34.37
CA VAL A 197 -16.05 31.62 -34.22
C VAL A 197 -16.59 31.40 -35.63
N PRO A 198 -17.06 30.20 -36.02
CA PRO A 198 -17.61 30.00 -37.36
C PRO A 198 -18.93 30.76 -37.42
N THR A 199 -19.17 31.44 -38.55
CA THR A 199 -20.42 32.14 -38.81
C THR A 199 -20.88 31.80 -40.22
N VAL A 200 -22.18 31.96 -40.50
CA VAL A 200 -23.20 32.27 -39.50
C VAL A 200 -23.75 30.92 -39.01
N LEU A 201 -24.06 30.88 -37.70
CA LEU A 201 -24.58 29.67 -37.05
C LEU A 201 -26.11 29.76 -36.99
N PRO A 202 -26.83 28.63 -36.96
CA PRO A 202 -28.30 28.66 -36.94
C PRO A 202 -28.87 29.17 -35.60
N SER A 203 -29.98 29.91 -35.66
CA SER A 203 -30.52 30.66 -34.50
C SER A 203 -31.20 29.71 -33.50
N THR A 204 -31.29 28.45 -33.89
CA THR A 204 -31.94 27.43 -33.09
C THR A 204 -30.95 26.87 -32.03
N LEU A 205 -29.67 27.22 -32.09
CA LEU A 205 -28.66 26.76 -31.06
C LEU A 205 -29.08 27.13 -29.63
N THR A 206 -28.99 26.15 -28.73
CA THR A 206 -29.15 26.34 -27.28
C THR A 206 -27.79 26.23 -26.56
N GLU A 207 -26.87 25.46 -27.13
CA GLU A 207 -25.59 25.19 -26.51
C GLU A 207 -24.49 25.28 -27.58
N LEU A 208 -23.44 26.03 -27.24
CA LEU A 208 -22.30 26.24 -28.12
C LEU A 208 -21.04 26.13 -27.28
N TYR A 209 -20.22 25.13 -27.63
CA TYR A 209 -18.96 24.77 -26.95
C TYR A 209 -17.80 25.01 -27.92
N LEU A 210 -16.99 26.05 -27.63
CA LEU A 210 -15.86 26.48 -28.44
C LEU A 210 -14.59 26.55 -27.59
N TYR A 211 -14.52 25.75 -26.52
CA TYR A 211 -13.45 25.89 -25.56
C TYR A 211 -12.21 25.10 -26.00
N ASN A 212 -11.06 25.49 -25.44
CA ASN A 212 -9.75 24.88 -25.74
C ASN A 212 -9.51 24.94 -27.25
N ASN A 213 -9.49 26.15 -27.80
CA ASN A 213 -9.22 26.42 -29.23
C ASN A 213 -8.14 27.52 -29.30
N MET A 214 -7.97 28.13 -30.48
CA MET A 214 -6.97 29.21 -30.75
C MET A 214 -7.70 30.47 -31.23
N ILE A 215 -8.83 30.77 -30.58
CA ILE A 215 -9.65 31.94 -30.91
C ILE A 215 -9.10 33.11 -30.09
N ALA A 216 -8.57 34.14 -30.77
CA ALA A 216 -7.93 35.28 -30.08
C ALA A 216 -8.92 36.44 -29.90
N GLU A 217 -9.96 36.46 -30.73
CA GLU A 217 -10.86 37.56 -30.85
C GLU A 217 -12.27 37.07 -31.14
N ILE A 218 -13.23 37.65 -30.42
CA ILE A 218 -14.64 37.56 -30.74
C ILE A 218 -15.02 38.82 -31.52
N GLN A 219 -15.57 38.65 -32.72
CA GLN A 219 -16.19 39.75 -33.47
C GLN A 219 -17.52 40.13 -32.82
N GLU A 220 -17.89 41.41 -32.93
CA GLU A 220 -19.03 41.95 -32.19
C GLU A 220 -20.33 41.31 -32.69
N ASP A 221 -20.32 40.67 -33.86
CA ASP A 221 -21.55 40.10 -34.44
C ASP A 221 -21.44 38.57 -34.56
N ASP A 222 -20.41 37.98 -33.97
CA ASP A 222 -20.22 36.51 -34.00
C ASP A 222 -21.47 35.80 -33.41
N PHE A 223 -22.14 36.37 -32.41
CA PHE A 223 -23.26 35.68 -31.70
C PHE A 223 -24.60 36.42 -31.92
N ASN A 224 -24.74 37.10 -33.06
CA ASN A 224 -25.80 38.11 -33.34
C ASN A 224 -27.20 37.49 -33.35
N ASN A 225 -27.34 36.33 -33.99
CA ASN A 225 -28.67 35.80 -34.25
C ASN A 225 -29.03 34.71 -33.24
N LEU A 226 -28.25 34.52 -32.19
CA LEU A 226 -28.40 33.37 -31.32
C LEU A 226 -29.28 33.71 -30.12
N ASN A 227 -30.55 34.05 -30.42
CA ASN A 227 -31.50 34.52 -29.41
C ASN A 227 -32.10 33.34 -28.63
N GLN A 228 -31.73 32.09 -28.97
CA GLN A 228 -32.14 30.90 -28.20
C GLN A 228 -30.98 30.33 -27.36
N LEU A 229 -29.77 30.90 -27.43
CA LEU A 229 -28.61 30.28 -26.76
C LEU A 229 -28.75 30.33 -25.24
N GLN A 230 -28.48 29.18 -24.61
CA GLN A 230 -28.61 29.00 -23.16
C GLN A 230 -27.24 28.79 -22.51
N ILE A 231 -26.33 28.14 -23.23
CA ILE A 231 -25.03 27.78 -22.74
C ILE A 231 -23.99 28.21 -23.80
N LEU A 232 -23.01 29.00 -23.37
CA LEU A 232 -21.87 29.40 -24.17
C LEU A 232 -20.59 29.11 -23.38
N ASP A 233 -19.64 28.40 -24.01
CA ASP A 233 -18.35 28.12 -23.40
C ASP A 233 -17.24 28.51 -24.38
N LEU A 234 -16.50 29.55 -24.01
CA LEU A 234 -15.37 30.10 -24.76
C LEU A 234 -14.06 29.89 -24.00
N SER A 235 -14.09 29.05 -22.97
CA SER A 235 -12.94 28.80 -22.06
C SER A 235 -11.70 28.33 -22.84
N GLY A 236 -10.51 28.61 -22.29
CA GLY A 236 -9.25 28.07 -22.83
C GLY A 236 -8.93 28.60 -24.23
N ASN A 237 -9.37 29.82 -24.51
CA ASN A 237 -8.91 30.59 -25.66
C ASN A 237 -8.13 31.75 -25.07
N CYS A 238 -6.82 31.81 -25.33
CA CYS A 238 -5.90 32.67 -24.59
C CYS A 238 -5.80 32.17 -23.15
N PRO A 239 -5.27 30.95 -22.96
CA PRO A 239 -5.20 30.36 -21.63
C PRO A 239 -4.19 31.03 -20.68
N ARG A 240 -4.53 30.99 -19.41
CA ARG A 240 -3.60 31.19 -18.29
C ARG A 240 -2.85 29.88 -18.11
N CYS A 241 -1.53 29.86 -18.29
CA CYS A 241 -0.79 28.61 -18.42
C CYS A 241 0.08 28.27 -17.18
N TYR A 242 0.05 29.06 -16.12
CA TYR A 242 0.87 28.76 -14.95
C TYR A 242 0.44 27.42 -14.33
N ASN A 243 1.42 26.53 -14.10
CA ASN A 243 1.25 25.22 -13.49
C ASN A 243 0.26 24.36 -14.29
N ALA A 244 0.10 24.62 -15.59
CA ALA A 244 -0.80 23.82 -16.41
C ALA A 244 -0.22 22.41 -16.54
N PRO A 245 -1.01 21.35 -16.29
CA PRO A 245 -0.55 19.97 -16.49
C PRO A 245 -0.80 19.42 -17.91
N PHE A 246 -1.05 20.32 -18.86
CA PHE A 246 -1.06 19.98 -20.28
C PHE A 246 -0.17 21.01 -20.98
N PRO A 247 0.34 20.73 -22.21
CA PRO A 247 1.03 21.75 -23.01
C PRO A 247 0.11 22.95 -23.28
N CYS A 248 0.58 24.15 -22.94
CA CYS A 248 -0.26 25.31 -22.86
C CYS A 248 0.47 26.49 -23.51
N THR A 249 -0.15 27.03 -24.58
CA THR A 249 0.34 28.16 -25.30
C THR A 249 -0.59 29.35 -25.12
N PRO A 250 -0.14 30.40 -24.41
CA PRO A 250 -0.92 31.63 -24.27
C PRO A 250 -0.93 32.40 -25.59
N CYS A 251 -1.86 33.35 -25.70
CA CYS A 251 -1.91 34.35 -26.77
C CYS A 251 -0.71 35.29 -26.59
N LYS A 252 -0.24 35.89 -27.67
CA LYS A 252 1.03 36.64 -27.60
C LYS A 252 0.87 37.79 -26.62
N ASN A 253 1.95 38.11 -25.90
CA ASN A 253 2.03 39.18 -24.89
C ASN A 253 1.06 38.91 -23.73
N ASN A 254 0.67 37.65 -23.53
CA ASN A 254 -0.31 37.22 -22.50
C ASN A 254 -1.61 38.05 -22.61
N SER A 255 -1.99 38.36 -23.85
CA SER A 255 -3.18 39.07 -24.20
C SER A 255 -4.40 38.28 -23.72
N PRO A 256 -5.51 38.94 -23.30
CA PRO A 256 -6.77 38.24 -23.06
C PRO A 256 -7.48 37.88 -24.37
N LEU A 257 -8.44 36.96 -24.28
CA LEU A 257 -9.40 36.77 -25.34
C LEU A 257 -10.14 38.10 -25.43
N GLN A 258 -10.24 38.64 -26.65
CA GLN A 258 -10.81 39.95 -26.83
C GLN A 258 -12.28 39.81 -27.23
N ILE A 259 -13.15 40.32 -26.34
CA ILE A 259 -14.58 40.24 -26.43
C ILE A 259 -15.15 41.64 -26.39
N PRO A 260 -15.71 42.10 -27.52
CA PRO A 260 -16.37 43.40 -27.56
C PRO A 260 -17.44 43.46 -26.47
N VAL A 261 -17.74 44.65 -25.98
CA VAL A 261 -18.64 44.86 -24.85
C VAL A 261 -20.08 44.49 -25.21
N ASN A 262 -20.39 44.50 -26.51
CA ASN A 262 -21.76 44.19 -27.01
C ASN A 262 -21.83 42.80 -27.66
N ALA A 263 -20.87 41.91 -27.40
CA ALA A 263 -20.83 40.60 -28.10
C ALA A 263 -21.98 39.70 -27.64
N PHE A 264 -22.50 39.93 -26.42
CA PHE A 264 -23.52 39.05 -25.83
C PHE A 264 -24.94 39.66 -25.92
N ASP A 265 -25.08 40.81 -26.59
CA ASP A 265 -26.34 41.62 -26.61
C ASP A 265 -27.52 40.79 -27.11
N ALA A 266 -27.29 39.87 -28.04
CA ALA A 266 -28.39 39.04 -28.58
C ALA A 266 -28.79 37.88 -27.63
N LEU A 267 -27.98 37.59 -26.60
CA LEU A 267 -28.11 36.31 -25.87
C LEU A 267 -29.05 36.45 -24.66
N THR A 268 -30.29 36.86 -24.93
CA THR A 268 -31.30 37.19 -23.90
C THR A 268 -31.63 35.98 -23.03
N GLU A 269 -31.40 34.79 -23.60
CA GLU A 269 -31.76 33.51 -22.99
C GLU A 269 -30.57 32.84 -22.27
N LEU A 270 -29.38 33.47 -22.25
CA LEU A 270 -28.17 32.82 -21.72
C LEU A 270 -28.29 32.51 -20.21
N LYS A 271 -28.00 31.24 -19.86
CA LYS A 271 -28.04 30.74 -18.47
C LYS A 271 -26.63 30.43 -17.97
N VAL A 272 -25.77 29.87 -18.84
CA VAL A 272 -24.41 29.51 -18.48
C VAL A 272 -23.43 30.20 -19.44
N LEU A 273 -22.49 30.94 -18.86
CA LEU A 273 -21.39 31.54 -19.58
C LEU A 273 -20.08 31.06 -18.93
N ARG A 274 -19.29 30.32 -19.70
CA ARG A 274 -18.03 29.87 -19.18
C ARG A 274 -16.90 30.57 -19.92
N LEU A 275 -16.13 31.33 -19.12
CA LEU A 275 -14.95 32.08 -19.55
C LEU A 275 -13.77 31.72 -18.64
N HIS A 276 -13.53 30.40 -18.51
CA HIS A 276 -12.40 29.83 -17.75
C HIS A 276 -11.13 29.94 -18.61
N SER A 277 -10.04 30.40 -18.00
CA SER A 277 -8.73 30.36 -18.66
C SER A 277 -8.79 31.12 -20.01
N ASN A 278 -9.12 32.41 -19.93
CA ASN A 278 -9.13 33.34 -21.06
C ASN A 278 -8.20 34.55 -20.79
N SER A 279 -7.41 34.49 -19.71
CA SER A 279 -6.44 35.53 -19.32
C SER A 279 -7.11 36.90 -19.22
N LEU A 280 -8.37 36.95 -18.78
CA LEU A 280 -9.09 38.19 -18.62
C LEU A 280 -8.51 38.99 -17.45
N GLN A 281 -8.38 40.31 -17.67
CA GLN A 281 -7.94 41.28 -16.65
C GLN A 281 -9.12 42.12 -16.18
N HIS A 282 -10.18 42.17 -16.98
CA HIS A 282 -11.34 43.05 -16.79
C HIS A 282 -12.60 42.28 -17.18
N VAL A 283 -13.67 42.53 -16.42
CA VAL A 283 -14.99 42.02 -16.77
C VAL A 283 -15.88 43.25 -16.91
N PRO A 284 -16.07 43.76 -18.15
CA PRO A 284 -16.87 44.97 -18.34
C PRO A 284 -18.35 44.75 -18.02
N PRO A 285 -18.95 45.59 -17.15
CA PRO A 285 -20.39 45.51 -16.86
C PRO A 285 -21.27 45.43 -18.12
N ARG A 286 -20.81 46.10 -19.18
CA ARG A 286 -21.55 46.25 -20.44
C ARG A 286 -21.84 44.88 -21.07
N TRP A 287 -21.00 43.86 -20.79
CA TRP A 287 -21.21 42.46 -21.26
C TRP A 287 -22.62 41.98 -20.91
N PHE A 288 -23.10 42.31 -19.69
CA PHE A 288 -24.28 41.68 -19.10
C PHE A 288 -25.52 42.57 -19.17
N LYS A 289 -25.56 43.50 -20.13
CA LYS A 289 -26.62 44.53 -20.18
C LYS A 289 -27.96 43.90 -20.56
N ASN A 290 -27.96 42.94 -21.50
CA ASN A 290 -29.19 42.28 -21.99
C ASN A 290 -29.27 40.81 -21.58
N ILE A 291 -28.43 40.40 -20.64
CA ILE A 291 -28.52 39.07 -20.04
C ILE A 291 -29.02 39.25 -18.61
N ASN A 292 -30.32 39.04 -18.41
CA ASN A 292 -30.88 39.20 -17.10
C ASN A 292 -31.17 37.83 -16.47
N ASN A 293 -31.00 36.74 -17.24
CA ASN A 293 -31.31 35.38 -16.80
C ASN A 293 -30.05 34.58 -16.41
N LEU A 294 -28.86 35.19 -16.39
CA LEU A 294 -27.63 34.41 -16.23
C LEU A 294 -27.60 33.78 -14.84
N GLN A 295 -27.38 32.45 -14.80
CA GLN A 295 -27.48 31.67 -13.57
C GLN A 295 -26.10 31.16 -13.13
N GLU A 296 -25.22 30.82 -14.09
CA GLU A 296 -23.89 30.25 -13.83
C GLU A 296 -22.84 31.00 -14.66
N LEU A 297 -21.79 31.47 -13.98
CA LEU A 297 -20.70 32.20 -14.57
C LEU A 297 -19.38 31.67 -14.02
N ASP A 298 -18.55 31.11 -14.90
CA ASP A 298 -17.19 30.61 -14.59
C ASP A 298 -16.15 31.62 -15.11
N LEU A 299 -15.49 32.34 -14.19
CA LEU A 299 -14.39 33.27 -14.53
C LEU A 299 -13.08 32.81 -13.86
N SER A 300 -12.95 31.48 -13.67
CA SER A 300 -11.76 30.88 -13.07
C SER A 300 -10.59 30.88 -14.07
N GLN A 301 -9.37 30.88 -13.53
CA GLN A 301 -8.09 30.87 -14.28
C GLN A 301 -8.01 32.07 -15.21
N ASN A 302 -8.15 33.26 -14.65
CA ASN A 302 -7.96 34.49 -15.38
C ASN A 302 -6.94 35.31 -14.56
N PHE A 303 -6.84 36.62 -14.83
CA PHE A 303 -6.03 37.54 -14.01
C PHE A 303 -6.96 38.63 -13.46
N LEU A 304 -7.94 38.25 -12.63
CA LEU A 304 -9.00 39.13 -12.15
C LEU A 304 -8.85 39.43 -10.65
N ALA A 305 -7.66 39.21 -10.09
CA ALA A 305 -7.42 39.54 -8.68
C ALA A 305 -7.89 40.97 -8.38
N LYS A 306 -7.39 41.98 -9.12
CA LYS A 306 -7.74 43.40 -8.94
C LYS A 306 -9.27 43.58 -9.06
N GLU A 307 -9.83 42.94 -10.09
CA GLU A 307 -11.21 43.12 -10.47
C GLU A 307 -12.14 42.67 -9.34
N ILE A 308 -11.74 41.61 -8.62
CA ILE A 308 -12.54 41.06 -7.53
C ILE A 308 -12.78 42.15 -6.47
N GLY A 309 -11.88 43.14 -6.39
CA GLY A 309 -11.97 44.20 -5.41
C GLY A 309 -12.87 45.34 -5.85
N ASP A 310 -13.51 45.21 -7.02
CA ASP A 310 -14.23 46.29 -7.72
C ASP A 310 -15.51 45.72 -8.30
N ALA A 311 -15.40 44.97 -9.40
CA ALA A 311 -16.44 44.03 -9.88
C ALA A 311 -17.80 44.70 -10.02
N LYS A 312 -17.84 45.84 -10.72
CA LYS A 312 -19.08 46.52 -10.98
C LYS A 312 -20.06 45.59 -11.72
N PHE A 313 -19.55 44.63 -12.50
CA PHE A 313 -20.41 43.75 -13.33
C PHE A 313 -21.41 42.95 -12.47
N LEU A 314 -21.08 42.73 -11.19
CA LEU A 314 -21.95 41.90 -10.31
C LEU A 314 -23.33 42.56 -10.15
N HIS A 315 -23.40 43.90 -10.23
CA HIS A 315 -24.66 44.66 -10.12
C HIS A 315 -25.67 44.23 -11.19
N PHE A 316 -25.21 43.56 -12.26
CA PHE A 316 -26.09 43.20 -13.38
C PHE A 316 -26.48 41.72 -13.30
N LEU A 317 -26.18 41.06 -12.18
CA LEU A 317 -26.39 39.60 -12.12
C LEU A 317 -27.22 39.23 -10.90
N PRO A 318 -28.42 39.81 -10.72
CA PRO A 318 -29.24 39.48 -9.55
C PRO A 318 -29.85 38.06 -9.59
N ASN A 319 -29.83 37.40 -10.74
CA ASN A 319 -30.40 36.04 -10.87
C ASN A 319 -29.32 34.92 -10.82
N LEU A 320 -28.06 35.28 -10.55
CA LEU A 320 -26.93 34.34 -10.63
C LEU A 320 -26.97 33.37 -9.44
N ILE A 321 -26.88 32.07 -9.74
CA ILE A 321 -26.88 31.00 -8.75
C ILE A 321 -25.43 30.63 -8.36
N GLN A 322 -24.56 30.47 -9.37
CA GLN A 322 -23.15 30.03 -9.20
C GLN A 322 -22.18 31.05 -9.79
N LEU A 323 -21.17 31.46 -9.00
CA LEU A 323 -20.06 32.31 -9.42
C LEU A 323 -18.75 31.61 -9.08
N ASP A 324 -17.87 31.47 -10.08
CA ASP A 324 -16.54 30.90 -9.85
C ASP A 324 -15.46 31.91 -10.25
N LEU A 325 -14.70 32.38 -9.26
CA LEU A 325 -13.57 33.32 -9.44
C LEU A 325 -12.24 32.71 -8.98
N SER A 326 -12.14 31.38 -9.04
CA SER A 326 -10.97 30.66 -8.54
C SER A 326 -9.78 30.88 -9.48
N PHE A 327 -8.58 30.90 -8.89
CA PHE A 327 -7.29 30.92 -9.57
C PHE A 327 -7.18 32.19 -10.44
N ASN A 328 -7.23 33.33 -9.75
CA ASN A 328 -7.08 34.63 -10.38
C ASN A 328 -5.92 35.43 -9.77
N PHE A 329 -5.09 34.79 -8.95
CA PHE A 329 -4.02 35.46 -8.25
C PHE A 329 -2.98 35.98 -9.24
N GLU A 330 -2.37 37.12 -8.90
CA GLU A 330 -1.24 37.63 -9.63
C GLU A 330 -0.01 36.79 -9.31
N LEU A 331 0.71 36.35 -10.34
CA LEU A 331 1.91 35.53 -10.11
C LEU A 331 2.89 36.35 -9.26
N GLN A 332 3.49 35.71 -8.26
CA GLN A 332 4.60 36.25 -7.41
C GLN A 332 4.06 37.24 -6.37
N VAL A 333 2.76 37.19 -6.08
CA VAL A 333 2.18 38.04 -5.08
C VAL A 333 1.41 37.18 -4.07
N TYR A 334 1.66 37.49 -2.80
CA TYR A 334 0.99 36.90 -1.68
C TYR A 334 0.28 38.01 -0.89
N ARG A 335 -0.98 38.30 -1.25
CA ARG A 335 -1.72 39.37 -0.64
C ARG A 335 -1.91 39.12 0.87
N ALA A 336 -2.01 40.20 1.63
CA ALA A 336 -2.25 40.10 3.05
C ALA A 336 -3.70 39.68 3.34
N SER A 337 -4.61 40.08 2.45
CA SER A 337 -6.06 40.07 2.72
C SER A 337 -6.83 39.71 1.46
N MET A 338 -8.09 39.29 1.61
CA MET A 338 -8.99 39.18 0.50
C MET A 338 -9.87 40.43 0.45
N ASN A 339 -9.81 41.12 -0.70
CA ASN A 339 -10.55 42.32 -0.98
C ASN A 339 -11.71 41.91 -1.89
N LEU A 340 -12.86 41.62 -1.28
CA LEU A 340 -14.09 41.39 -2.00
C LEU A 340 -14.87 42.70 -2.09
N SER A 341 -15.26 43.10 -3.29
CA SER A 341 -16.04 44.32 -3.53
C SER A 341 -17.39 44.25 -2.81
N GLN A 342 -17.90 45.41 -2.39
CA GLN A 342 -19.25 45.52 -1.85
C GLN A 342 -20.27 45.02 -2.88
N ALA A 343 -19.92 45.08 -4.17
CA ALA A 343 -20.82 44.67 -5.25
C ALA A 343 -21.28 43.20 -5.09
N PHE A 344 -20.50 42.39 -4.37
CA PHE A 344 -20.91 41.01 -4.09
C PHE A 344 -22.28 40.99 -3.40
N SER A 345 -22.63 42.04 -2.64
CA SER A 345 -23.91 42.10 -1.87
C SER A 345 -25.15 42.24 -2.77
N SER A 346 -24.97 42.48 -4.06
CA SER A 346 -26.11 42.57 -5.00
C SER A 346 -26.41 41.21 -5.64
N LEU A 347 -25.62 40.18 -5.30
CA LEU A 347 -25.83 38.83 -5.86
C LEU A 347 -26.92 38.10 -5.07
N LYS A 348 -28.15 38.65 -5.15
CA LYS A 348 -29.32 38.26 -4.34
C LYS A 348 -29.61 36.76 -4.42
N SER A 349 -29.46 36.13 -5.61
CA SER A 349 -29.86 34.72 -5.83
C SER A 349 -28.70 33.74 -5.61
N LEU A 350 -27.51 34.22 -5.22
CA LEU A 350 -26.30 33.39 -5.19
C LEU A 350 -26.41 32.26 -4.16
N LYS A 351 -26.27 31.02 -4.64
CA LYS A 351 -26.19 29.82 -3.80
C LYS A 351 -24.73 29.37 -3.63
N ILE A 352 -23.88 29.57 -4.65
CA ILE A 352 -22.53 28.99 -4.63
C ILE A 352 -21.51 30.03 -5.09
N LEU A 353 -20.51 30.29 -4.25
CA LEU A 353 -19.40 31.18 -4.56
C LEU A 353 -18.10 30.43 -4.33
N ARG A 354 -17.29 30.31 -5.37
CA ARG A 354 -15.96 29.68 -5.28
C ARG A 354 -14.90 30.74 -5.62
N ILE A 355 -13.93 30.92 -4.71
CA ILE A 355 -12.77 31.76 -4.91
C ILE A 355 -11.58 31.03 -4.31
N ARG A 356 -11.25 29.89 -4.91
CA ARG A 356 -9.99 29.22 -4.67
C ARG A 356 -8.89 30.02 -5.35
N GLY A 357 -7.67 29.87 -4.87
CA GLY A 357 -6.50 30.37 -5.55
C GLY A 357 -6.50 31.87 -5.75
N TYR A 358 -6.99 32.61 -4.75
CA TYR A 358 -6.84 34.06 -4.67
C TYR A 358 -5.47 34.35 -4.03
N VAL A 359 -5.09 33.53 -3.04
CA VAL A 359 -3.74 33.47 -2.44
C VAL A 359 -3.52 34.68 -1.51
N PHE A 360 -3.82 34.50 -0.22
CA PHE A 360 -3.76 35.56 0.75
C PHE A 360 -3.46 34.98 2.14
N LYS A 361 -2.87 35.82 3.02
CA LYS A 361 -2.26 35.35 4.27
C LYS A 361 -3.29 35.22 5.38
N GLU A 362 -4.27 36.14 5.42
CA GLU A 362 -5.08 36.30 6.63
C GLU A 362 -6.53 36.55 6.23
N LEU A 363 -7.43 35.70 6.73
CA LEU A 363 -8.86 35.86 6.53
C LEU A 363 -9.47 36.42 7.81
N LYS A 364 -10.22 37.51 7.67
CA LYS A 364 -10.85 38.21 8.80
C LYS A 364 -12.34 38.43 8.52
N SER A 365 -13.11 38.53 9.59
CA SER A 365 -14.56 38.58 9.54
C SER A 365 -15.09 39.61 8.52
N PHE A 366 -14.52 40.82 8.55
CA PHE A 366 -15.06 41.97 7.80
C PHE A 366 -14.96 41.68 6.29
N GLN A 367 -13.88 40.99 5.88
CA GLN A 367 -13.59 40.71 4.46
C GLN A 367 -14.77 40.00 3.79
N LEU A 368 -15.61 39.32 4.57
CA LEU A 368 -16.73 38.55 4.02
C LEU A 368 -18.05 39.30 4.19
N SER A 369 -18.00 40.55 4.67
CA SER A 369 -19.23 41.30 5.05
C SER A 369 -20.13 41.50 3.84
N PRO A 370 -19.59 41.65 2.61
CA PRO A 370 -20.43 41.69 1.41
C PRO A 370 -21.30 40.45 1.17
N LEU A 371 -20.97 39.34 1.84
CA LEU A 371 -21.74 38.12 1.70
C LEU A 371 -22.84 38.01 2.79
N HIS A 372 -22.80 38.83 3.85
CA HIS A 372 -23.63 38.65 5.09
C HIS A 372 -25.13 38.54 4.77
N ASN A 373 -25.66 39.35 3.84
CA ASN A 373 -27.10 39.36 3.58
C ASN A 373 -27.45 38.66 2.25
N LEU A 374 -26.60 37.74 1.79
CA LEU A 374 -26.95 36.86 0.68
C LEU A 374 -27.78 35.69 1.25
N GLN A 375 -29.10 35.77 1.10
CA GLN A 375 -30.01 34.95 1.86
C GLN A 375 -29.92 33.50 1.36
N ASN A 376 -29.58 33.28 0.09
CA ASN A 376 -29.63 31.93 -0.46
C ASN A 376 -28.24 31.27 -0.49
N LEU A 377 -27.20 31.91 0.06
CA LEU A 377 -25.84 31.38 -0.04
C LEU A 377 -25.79 30.04 0.67
N GLU A 378 -25.32 29.01 -0.05
CA GLU A 378 -25.28 27.64 0.44
C GLU A 378 -23.84 27.13 0.53
N VAL A 379 -22.94 27.60 -0.35
CA VAL A 379 -21.56 27.13 -0.39
C VAL A 379 -20.61 28.34 -0.50
N LEU A 380 -19.61 28.38 0.39
CA LEU A 380 -18.53 29.32 0.30
C LEU A 380 -17.22 28.54 0.25
N ASP A 381 -16.57 28.54 -0.92
CA ASP A 381 -15.38 27.76 -1.15
C ASP A 381 -14.16 28.68 -1.20
N LEU A 382 -13.35 28.66 -0.14
CA LEU A 382 -12.12 29.45 -0.10
C LEU A 382 -10.90 28.54 0.02
N GLY A 383 -10.96 27.39 -0.67
CA GLY A 383 -9.89 26.40 -0.67
C GLY A 383 -8.67 26.87 -1.43
N THR A 384 -7.52 26.23 -1.17
CA THR A 384 -6.28 26.43 -1.90
C THR A 384 -5.98 27.92 -1.98
N ASN A 385 -5.86 28.56 -0.81
CA ASN A 385 -5.59 30.01 -0.73
C ASN A 385 -4.33 30.31 0.09
N PHE A 386 -3.69 29.30 0.67
CA PHE A 386 -2.48 29.45 1.48
C PHE A 386 -2.74 30.39 2.66
N ILE A 387 -3.95 30.33 3.19
CA ILE A 387 -4.34 31.15 4.33
C ILE A 387 -3.63 30.61 5.57
N LYS A 388 -2.98 31.50 6.32
CA LYS A 388 -2.22 31.14 7.53
C LYS A 388 -3.07 31.39 8.78
N ILE A 389 -4.01 32.34 8.74
CA ILE A 389 -4.73 32.76 9.95
C ILE A 389 -6.21 32.94 9.64
N ALA A 390 -7.07 32.30 10.43
CA ALA A 390 -8.52 32.53 10.37
C ALA A 390 -9.18 32.23 11.72
N ASN A 391 -9.85 33.24 12.28
CA ASN A 391 -10.71 33.05 13.43
C ASN A 391 -11.99 32.40 12.90
N LEU A 392 -12.15 31.11 13.21
CA LEU A 392 -13.22 30.28 12.70
C LEU A 392 -14.57 30.78 13.23
N SER A 393 -14.54 31.52 14.33
CA SER A 393 -15.76 32.09 14.94
C SER A 393 -16.51 33.01 13.96
N MET A 394 -15.81 33.56 12.97
CA MET A 394 -16.45 34.44 11.99
C MET A 394 -17.61 33.69 11.31
N PHE A 395 -17.57 32.36 11.25
CA PHE A 395 -18.58 31.64 10.48
C PHE A 395 -19.90 31.54 11.25
N LYS A 396 -19.94 32.05 12.50
CA LYS A 396 -21.20 32.21 13.26
C LYS A 396 -22.21 33.08 12.49
N GLN A 397 -21.73 33.94 11.60
CA GLN A 397 -22.60 34.74 10.75
C GLN A 397 -22.95 34.03 9.43
N PHE A 398 -22.67 32.72 9.35
CA PHE A 398 -22.96 31.94 8.14
C PHE A 398 -23.61 30.59 8.49
N LYS A 399 -24.44 30.56 9.55
CA LYS A 399 -25.12 29.33 10.00
C LYS A 399 -25.99 28.75 8.87
N ARG A 400 -26.49 29.60 7.96
CA ARG A 400 -27.42 29.16 6.91
C ARG A 400 -26.71 28.35 5.81
N LEU A 401 -25.37 28.33 5.82
CA LEU A 401 -24.60 27.71 4.75
C LEU A 401 -24.56 26.19 4.98
N LYS A 402 -24.44 25.44 3.89
CA LYS A 402 -24.37 23.99 3.87
C LYS A 402 -22.92 23.53 3.94
N VAL A 403 -22.01 24.30 3.31
CA VAL A 403 -20.62 24.00 3.24
C VAL A 403 -19.78 25.27 3.27
N ILE A 404 -18.85 25.32 4.24
CA ILE A 404 -17.76 26.26 4.29
C ILE A 404 -16.48 25.46 4.04
N ASP A 405 -15.82 25.73 2.90
CA ASP A 405 -14.67 24.93 2.43
C ASP A 405 -13.39 25.75 2.56
N LEU A 406 -12.55 25.39 3.54
CA LEU A 406 -11.20 26.02 3.77
C LEU A 406 -10.11 24.96 3.56
N SER A 407 -10.45 23.93 2.77
CA SER A 407 -9.57 22.81 2.40
C SER A 407 -8.31 23.31 1.68
N VAL A 408 -7.14 22.75 2.03
CA VAL A 408 -5.88 23.03 1.36
C VAL A 408 -5.52 24.48 1.66
N ASN A 409 -5.25 24.77 2.92
CA ASN A 409 -4.75 26.05 3.31
C ASN A 409 -3.55 25.80 4.23
N LYS A 410 -3.09 26.84 4.90
CA LYS A 410 -1.94 26.79 5.79
C LYS A 410 -2.35 27.22 7.19
N ILE A 411 -3.62 27.00 7.56
CA ILE A 411 -4.13 27.49 8.83
C ILE A 411 -3.45 26.73 9.99
N SER A 412 -3.07 27.48 11.02
CA SER A 412 -2.61 26.93 12.29
C SER A 412 -2.96 27.89 13.43
N PRO A 413 -2.80 27.49 14.71
CA PRO A 413 -2.96 28.42 15.84
C PRO A 413 -1.67 29.21 16.10
N VAL A 437 -19.11 17.94 -4.32
CA VAL A 437 -17.71 17.50 -4.16
C VAL A 437 -17.03 17.48 -5.54
N LEU A 438 -16.06 18.39 -5.76
CA LEU A 438 -15.33 18.55 -7.05
C LEU A 438 -14.13 17.58 -7.12
N GLU A 439 -13.85 17.05 -8.31
CA GLU A 439 -12.80 16.01 -8.56
C GLU A 439 -11.42 16.49 -8.06
N GLN A 440 -10.47 15.55 -7.91
CA GLN A 440 -9.13 15.83 -7.30
C GLN A 440 -8.36 16.79 -8.23
N LEU A 441 -8.51 16.61 -9.55
CA LEU A 441 -8.09 17.56 -10.60
C LEU A 441 -9.39 18.17 -11.19
N TYR A 442 -9.51 19.51 -11.13
CA TYR A 442 -10.74 20.22 -11.51
C TYR A 442 -10.41 21.54 -12.23
N TYR A 443 -9.78 22.48 -11.51
CA TYR A 443 -9.41 23.78 -12.07
C TYR A 443 -8.20 23.67 -13.00
N PHE A 444 -7.45 22.57 -12.89
CA PHE A 444 -6.24 22.46 -13.67
C PHE A 444 -6.34 21.37 -14.74
N ARG A 445 -7.49 20.75 -14.99
CA ARG A 445 -7.46 19.77 -16.08
C ARG A 445 -7.82 20.44 -17.40
N TYR A 446 -7.40 19.79 -18.48
CA TYR A 446 -7.56 20.29 -19.82
C TYR A 446 -9.05 20.43 -20.15
N ASP A 447 -9.76 19.32 -20.07
CA ASP A 447 -11.18 19.26 -20.47
C ASP A 447 -11.91 18.39 -19.46
N LYS A 448 -12.45 19.03 -18.43
CA LYS A 448 -13.06 18.33 -17.33
C LYS A 448 -14.41 17.69 -17.74
N TYR A 449 -14.94 18.02 -18.93
CA TYR A 449 -16.17 17.41 -19.45
C TYR A 449 -15.88 16.39 -20.55
N ALA A 450 -14.64 15.90 -20.67
CA ALA A 450 -14.31 14.94 -21.72
C ALA A 450 -14.98 13.59 -21.44
N ARG A 451 -15.46 12.98 -22.52
CA ARG A 451 -16.20 11.73 -22.51
C ARG A 451 -15.17 10.59 -22.55
N SER A 452 -15.49 9.50 -21.83
CA SER A 452 -14.71 8.26 -21.88
C SER A 452 -15.26 7.34 -22.98
N CYS A 453 -14.45 6.39 -23.44
CA CYS A 453 -14.95 5.27 -24.24
C CYS A 453 -15.74 4.35 -23.31
N SER A 468 -18.64 11.43 2.00
CA SER A 468 -18.90 12.85 2.18
C SER A 468 -19.97 13.05 3.28
N CYS A 469 -19.84 14.15 4.03
CA CYS A 469 -20.62 14.35 5.27
C CYS A 469 -21.62 15.52 5.14
N TYR A 470 -21.81 16.02 3.92
CA TYR A 470 -22.62 17.21 3.68
C TYR A 470 -24.07 16.95 4.12
N LYS A 471 -24.55 15.71 3.94
CA LYS A 471 -25.95 15.37 4.18
C LYS A 471 -26.32 15.46 5.67
N TYR A 472 -25.32 15.48 6.55
CA TYR A 472 -25.59 15.64 7.99
C TYR A 472 -25.99 17.08 8.33
N GLY A 473 -25.73 18.04 7.43
CA GLY A 473 -26.04 19.45 7.64
C GLY A 473 -24.78 20.31 7.52
N GLN A 474 -24.76 21.44 8.22
CA GLN A 474 -23.70 22.42 8.11
C GLN A 474 -22.33 21.75 8.28
N THR A 475 -21.44 22.01 7.32
CA THR A 475 -20.12 21.43 7.25
C THR A 475 -19.07 22.53 7.21
N LEU A 476 -18.09 22.43 8.11
CA LEU A 476 -16.88 23.21 8.05
C LEU A 476 -15.73 22.27 7.68
N ASP A 477 -15.21 22.42 6.46
CA ASP A 477 -14.12 21.59 5.94
C ASP A 477 -12.77 22.31 6.20
N LEU A 478 -12.01 21.82 7.19
CA LEU A 478 -10.65 22.31 7.49
C LEU A 478 -9.59 21.28 7.06
N SER A 479 -9.95 20.36 6.17
CA SER A 479 -9.00 19.32 5.74
C SER A 479 -7.77 19.95 5.06
N LYS A 480 -6.61 19.31 5.24
CA LYS A 480 -5.37 19.68 4.60
C LYS A 480 -5.02 21.12 5.00
N ASN A 481 -4.85 21.30 6.30
CA ASN A 481 -4.33 22.51 6.85
C ASN A 481 -3.13 22.14 7.74
N SER A 482 -2.64 23.11 8.51
CA SER A 482 -1.46 22.92 9.35
C SER A 482 -1.87 23.04 10.82
N ILE A 483 -3.03 22.50 11.19
CA ILE A 483 -3.50 22.60 12.57
C ILE A 483 -2.82 21.50 13.39
N PHE A 484 -1.83 21.89 14.23
CA PHE A 484 -1.05 20.93 15.05
C PHE A 484 -1.65 20.84 16.46
N PHE A 485 -2.45 21.84 16.87
CA PHE A 485 -3.01 21.89 18.22
C PHE A 485 -4.37 22.57 18.17
N ILE A 486 -5.33 22.00 18.90
CA ILE A 486 -6.68 22.49 18.97
C ILE A 486 -7.10 22.64 20.43
N LYS A 487 -7.94 23.65 20.69
CA LYS A 487 -8.56 23.85 21.97
C LYS A 487 -9.99 24.33 21.73
N SER A 488 -10.81 24.24 22.78
CA SER A 488 -12.22 24.53 22.75
C SER A 488 -12.51 25.91 22.17
N SER A 489 -11.69 26.92 22.53
CA SER A 489 -12.01 28.30 22.19
C SER A 489 -11.91 28.49 20.66
N ASP A 490 -11.14 27.64 19.96
CA ASP A 490 -10.99 27.66 18.50
C ASP A 490 -12.35 27.52 17.81
N PHE A 491 -13.32 26.88 18.50
CA PHE A 491 -14.65 26.55 17.95
C PHE A 491 -15.75 27.37 18.63
N GLN A 492 -15.38 28.47 19.31
CA GLN A 492 -16.37 29.29 19.99
C GLN A 492 -17.35 29.83 18.95
N HIS A 493 -18.64 29.66 19.25
CA HIS A 493 -19.76 30.19 18.48
C HIS A 493 -20.05 29.30 17.25
N LEU A 494 -19.55 28.06 17.21
CA LEU A 494 -19.82 27.18 16.05
C LEU A 494 -20.64 25.96 16.48
N SER A 495 -21.57 26.15 17.42
CA SER A 495 -22.32 25.04 18.03
C SER A 495 -23.32 24.45 17.03
N PHE A 496 -23.69 25.26 16.02
CA PHE A 496 -24.59 24.83 14.97
C PHE A 496 -23.97 23.76 14.05
N LEU A 497 -22.64 23.56 14.07
CA LEU A 497 -21.96 22.70 13.06
C LEU A 497 -22.40 21.24 13.25
N LYS A 498 -22.72 20.60 12.11
CA LYS A 498 -23.12 19.22 12.06
C LYS A 498 -21.94 18.31 11.66
N CYS A 499 -21.02 18.81 10.82
CA CYS A 499 -19.84 18.02 10.38
C CYS A 499 -18.60 18.92 10.40
N LEU A 500 -17.51 18.41 10.96
CA LEU A 500 -16.22 19.08 10.92
C LEU A 500 -15.23 18.14 10.25
N ASN A 501 -14.47 18.63 9.28
CA ASN A 501 -13.47 17.84 8.58
C ASN A 501 -12.08 18.36 8.97
N LEU A 502 -11.36 17.61 9.78
CA LEU A 502 -10.00 17.94 10.20
C LEU A 502 -8.98 16.98 9.55
N SER A 503 -9.39 16.30 8.46
CA SER A 503 -8.55 15.30 7.84
C SER A 503 -7.27 15.95 7.34
N GLY A 504 -6.15 15.25 7.50
CA GLY A 504 -4.90 15.72 6.91
C GLY A 504 -4.40 17.00 7.58
N ASN A 505 -4.58 17.10 8.89
CA ASN A 505 -3.90 18.12 9.69
C ASN A 505 -2.73 17.46 10.43
N LEU A 506 -2.19 18.12 11.45
CA LEU A 506 -1.00 17.66 12.14
C LEU A 506 -1.32 17.36 13.61
N ILE A 507 -2.55 16.95 13.90
CA ILE A 507 -3.02 16.94 15.28
C ILE A 507 -2.45 15.70 15.98
N SER A 508 -1.63 15.97 17.01
CA SER A 508 -0.75 15.02 17.67
C SER A 508 -1.02 14.94 19.18
N GLN A 509 -2.06 15.62 19.67
CA GLN A 509 -2.20 15.82 21.11
C GLN A 509 -2.99 14.65 21.70
N THR A 510 -2.83 14.50 23.02
CA THR A 510 -3.55 13.56 23.84
C THR A 510 -4.92 14.16 24.16
N LEU A 511 -5.85 14.00 23.22
CA LEU A 511 -7.22 14.46 23.38
C LEU A 511 -7.78 13.89 24.69
N ASN A 512 -8.27 14.79 25.55
CA ASN A 512 -8.74 14.46 26.92
C ASN A 512 -10.24 14.79 27.04
N GLY A 513 -10.86 15.20 25.93
CA GLY A 513 -12.28 15.54 25.91
C GLY A 513 -12.57 17.00 26.22
N SER A 514 -11.60 17.88 26.09
CA SER A 514 -11.81 19.27 26.36
C SER A 514 -11.72 20.11 25.08
N GLU A 515 -11.35 19.50 23.95
CA GLU A 515 -10.86 20.22 22.79
C GLU A 515 -12.01 20.72 21.89
N PHE A 516 -13.18 20.09 21.97
CA PHE A 516 -14.27 20.34 21.01
C PHE A 516 -15.56 20.77 21.73
N GLN A 517 -15.44 21.44 22.88
CA GLN A 517 -16.54 21.55 23.85
C GLN A 517 -17.70 22.31 23.21
N PRO A 518 -17.47 23.41 22.47
CA PRO A 518 -18.58 24.12 21.84
C PRO A 518 -19.39 23.35 20.78
N LEU A 519 -18.86 22.24 20.25
CA LEU A 519 -19.46 21.60 19.07
C LEU A 519 -20.56 20.61 19.50
N ALA A 520 -21.60 21.15 20.14
CA ALA A 520 -22.61 20.38 20.88
C ALA A 520 -23.54 19.63 19.92
N GLU A 521 -23.59 20.04 18.64
CA GLU A 521 -24.53 19.42 17.70
C GLU A 521 -23.79 18.54 16.68
N LEU A 522 -22.46 18.45 16.78
CA LEU A 522 -21.66 17.77 15.76
C LEU A 522 -22.07 16.29 15.63
N ARG A 523 -22.41 15.89 14.40
CA ARG A 523 -22.83 14.54 14.09
C ARG A 523 -21.71 13.74 13.44
N TYR A 524 -20.75 14.41 12.82
CA TYR A 524 -19.72 13.75 12.03
C TYR A 524 -18.43 14.52 12.21
N LEU A 525 -17.41 13.80 12.70
CA LEU A 525 -16.05 14.30 12.74
C LEU A 525 -15.17 13.36 11.92
N ASP A 526 -14.49 13.93 10.92
CA ASP A 526 -13.44 13.29 10.16
C ASP A 526 -12.11 13.76 10.74
N PHE A 527 -11.44 12.86 11.46
CA PHE A 527 -10.18 13.10 12.09
C PHE A 527 -9.10 12.20 11.44
N SER A 528 -9.34 11.75 10.21
CA SER A 528 -8.39 10.89 9.53
C SER A 528 -7.14 11.66 9.13
N ASN A 529 -6.03 10.94 8.92
CA ASN A 529 -4.75 11.48 8.52
C ASN A 529 -4.34 12.58 9.49
N ASN A 530 -4.44 12.28 10.78
CA ASN A 530 -3.81 13.07 11.86
C ASN A 530 -2.89 12.14 12.62
N ARG A 531 -2.49 12.53 13.83
CA ARG A 531 -1.62 11.71 14.67
C ARG A 531 -2.24 11.55 16.06
N LEU A 532 -3.45 10.98 16.08
CA LEU A 532 -4.18 10.74 17.31
C LEU A 532 -3.31 10.00 18.31
N ASP A 533 -3.30 10.50 19.54
CA ASP A 533 -2.68 9.82 20.68
C ASP A 533 -3.76 9.49 21.71
N LEU A 534 -4.20 8.23 21.72
CA LEU A 534 -5.29 7.75 22.56
C LEU A 534 -4.76 7.39 23.96
N LEU A 535 -4.08 8.32 24.61
CA LEU A 535 -3.61 8.11 25.97
C LEU A 535 -4.82 8.10 26.91
N HIS A 536 -5.82 8.96 26.65
CA HIS A 536 -6.96 9.13 27.53
C HIS A 536 -8.20 8.50 26.89
N SER A 537 -8.96 7.74 27.67
CA SER A 537 -10.19 7.12 27.21
C SER A 537 -11.35 8.13 27.17
N THR A 538 -11.08 9.39 27.56
CA THR A 538 -12.06 10.48 27.52
C THR A 538 -12.00 11.25 26.20
N ALA A 539 -11.09 10.84 25.31
CA ALA A 539 -10.98 11.47 23.98
C ALA A 539 -12.35 11.45 23.27
N PHE A 540 -12.73 12.62 22.75
CA PHE A 540 -13.93 12.82 21.90
C PHE A 540 -15.25 12.83 22.71
N GLU A 541 -15.21 12.61 24.02
CA GLU A 541 -16.48 12.39 24.78
C GLU A 541 -17.33 13.67 24.85
N GLU A 542 -16.74 14.85 24.66
CA GLU A 542 -17.49 16.11 24.67
C GLU A 542 -18.41 16.20 23.43
N LEU A 543 -18.20 15.38 22.40
CA LEU A 543 -19.08 15.42 21.22
C LEU A 543 -20.28 14.51 21.45
N ARG A 544 -21.25 14.99 22.21
CA ARG A 544 -22.27 14.14 22.80
C ARG A 544 -23.25 13.66 21.73
N LYS A 545 -23.36 14.36 20.61
CA LYS A 545 -24.26 13.95 19.55
C LYS A 545 -23.52 13.28 18.37
N LEU A 546 -22.25 12.89 18.57
CA LEU A 546 -21.42 12.32 17.49
C LEU A 546 -21.98 10.97 17.02
N GLU A 547 -22.30 10.88 15.73
CA GLU A 547 -22.81 9.62 15.14
C GLU A 547 -21.74 8.89 14.32
N VAL A 548 -20.84 9.64 13.69
CA VAL A 548 -19.77 9.05 12.89
C VAL A 548 -18.43 9.69 13.28
N LEU A 549 -17.48 8.82 13.67
CA LEU A 549 -16.10 9.20 13.96
C LEU A 549 -15.18 8.45 13.00
N ASP A 550 -14.39 9.20 12.22
CA ASP A 550 -13.37 8.62 11.40
C ASP A 550 -12.00 8.97 11.99
N ILE A 551 -11.31 7.96 12.53
CA ILE A 551 -9.94 8.13 13.02
C ILE A 551 -8.97 7.23 12.23
N SER A 552 -9.32 6.95 10.97
CA SER A 552 -8.47 6.17 10.06
C SER A 552 -7.17 6.90 9.74
N SER A 553 -6.14 6.12 9.39
CA SER A 553 -4.83 6.63 9.02
C SER A 553 -4.34 7.60 10.10
N ASN A 554 -4.41 7.16 11.36
CA ASN A 554 -3.76 7.82 12.50
C ASN A 554 -2.75 6.85 13.11
N SER A 555 -1.94 6.25 12.25
CA SER A 555 -1.12 5.09 12.62
C SER A 555 0.10 5.49 13.43
N HIS A 556 0.50 6.77 13.37
CA HIS A 556 1.76 7.26 13.88
C HIS A 556 2.12 6.67 15.26
N TYR A 557 1.29 6.92 16.28
CA TYR A 557 1.67 6.56 17.65
C TYR A 557 1.45 5.06 17.90
N PHE A 558 0.71 4.38 17.02
CA PHE A 558 0.51 2.92 17.15
C PHE A 558 1.76 2.18 16.64
N GLN A 559 2.74 2.91 16.07
CA GLN A 559 3.92 2.30 15.42
C GLN A 559 5.12 2.16 16.37
N SER A 560 5.07 2.73 17.58
CA SER A 560 6.20 2.67 18.52
C SER A 560 5.77 1.93 19.78
N GLU A 561 6.62 1.03 20.29
CA GLU A 561 6.28 0.18 21.43
C GLU A 561 6.19 1.02 22.71
N GLY A 562 5.34 0.55 23.64
CA GLY A 562 5.36 1.06 25.00
C GLY A 562 4.54 2.32 25.15
N ILE A 563 3.68 2.57 24.15
CA ILE A 563 2.77 3.69 24.18
C ILE A 563 1.37 3.15 24.53
N THR A 564 0.73 3.84 25.49
CA THR A 564 -0.62 3.54 25.97
C THR A 564 -1.65 3.93 24.90
N HIS A 565 -2.55 2.99 24.60
CA HIS A 565 -3.69 3.23 23.71
C HIS A 565 -4.97 2.71 24.38
N MET A 566 -5.94 3.60 24.59
CA MET A 566 -7.17 3.28 25.25
C MET A 566 -8.25 3.13 24.18
N LEU A 567 -8.36 1.91 23.63
CA LEU A 567 -9.37 1.60 22.62
C LEU A 567 -10.78 1.56 23.21
N ASN A 568 -10.90 1.66 24.54
CA ASN A 568 -12.17 1.62 25.22
C ASN A 568 -12.82 3.01 25.26
N PHE A 569 -12.20 3.99 24.59
CA PHE A 569 -12.71 5.36 24.53
C PHE A 569 -14.17 5.43 24.01
N THR A 570 -14.66 4.37 23.38
CA THR A 570 -15.99 4.33 22.71
C THR A 570 -17.15 4.39 23.72
N LYS A 571 -16.90 3.96 24.96
CA LYS A 571 -17.95 3.81 25.97
C LYS A 571 -18.71 5.13 26.15
N ASN A 572 -18.01 6.26 26.08
CA ASN A 572 -18.59 7.58 26.42
C ASN A 572 -19.47 8.18 25.31
N LEU A 573 -19.41 7.64 24.08
CA LEU A 573 -20.10 8.21 22.93
C LEU A 573 -21.46 7.53 22.72
N LYS A 574 -22.50 8.13 23.31
CA LYS A 574 -23.71 7.40 23.60
C LYS A 574 -24.61 7.29 22.37
N VAL A 575 -24.33 8.05 21.31
CA VAL A 575 -25.11 7.89 20.08
C VAL A 575 -24.20 7.57 18.88
N LEU A 576 -22.97 7.09 19.11
CA LEU A 576 -22.05 6.76 18.01
C LEU A 576 -22.59 5.54 17.25
N GLN A 577 -22.81 5.71 15.93
CA GLN A 577 -23.32 4.65 15.08
C GLN A 577 -22.15 4.00 14.33
N LYS A 578 -21.17 4.81 13.90
CA LYS A 578 -20.16 4.34 12.98
C LYS A 578 -18.79 4.84 13.39
N LEU A 579 -17.85 3.89 13.49
CA LEU A 579 -16.46 4.18 13.82
C LEU A 579 -15.55 3.55 12.76
N MET A 580 -14.70 4.38 12.18
CA MET A 580 -13.71 3.97 11.21
C MET A 580 -12.32 4.16 11.82
N MET A 581 -11.57 3.06 11.95
CA MET A 581 -10.22 3.15 12.41
C MET A 581 -9.33 2.27 11.52
N ASN A 582 -9.49 2.49 10.22
CA ASN A 582 -8.72 1.80 9.19
C ASN A 582 -7.26 2.31 9.17
N ASP A 583 -6.34 1.41 8.84
CA ASP A 583 -4.96 1.75 8.49
C ASP A 583 -4.26 2.42 9.66
N ASN A 584 -4.52 1.95 10.87
CA ASN A 584 -3.90 2.49 12.06
C ASN A 584 -2.75 1.59 12.52
N ASP A 585 -2.58 0.42 11.89
CA ASP A 585 -1.45 -0.41 12.21
C ASP A 585 -1.49 -0.78 13.71
N ILE A 586 -2.69 -1.01 14.24
CA ILE A 586 -2.86 -1.27 15.65
C ILE A 586 -2.44 -2.73 15.93
N SER A 587 -1.45 -2.91 16.79
CA SER A 587 -0.92 -4.20 17.16
C SER A 587 -0.83 -4.37 18.67
N SER A 588 -1.39 -3.42 19.44
CA SER A 588 -1.32 -3.40 20.87
C SER A 588 -2.44 -2.49 21.40
N SER A 589 -2.89 -2.73 22.63
CA SER A 589 -3.97 -1.94 23.27
C SER A 589 -3.91 -2.11 24.79
N THR A 590 -4.02 -1.01 25.52
CA THR A 590 -4.00 -1.06 26.96
C THR A 590 -5.33 -1.64 27.44
N SER A 591 -6.43 -1.32 26.74
CA SER A 591 -7.71 -1.91 27.08
C SER A 591 -7.93 -3.19 26.29
N ARG A 592 -8.61 -4.13 26.94
CA ARG A 592 -8.86 -5.45 26.44
C ARG A 592 -10.20 -5.51 25.68
N THR A 593 -11.07 -4.53 25.91
CA THR A 593 -12.40 -4.53 25.35
C THR A 593 -12.81 -3.13 24.90
N MET A 594 -13.50 -3.08 23.76
CA MET A 594 -14.20 -1.89 23.30
C MET A 594 -15.67 -2.07 23.65
N GLU A 595 -16.28 -0.97 24.11
CA GLU A 595 -17.65 -1.02 24.63
C GLU A 595 -18.47 0.09 23.97
N SER A 596 -19.70 -0.24 23.56
CA SER A 596 -20.69 0.71 23.10
C SER A 596 -22.07 0.06 23.14
N GLU A 597 -23.06 0.83 23.55
CA GLU A 597 -24.45 0.44 23.49
C GLU A 597 -25.04 0.87 22.14
N SER A 598 -24.35 1.75 21.41
CA SER A 598 -24.93 2.41 20.23
C SER A 598 -24.31 1.91 18.91
N LEU A 599 -23.04 1.51 18.93
CA LEU A 599 -22.25 1.38 17.67
C LEU A 599 -22.81 0.26 16.78
N ARG A 600 -23.05 0.57 15.51
CA ARG A 600 -23.60 -0.35 14.50
C ARG A 600 -22.50 -0.87 13.56
N THR A 601 -21.55 0.00 13.22
CA THR A 601 -20.55 -0.27 12.19
C THR A 601 -19.16 0.09 12.71
N LEU A 602 -18.23 -0.88 12.63
CA LEU A 602 -16.84 -0.68 12.93
C LEU A 602 -16.01 -1.16 11.74
N GLU A 603 -15.19 -0.23 11.22
CA GLU A 603 -14.19 -0.49 10.23
C GLU A 603 -12.82 -0.51 10.93
N PHE A 604 -12.16 -1.68 10.87
CA PHE A 604 -10.91 -1.98 11.56
C PHE A 604 -9.91 -2.63 10.60
N ARG A 605 -10.00 -2.21 9.35
CA ARG A 605 -9.18 -2.68 8.21
C ARG A 605 -7.76 -2.14 8.38
N GLY A 606 -6.74 -2.93 8.00
CA GLY A 606 -5.36 -2.42 7.94
C GLY A 606 -4.74 -2.19 9.30
N ASN A 607 -4.89 -3.18 10.18
CA ASN A 607 -4.43 -3.15 11.56
C ASN A 607 -3.73 -4.49 11.79
N HIS A 608 -3.34 -4.81 13.02
CA HIS A 608 -2.60 -6.00 13.27
C HIS A 608 -3.29 -6.84 14.33
N LEU A 609 -4.52 -7.26 14.03
CA LEU A 609 -5.20 -8.25 14.88
C LEU A 609 -4.41 -9.55 14.96
N ASP A 610 -3.57 -9.85 13.96
CA ASP A 610 -2.74 -11.07 14.00
C ASP A 610 -1.82 -11.03 15.24
N VAL A 611 -1.30 -9.84 15.57
CA VAL A 611 -0.44 -9.64 16.74
C VAL A 611 -1.28 -9.63 18.03
N LEU A 612 -2.37 -8.84 18.07
CA LEU A 612 -3.25 -8.82 19.24
C LEU A 612 -3.78 -10.22 19.59
N TRP A 613 -4.07 -11.04 18.57
CA TRP A 613 -4.61 -12.39 18.73
C TRP A 613 -3.51 -13.43 18.50
N ARG A 614 -2.25 -13.11 18.81
CA ARG A 614 -1.15 -14.07 18.74
C ARG A 614 -1.58 -15.36 19.45
N ASP A 615 -1.48 -16.50 18.75
CA ASP A 615 -1.92 -17.80 19.28
C ASP A 615 -1.25 -18.06 20.64
N GLY A 616 -2.08 -18.36 21.65
CA GLY A 616 -1.64 -18.46 23.06
C GLY A 616 -2.04 -17.23 23.90
N ASP A 617 -2.34 -16.10 23.28
CA ASP A 617 -2.73 -14.89 24.03
C ASP A 617 -4.24 -14.70 23.88
N ASN A 618 -4.95 -14.85 24.98
CA ASN A 618 -6.39 -14.86 25.08
C ASN A 618 -6.94 -13.47 25.41
N ARG A 619 -6.07 -12.52 25.75
CA ARG A 619 -6.51 -11.30 26.42
C ARG A 619 -7.41 -10.42 25.52
N TYR A 620 -7.21 -10.46 24.20
CA TYR A 620 -7.97 -9.57 23.28
C TYR A 620 -9.03 -10.32 22.47
N LEU A 621 -9.31 -11.58 22.82
CA LEU A 621 -10.27 -12.39 22.04
C LEU A 621 -11.71 -11.88 22.18
N GLN A 622 -11.94 -10.91 23.07
CA GLN A 622 -13.28 -10.39 23.33
C GLN A 622 -13.32 -8.87 23.10
N LEU A 623 -12.38 -8.38 22.28
CA LEU A 623 -12.16 -6.96 22.03
C LEU A 623 -13.42 -6.23 21.54
N PHE A 624 -14.23 -6.91 20.70
CA PHE A 624 -15.41 -6.36 20.09
C PHE A 624 -16.71 -6.90 20.75
N LYS A 625 -16.63 -7.81 21.73
CA LYS A 625 -17.80 -8.54 22.23
C LYS A 625 -18.85 -7.61 22.86
N ASN A 626 -18.40 -6.54 23.52
CA ASN A 626 -19.27 -5.61 24.26
C ASN A 626 -19.70 -4.42 23.39
N LEU A 627 -19.56 -4.56 22.07
CA LEU A 627 -20.19 -3.65 21.13
C LEU A 627 -21.53 -4.28 20.77
N LEU A 628 -22.50 -4.09 21.67
CA LEU A 628 -23.68 -4.99 21.73
C LEU A 628 -24.57 -4.84 20.50
N LYS A 629 -24.60 -3.66 19.89
CA LYS A 629 -25.50 -3.41 18.77
C LYS A 629 -24.75 -3.51 17.44
N LEU A 630 -23.49 -3.95 17.44
CA LEU A 630 -22.67 -4.01 16.21
C LEU A 630 -23.27 -5.03 15.22
N GLU A 631 -23.42 -4.55 14.00
CA GLU A 631 -23.93 -5.35 12.91
C GLU A 631 -22.85 -5.56 11.84
N GLU A 632 -21.96 -4.58 11.62
CA GLU A 632 -20.99 -4.63 10.54
C GLU A 632 -19.57 -4.45 11.11
N LEU A 633 -18.73 -5.46 10.85
CA LEU A 633 -17.34 -5.46 11.24
C LEU A 633 -16.47 -5.75 10.03
N ASP A 634 -15.55 -4.82 9.74
CA ASP A 634 -14.57 -4.99 8.70
C ASP A 634 -13.20 -5.24 9.33
N ILE A 635 -12.73 -6.49 9.29
CA ILE A 635 -11.40 -6.80 9.77
C ILE A 635 -10.61 -7.46 8.65
N SER A 636 -10.78 -6.91 7.45
CA SER A 636 -9.94 -7.22 6.31
C SER A 636 -8.55 -6.62 6.56
N LYS A 637 -7.54 -7.14 5.85
CA LYS A 637 -6.21 -6.56 5.80
C LYS A 637 -5.64 -6.47 7.22
N ASN A 638 -5.71 -7.57 7.96
CA ASN A 638 -5.18 -7.62 9.31
C ASN A 638 -4.15 -8.75 9.47
N SER A 639 -3.65 -9.26 8.33
CA SER A 639 -2.66 -10.35 8.29
C SER A 639 -3.14 -11.58 9.05
N LEU A 640 -4.45 -11.84 9.08
CA LEU A 640 -4.94 -13.03 9.79
C LEU A 640 -4.80 -14.24 8.88
N SER A 641 -3.64 -14.88 8.93
CA SER A 641 -3.34 -16.05 8.09
C SER A 641 -4.13 -17.25 8.64
N PHE A 642 -4.51 -17.19 9.92
CA PHE A 642 -5.49 -18.08 10.54
C PHE A 642 -6.24 -17.28 11.61
N LEU A 643 -7.38 -17.81 12.06
CA LEU A 643 -8.13 -17.26 13.17
C LEU A 643 -7.99 -18.17 14.37
N PRO A 644 -7.47 -17.67 15.51
CA PRO A 644 -7.43 -18.47 16.73
C PRO A 644 -8.86 -18.84 17.14
N SER A 645 -9.00 -19.97 17.82
CA SER A 645 -10.28 -20.34 18.43
C SER A 645 -10.57 -19.32 19.53
N GLY A 646 -11.83 -18.90 19.59
CA GLY A 646 -12.26 -17.89 20.54
C GLY A 646 -12.62 -16.59 19.84
N VAL A 647 -12.18 -16.41 18.60
CA VAL A 647 -12.48 -15.21 17.85
C VAL A 647 -13.99 -15.15 17.58
N PHE A 648 -14.57 -16.23 17.08
CA PHE A 648 -16.00 -16.24 16.70
C PHE A 648 -16.88 -16.15 17.96
N ASP A 649 -16.54 -16.91 18.99
CA ASP A 649 -17.20 -16.82 20.30
C ASP A 649 -17.11 -15.39 20.85
N GLY A 650 -15.99 -14.72 20.58
CA GLY A 650 -15.74 -13.36 21.02
C GLY A 650 -16.54 -12.30 20.29
N MET A 651 -17.19 -12.63 19.16
CA MET A 651 -17.87 -11.65 18.35
C MET A 651 -19.13 -11.20 19.06
N PRO A 652 -19.57 -9.93 18.89
CA PRO A 652 -20.81 -9.46 19.51
C PRO A 652 -22.03 -10.15 18.91
N PRO A 653 -23.15 -10.25 19.66
CA PRO A 653 -24.21 -11.20 19.32
C PRO A 653 -25.04 -10.89 18.07
N ASN A 654 -25.07 -9.63 17.62
CA ASN A 654 -25.93 -9.22 16.49
C ASN A 654 -25.11 -8.99 15.21
N LEU A 655 -23.86 -9.48 15.14
CA LEU A 655 -23.00 -9.35 13.95
C LEU A 655 -23.70 -9.96 12.72
N LYS A 656 -23.80 -9.19 11.64
CA LYS A 656 -24.55 -9.52 10.43
C LYS A 656 -23.62 -9.64 9.23
N ASN A 657 -22.65 -8.72 9.16
CA ASN A 657 -21.83 -8.49 7.99
C ASN A 657 -20.36 -8.46 8.45
N LEU A 658 -19.63 -9.53 8.13
CA LEU A 658 -18.23 -9.69 8.51
C LEU A 658 -17.35 -9.80 7.26
N SER A 659 -16.34 -8.95 7.16
CA SER A 659 -15.26 -9.11 6.19
C SER A 659 -13.96 -9.60 6.83
N LEU A 660 -13.44 -10.69 6.28
CA LEU A 660 -12.11 -11.21 6.58
C LEU A 660 -11.29 -11.22 5.31
N ALA A 661 -11.60 -10.30 4.40
CA ALA A 661 -10.95 -10.28 3.10
C ALA A 661 -9.48 -9.88 3.28
N LYS A 662 -8.64 -10.36 2.38
CA LYS A 662 -7.26 -9.88 2.17
C LYS A 662 -6.44 -10.05 3.43
N ASN A 663 -6.51 -11.25 4.01
CA ASN A 663 -5.85 -11.55 5.26
C ASN A 663 -4.74 -12.58 5.03
N GLY A 664 -4.67 -13.14 3.82
CA GLY A 664 -3.84 -14.31 3.57
C GLY A 664 -4.31 -15.52 4.38
N LEU A 665 -5.62 -15.62 4.67
CA LEU A 665 -6.17 -16.80 5.35
C LEU A 665 -5.85 -18.07 4.58
N LYS A 666 -5.23 -19.06 5.23
CA LYS A 666 -4.87 -20.32 4.61
C LYS A 666 -5.77 -21.44 5.13
N SER A 667 -6.56 -21.17 6.16
CA SER A 667 -7.42 -22.17 6.73
C SER A 667 -8.56 -21.50 7.48
N PHE A 668 -9.67 -22.22 7.58
CA PHE A 668 -10.88 -21.70 8.11
C PHE A 668 -11.71 -22.88 8.60
N ILE A 669 -11.96 -22.90 9.91
CA ILE A 669 -12.90 -23.84 10.53
C ILE A 669 -14.31 -23.30 10.32
N TRP A 670 -14.97 -23.76 9.24
CA TRP A 670 -16.29 -23.34 8.83
C TRP A 670 -17.33 -23.56 9.93
N GLU A 671 -17.17 -24.62 10.71
CA GLU A 671 -18.13 -24.99 11.78
C GLU A 671 -18.24 -23.86 12.80
N LYS A 672 -17.19 -23.04 12.96
CA LYS A 672 -17.18 -21.98 13.98
C LYS A 672 -18.16 -20.86 13.62
N LEU A 673 -18.68 -20.87 12.40
CA LEU A 673 -19.66 -19.88 12.01
C LEU A 673 -20.96 -20.06 12.83
N ARG A 674 -21.11 -21.21 13.49
CA ARG A 674 -22.31 -21.52 14.28
C ARG A 674 -22.45 -20.53 15.46
N TYR A 675 -21.35 -19.93 15.92
CA TYR A 675 -21.41 -18.92 16.98
C TYR A 675 -21.97 -17.58 16.48
N LEU A 676 -21.93 -17.33 15.18
CA LEU A 676 -22.43 -16.04 14.66
C LEU A 676 -23.90 -16.21 14.25
N LYS A 677 -24.80 -16.12 15.23
CA LYS A 677 -26.19 -16.59 15.03
C LYS A 677 -27.00 -15.63 14.14
N ASN A 678 -26.51 -14.42 13.93
CA ASN A 678 -27.16 -13.44 13.06
C ASN A 678 -26.33 -13.14 11.82
N LEU A 679 -25.30 -13.95 11.51
CA LEU A 679 -24.46 -13.74 10.31
C LEU A 679 -25.29 -13.93 9.03
N GLU A 680 -25.21 -12.94 8.14
CA GLU A 680 -25.88 -12.94 6.85
C GLU A 680 -24.90 -12.80 5.70
N THR A 681 -23.88 -11.95 5.86
CA THR A 681 -22.86 -11.68 4.87
C THR A 681 -21.47 -12.01 5.43
N LEU A 682 -20.75 -12.89 4.71
CA LEU A 682 -19.42 -13.28 5.01
C LEU A 682 -18.57 -13.06 3.77
N ASP A 683 -17.59 -12.15 3.89
CA ASP A 683 -16.65 -11.86 2.82
C ASP A 683 -15.28 -12.47 3.14
N LEU A 684 -14.91 -13.53 2.40
CA LEU A 684 -13.63 -14.17 2.54
C LEU A 684 -12.79 -14.01 1.27
N SER A 685 -13.06 -12.95 0.51
CA SER A 685 -12.41 -12.69 -0.77
C SER A 685 -10.91 -12.43 -0.58
N HIS A 686 -10.11 -12.83 -1.60
CA HIS A 686 -8.67 -12.51 -1.69
C HIS A 686 -7.93 -13.10 -0.49
N ASN A 687 -8.02 -14.42 -0.33
CA ASN A 687 -7.35 -15.17 0.71
C ASN A 687 -6.69 -16.39 0.03
N GLN A 688 -6.33 -17.42 0.78
CA GLN A 688 -5.68 -18.62 0.24
C GLN A 688 -6.44 -19.89 0.64
N LEU A 689 -7.77 -19.80 0.73
CA LEU A 689 -8.55 -20.98 1.11
C LEU A 689 -8.51 -21.97 -0.06
N THR A 690 -8.41 -23.25 0.26
CA THR A 690 -8.38 -24.31 -0.75
C THR A 690 -9.65 -25.19 -0.71
N THR A 691 -10.45 -25.10 0.36
CA THR A 691 -11.61 -25.95 0.48
C THR A 691 -12.77 -25.17 1.06
N VAL A 692 -13.96 -25.67 0.73
CA VAL A 692 -15.26 -25.22 1.23
C VAL A 692 -15.73 -26.27 2.22
N PRO A 693 -16.71 -25.93 3.08
CA PRO A 693 -17.25 -26.92 4.02
C PRO A 693 -18.03 -28.04 3.32
N GLU A 694 -18.02 -29.22 3.92
CA GLU A 694 -18.73 -30.42 3.44
C GLU A 694 -20.22 -30.12 3.26
N ARG A 695 -20.80 -29.38 4.21
CA ARG A 695 -22.21 -28.96 4.18
C ARG A 695 -22.32 -27.56 4.81
N LEU A 696 -22.48 -26.55 3.97
CA LEU A 696 -22.52 -25.17 4.41
C LEU A 696 -23.70 -24.91 5.35
N SER A 697 -24.84 -25.57 5.08
CA SER A 697 -26.06 -25.36 5.85
C SER A 697 -25.84 -25.75 7.31
N ASN A 698 -24.96 -26.74 7.53
CA ASN A 698 -24.58 -27.27 8.85
C ASN A 698 -23.63 -26.33 9.59
N CYS A 699 -23.17 -25.24 8.93
CA CYS A 699 -22.24 -24.26 9.50
C CYS A 699 -22.94 -22.96 9.94
N SER A 700 -24.07 -22.67 9.32
CA SER A 700 -24.78 -21.45 9.61
C SER A 700 -26.21 -21.57 9.07
N ARG A 701 -27.16 -21.24 9.94
CA ARG A 701 -28.58 -21.21 9.66
C ARG A 701 -28.99 -19.88 9.03
N SER A 702 -28.13 -18.86 9.12
CA SER A 702 -28.48 -17.50 8.83
C SER A 702 -27.86 -17.02 7.52
N LEU A 703 -26.73 -17.61 7.11
CA LEU A 703 -25.88 -17.05 6.04
C LEU A 703 -26.65 -16.92 4.70
N LYS A 704 -26.64 -15.70 4.16
CA LYS A 704 -27.28 -15.32 2.92
C LYS A 704 -26.25 -15.06 1.82
N ASN A 705 -25.15 -14.35 2.14
CA ASN A 705 -24.23 -13.87 1.11
C ASN A 705 -22.81 -14.35 1.45
N LEU A 706 -22.26 -15.19 0.58
CA LEU A 706 -20.96 -15.79 0.80
C LEU A 706 -20.05 -15.38 -0.36
N ILE A 707 -19.01 -14.62 -0.05
CA ILE A 707 -18.03 -14.16 -1.01
C ILE A 707 -16.73 -14.92 -0.82
N LEU A 708 -16.38 -15.76 -1.80
CA LEU A 708 -15.18 -16.60 -1.76
C LEU A 708 -14.26 -16.31 -2.95
N LYS A 709 -14.41 -15.15 -3.60
CA LYS A 709 -13.65 -14.88 -4.81
C LYS A 709 -12.16 -14.70 -4.48
N ASN A 710 -11.30 -15.04 -5.45
CA ASN A 710 -9.83 -14.88 -5.37
C ASN A 710 -9.29 -15.69 -4.20
N ASN A 711 -9.51 -16.99 -4.26
CA ASN A 711 -8.98 -17.94 -3.32
C ASN A 711 -8.31 -19.04 -4.16
N GLN A 712 -8.01 -20.19 -3.56
CA GLN A 712 -7.24 -21.25 -4.24
C GLN A 712 -8.06 -22.53 -4.32
N ILE A 713 -9.38 -22.39 -4.42
CA ILE A 713 -10.30 -23.53 -4.31
C ILE A 713 -10.26 -24.30 -5.63
N ARG A 714 -10.01 -25.61 -5.54
CA ARG A 714 -9.80 -26.48 -6.70
C ARG A 714 -11.01 -27.39 -6.93
N SER A 715 -11.78 -27.69 -5.88
CA SER A 715 -12.98 -28.50 -6.01
C SER A 715 -14.01 -28.08 -4.95
N LEU A 716 -15.27 -28.38 -5.22
CA LEU A 716 -16.31 -28.20 -4.25
C LEU A 716 -16.56 -29.55 -3.55
N THR A 717 -16.98 -29.52 -2.29
CA THR A 717 -17.33 -30.74 -1.60
C THR A 717 -18.60 -31.34 -2.24
N LYS A 718 -18.79 -32.63 -2.04
CA LYS A 718 -19.87 -33.38 -2.68
C LYS A 718 -21.25 -32.76 -2.41
N TYR A 719 -21.51 -32.33 -1.17
CA TYR A 719 -22.86 -31.84 -0.80
C TYR A 719 -22.83 -30.37 -0.36
N PHE A 720 -21.81 -29.63 -0.85
CA PHE A 720 -21.52 -28.26 -0.45
C PHE A 720 -22.80 -27.47 -0.13
N LEU A 721 -23.71 -27.29 -1.11
CA LEU A 721 -24.84 -26.35 -0.92
C LEU A 721 -26.13 -27.04 -0.47
N GLN A 722 -26.04 -28.32 -0.06
CA GLN A 722 -27.25 -29.11 0.22
C GLN A 722 -28.00 -28.45 1.39
N ASP A 723 -29.24 -28.05 1.13
CA ASP A 723 -30.24 -27.61 2.14
C ASP A 723 -29.87 -26.23 2.70
N ALA A 724 -29.03 -25.48 1.99
CA ALA A 724 -28.72 -24.09 2.35
C ALA A 724 -29.84 -23.15 1.87
N PHE A 725 -31.03 -23.28 2.48
CA PHE A 725 -32.25 -22.57 2.04
C PHE A 725 -32.11 -21.06 2.26
N GLN A 726 -31.12 -20.65 3.08
CA GLN A 726 -30.99 -19.24 3.38
C GLN A 726 -30.12 -18.54 2.33
N LEU A 727 -29.32 -19.30 1.55
CA LEU A 727 -28.34 -18.72 0.63
C LEU A 727 -29.04 -17.93 -0.48
N ARG A 728 -28.49 -16.75 -0.82
CA ARG A 728 -29.01 -15.87 -1.86
C ARG A 728 -27.93 -15.36 -2.81
N TYR A 729 -26.66 -15.38 -2.38
CA TYR A 729 -25.55 -14.83 -3.18
C TYR A 729 -24.30 -15.66 -2.92
N LEU A 730 -23.64 -16.11 -3.99
CA LEU A 730 -22.45 -16.95 -3.86
C LEU A 730 -21.45 -16.54 -4.94
N ASP A 731 -20.29 -16.05 -4.53
CA ASP A 731 -19.23 -15.68 -5.44
C ASP A 731 -18.10 -16.69 -5.27
N LEU A 732 -17.92 -17.51 -6.29
CA LEU A 732 -16.83 -18.47 -6.36
C LEU A 732 -15.85 -18.11 -7.48
N SER A 733 -15.92 -16.88 -7.97
CA SER A 733 -15.07 -16.44 -9.08
C SER A 733 -13.58 -16.34 -8.68
N SER A 734 -12.72 -16.43 -9.68
CA SER A 734 -11.26 -16.29 -9.54
C SER A 734 -10.71 -17.27 -8.49
N ASN A 735 -11.07 -18.54 -8.67
CA ASN A 735 -10.55 -19.67 -7.92
C ASN A 735 -9.93 -20.61 -8.95
N LYS A 736 -9.72 -21.88 -8.63
CA LYS A 736 -9.12 -22.82 -9.58
C LYS A 736 -9.99 -24.06 -9.74
N ILE A 737 -11.30 -23.88 -9.79
CA ILE A 737 -12.22 -25.04 -9.82
C ILE A 737 -12.20 -25.68 -11.22
N GLN A 738 -12.10 -27.02 -11.25
CA GLN A 738 -12.10 -27.82 -12.50
C GLN A 738 -13.51 -28.34 -12.83
N MET A 739 -14.21 -28.91 -11.85
CA MET A 739 -15.45 -29.64 -12.01
C MET A 739 -16.46 -29.15 -10.98
N ILE A 740 -17.74 -29.10 -11.36
CA ILE A 740 -18.80 -28.99 -10.40
C ILE A 740 -19.85 -30.05 -10.74
N GLN A 741 -20.18 -30.92 -9.77
CA GLN A 741 -21.16 -31.99 -9.94
C GLN A 741 -22.47 -31.56 -9.26
N LYS A 742 -23.58 -32.21 -9.68
CA LYS A 742 -24.96 -31.85 -9.33
C LYS A 742 -25.19 -31.85 -7.82
N THR A 743 -24.59 -32.82 -7.14
CA THR A 743 -24.74 -33.02 -5.73
C THR A 743 -24.36 -31.74 -4.97
N SER A 744 -23.29 -31.05 -5.41
CA SER A 744 -22.79 -29.80 -4.79
C SER A 744 -23.79 -28.65 -4.93
N PHE A 745 -24.54 -28.67 -6.04
CA PHE A 745 -25.33 -27.54 -6.52
C PHE A 745 -26.77 -28.01 -6.73
N PRO A 746 -27.52 -28.36 -5.67
CA PRO A 746 -28.93 -28.74 -5.81
C PRO A 746 -29.79 -27.55 -6.28
N GLU A 747 -30.73 -27.85 -7.17
CA GLU A 747 -31.50 -26.87 -7.89
C GLU A 747 -32.45 -26.12 -6.92
N ASN A 748 -32.85 -26.74 -5.81
CA ASN A 748 -33.77 -26.07 -4.89
C ASN A 748 -33.02 -24.95 -4.13
N VAL A 749 -31.68 -24.95 -4.17
CA VAL A 749 -30.87 -23.86 -3.64
C VAL A 749 -30.45 -22.93 -4.77
N LEU A 750 -30.02 -23.48 -5.90
CA LEU A 750 -29.57 -22.60 -7.00
C LEU A 750 -30.67 -21.60 -7.38
N ASN A 751 -31.94 -22.01 -7.25
CA ASN A 751 -33.05 -21.27 -7.82
C ASN A 751 -33.50 -20.14 -6.91
N ASN A 752 -33.01 -20.06 -5.67
CA ASN A 752 -33.25 -18.92 -4.79
C ASN A 752 -32.11 -17.91 -4.89
N LEU A 753 -31.06 -18.20 -5.67
CA LEU A 753 -29.90 -17.33 -5.72
C LEU A 753 -30.23 -16.14 -6.61
N LYS A 754 -30.09 -14.93 -6.06
CA LYS A 754 -30.12 -13.71 -6.82
C LYS A 754 -28.95 -13.67 -7.81
N MET A 755 -27.80 -14.24 -7.44
CA MET A 755 -26.60 -14.21 -8.28
C MET A 755 -25.63 -15.33 -7.86
N LEU A 756 -24.94 -15.90 -8.86
CA LEU A 756 -23.93 -16.95 -8.68
C LEU A 756 -22.77 -16.63 -9.62
N LEU A 757 -21.60 -16.29 -9.06
CA LEU A 757 -20.42 -15.93 -9.84
C LEU A 757 -19.48 -17.15 -9.95
N LEU A 758 -19.09 -17.48 -11.19
CA LEU A 758 -18.28 -18.66 -11.48
C LEU A 758 -17.12 -18.34 -12.43
N HIS A 759 -16.98 -17.08 -12.82
CA HIS A 759 -16.02 -16.74 -13.86
C HIS A 759 -14.58 -16.86 -13.35
N HIS A 760 -13.66 -17.05 -14.29
CA HIS A 760 -12.21 -17.09 -14.06
C HIS A 760 -11.88 -18.23 -13.09
N ASN A 761 -12.31 -19.44 -13.47
CA ASN A 761 -11.95 -20.68 -12.80
C ASN A 761 -11.12 -21.50 -13.81
N ARG A 762 -11.01 -22.82 -13.65
CA ARG A 762 -10.14 -23.65 -14.51
C ARG A 762 -10.92 -24.87 -15.01
N PHE A 763 -12.07 -24.61 -15.63
CA PHE A 763 -13.07 -25.61 -15.95
C PHE A 763 -12.56 -26.56 -17.05
N LEU A 764 -12.77 -27.86 -16.82
CA LEU A 764 -12.28 -28.90 -17.66
C LEU A 764 -13.48 -29.46 -18.41
N CYS A 765 -13.49 -29.31 -19.73
CA CYS A 765 -14.67 -29.52 -20.54
C CYS A 765 -14.61 -30.89 -21.25
N THR A 766 -14.56 -31.95 -20.43
CA THR A 766 -14.63 -33.31 -20.84
C THR A 766 -16.05 -33.83 -20.60
N CYS A 767 -16.26 -35.09 -20.99
CA CYS A 767 -17.53 -35.73 -20.82
C CYS A 767 -17.88 -35.87 -19.32
N ASP A 768 -16.90 -35.75 -18.42
CA ASP A 768 -17.17 -35.73 -16.97
C ASP A 768 -17.99 -34.48 -16.57
N ALA A 769 -17.91 -33.42 -17.38
CA ALA A 769 -18.45 -32.09 -17.06
C ALA A 769 -19.83 -31.91 -17.69
N VAL A 770 -20.40 -33.01 -18.19
CA VAL A 770 -21.60 -32.95 -18.98
C VAL A 770 -22.71 -32.21 -18.20
N TRP A 771 -22.84 -32.50 -16.91
CA TRP A 771 -23.91 -31.89 -16.10
C TRP A 771 -23.72 -30.37 -16.02
N PHE A 772 -22.51 -29.94 -15.64
CA PHE A 772 -22.26 -28.54 -15.40
C PHE A 772 -22.46 -27.75 -16.69
N VAL A 773 -21.96 -28.31 -17.80
CA VAL A 773 -22.06 -27.66 -19.09
C VAL A 773 -23.54 -27.49 -19.44
N TRP A 774 -24.33 -28.57 -19.32
CA TRP A 774 -25.78 -28.50 -19.61
C TRP A 774 -26.46 -27.44 -18.71
N TRP A 775 -26.26 -27.57 -17.39
CA TRP A 775 -26.86 -26.67 -16.40
C TRP A 775 -26.56 -25.20 -16.72
N VAL A 776 -25.28 -24.90 -16.97
CA VAL A 776 -24.84 -23.52 -17.22
C VAL A 776 -25.57 -22.98 -18.45
N GLN A 777 -25.78 -23.84 -19.46
CA GLN A 777 -26.37 -23.42 -20.72
C GLN A 777 -27.87 -23.13 -20.55
N HIS A 778 -28.55 -23.86 -19.66
CA HIS A 778 -30.02 -23.85 -19.56
C HIS A 778 -30.57 -23.24 -18.25
N THR A 779 -29.77 -22.53 -17.45
CA THR A 779 -30.22 -22.02 -16.14
C THR A 779 -30.73 -20.56 -16.27
N GLU A 780 -31.74 -20.23 -15.46
CA GLU A 780 -32.32 -18.88 -15.34
C GLU A 780 -31.46 -18.02 -14.40
N VAL A 781 -30.75 -18.70 -13.50
CA VAL A 781 -29.90 -18.08 -12.49
C VAL A 781 -28.97 -17.08 -13.16
N THR A 782 -28.88 -15.89 -12.58
CA THR A 782 -27.99 -14.88 -13.03
C THR A 782 -26.56 -15.30 -12.71
N ILE A 783 -25.73 -15.34 -13.76
CA ILE A 783 -24.33 -15.63 -13.70
C ILE A 783 -23.64 -14.61 -14.60
N PRO A 784 -22.97 -13.58 -14.06
CA PRO A 784 -22.35 -12.58 -14.91
C PRO A 784 -21.16 -13.15 -15.69
N TYR A 785 -20.89 -12.55 -16.85
CA TYR A 785 -19.76 -12.85 -17.70
C TYR A 785 -19.87 -14.28 -18.27
N LEU A 786 -21.09 -14.82 -18.37
CA LEU A 786 -21.34 -16.24 -18.77
C LEU A 786 -20.73 -16.54 -20.13
N ALA A 787 -20.75 -15.52 -21.00
CA ALA A 787 -20.35 -15.64 -22.40
C ALA A 787 -18.87 -15.29 -22.58
N THR A 788 -18.28 -14.57 -21.63
CA THR A 788 -17.02 -13.87 -21.84
C THR A 788 -15.89 -14.51 -21.00
N ASP A 789 -16.12 -14.88 -19.72
CA ASP A 789 -15.02 -15.35 -18.85
C ASP A 789 -15.47 -16.58 -18.03
N VAL A 790 -16.43 -17.37 -18.52
CA VAL A 790 -16.68 -18.74 -18.03
C VAL A 790 -16.24 -19.73 -19.11
N THR A 791 -15.00 -20.19 -18.96
CA THR A 791 -14.19 -20.67 -20.04
C THR A 791 -13.57 -22.02 -19.67
N CYS A 792 -13.51 -22.92 -20.65
CA CYS A 792 -12.71 -24.13 -20.60
C CYS A 792 -11.22 -23.79 -20.66
N VAL A 793 -10.39 -24.43 -19.83
CA VAL A 793 -8.91 -24.35 -19.98
C VAL A 793 -8.39 -25.60 -20.70
N GLY A 794 -9.25 -26.60 -20.89
CA GLY A 794 -8.90 -27.84 -21.56
C GLY A 794 -10.14 -28.70 -21.77
N PRO A 795 -9.99 -29.85 -22.43
CA PRO A 795 -8.71 -30.34 -22.94
C PRO A 795 -8.41 -29.88 -24.38
N GLY A 796 -7.18 -29.41 -24.62
CA GLY A 796 -6.61 -29.18 -25.96
C GLY A 796 -7.58 -28.51 -26.94
N ALA A 797 -8.45 -29.34 -27.55
CA ALA A 797 -9.50 -28.92 -28.51
C ALA A 797 -10.24 -27.66 -28.01
N HIS A 798 -10.83 -27.76 -26.80
CA HIS A 798 -11.79 -26.80 -26.29
C HIS A 798 -11.11 -25.67 -25.48
N LYS A 799 -9.77 -25.66 -25.42
CA LYS A 799 -9.03 -24.64 -24.64
C LYS A 799 -9.41 -23.23 -25.13
N GLY A 800 -9.81 -22.36 -24.19
CA GLY A 800 -10.10 -20.95 -24.47
C GLY A 800 -11.54 -20.71 -24.88
N GLN A 801 -12.30 -21.79 -25.09
CA GLN A 801 -13.70 -21.75 -25.53
C GLN A 801 -14.64 -21.49 -24.33
N SER A 802 -15.67 -20.68 -24.56
CA SER A 802 -16.76 -20.47 -23.61
C SER A 802 -17.51 -21.79 -23.40
N VAL A 803 -17.95 -22.09 -22.17
CA VAL A 803 -18.67 -23.36 -21.92
C VAL A 803 -20.11 -23.20 -22.40
N ILE A 804 -20.62 -21.96 -22.42
CA ILE A 804 -21.95 -21.70 -22.95
C ILE A 804 -22.03 -22.21 -24.41
N SER A 805 -20.93 -22.12 -25.17
CA SER A 805 -20.91 -22.43 -26.64
C SER A 805 -20.52 -23.90 -26.92
N LEU A 806 -20.27 -24.67 -25.87
CA LEU A 806 -19.66 -25.97 -25.95
C LEU A 806 -20.68 -27.02 -26.38
N ASP A 807 -20.38 -27.75 -27.46
CA ASP A 807 -21.22 -28.86 -27.94
C ASP A 807 -20.61 -30.18 -27.48
N LEU A 808 -21.35 -30.94 -26.65
CA LEU A 808 -20.84 -32.19 -26.07
C LEU A 808 -21.66 -33.40 -26.56
N TYR A 809 -22.18 -33.31 -27.78
CA TYR A 809 -23.00 -34.39 -28.35
C TYR A 809 -22.18 -35.70 -28.43
N THR A 810 -20.86 -35.60 -28.62
CA THR A 810 -20.00 -36.78 -28.79
C THR A 810 -19.94 -37.62 -27.49
N CYS A 811 -20.37 -37.04 -26.37
CA CYS A 811 -20.48 -37.74 -25.08
C CYS A 811 -21.77 -38.59 -25.00
N GLU A 812 -22.58 -38.63 -26.07
CA GLU A 812 -23.97 -39.14 -26.03
C GLU A 812 -24.35 -40.00 -27.23
N LEU A 813 -23.40 -40.70 -27.85
CA LEU A 813 -23.68 -41.34 -29.17
C LEU A 813 -24.47 -42.64 -29.01
N ALA B 5 27.51 -30.68 -19.33
CA ALA B 5 28.79 -30.57 -18.59
C ALA B 5 28.83 -31.64 -17.49
N ARG B 6 27.75 -31.72 -16.69
CA ARG B 6 27.61 -32.73 -15.60
C ARG B 6 27.29 -34.10 -16.19
N TRP B 7 27.99 -35.13 -15.71
CA TRP B 7 27.86 -36.50 -16.19
C TRP B 7 26.66 -37.20 -15.52
N PHE B 8 26.45 -36.97 -14.22
CA PHE B 8 25.34 -37.58 -13.47
C PHE B 8 24.43 -36.50 -12.90
N PRO B 9 23.13 -36.46 -13.30
CA PRO B 9 22.21 -35.40 -12.87
C PRO B 9 21.96 -35.47 -11.37
N LYS B 10 22.00 -34.30 -10.72
CA LYS B 10 21.80 -34.21 -9.28
C LYS B 10 20.30 -34.24 -9.01
N THR B 11 19.85 -35.32 -8.39
CA THR B 11 18.44 -35.61 -8.26
C THR B 11 17.98 -35.35 -6.82
N LEU B 12 18.92 -35.38 -5.87
CA LEU B 12 18.64 -35.14 -4.47
C LEU B 12 18.06 -33.74 -4.28
N PRO B 13 16.92 -33.62 -3.55
CA PRO B 13 16.28 -32.31 -3.37
C PRO B 13 16.89 -31.45 -2.25
N CYS B 14 18.20 -31.52 -2.06
CA CYS B 14 18.91 -30.76 -1.04
C CYS B 14 20.12 -30.07 -1.66
N ASP B 15 20.47 -28.89 -1.15
CA ASP B 15 21.68 -28.19 -1.57
C ASP B 15 22.88 -28.90 -0.93
N VAL B 16 23.85 -29.27 -1.75
CA VAL B 16 25.06 -29.97 -1.30
C VAL B 16 26.26 -29.03 -1.54
N THR B 17 27.04 -28.78 -0.49
CA THR B 17 28.21 -27.92 -0.54
C THR B 17 29.41 -28.76 -0.10
N LEU B 18 30.60 -28.41 -0.61
CA LEU B 18 31.88 -28.93 -0.15
C LEU B 18 32.68 -27.78 0.46
N ASP B 19 33.34 -28.08 1.58
CA ASP B 19 34.41 -27.25 2.13
C ASP B 19 35.58 -28.19 2.47
N VAL B 20 36.36 -28.56 1.45
CA VAL B 20 37.36 -29.63 1.56
C VAL B 20 38.49 -29.20 2.52
N SER B 21 38.62 -27.88 2.74
CA SER B 21 39.46 -27.31 3.80
C SER B 21 39.04 -27.87 5.17
N LYS B 22 37.90 -27.41 5.69
CA LYS B 22 37.37 -27.82 7.02
C LYS B 22 36.73 -29.22 6.93
N ASN B 23 36.85 -29.89 5.77
CA ASN B 23 36.60 -31.32 5.63
C ASN B 23 35.11 -31.63 5.81
N HIS B 24 34.23 -30.68 5.42
CA HIS B 24 32.78 -30.77 5.62
C HIS B 24 32.04 -31.04 4.29
N VAL B 25 31.10 -31.99 4.34
CA VAL B 25 30.14 -32.24 3.28
C VAL B 25 28.76 -31.84 3.82
N ILE B 26 28.27 -30.68 3.37
CA ILE B 26 27.12 -29.99 3.93
C ILE B 26 25.88 -30.22 3.05
N VAL B 27 24.90 -30.93 3.60
CA VAL B 27 23.68 -31.25 2.91
C VAL B 27 22.51 -30.52 3.60
N ASP B 28 21.96 -29.52 2.91
CA ASP B 28 20.89 -28.66 3.45
C ASP B 28 19.57 -28.94 2.75
N CYS B 29 18.67 -29.65 3.43
CA CYS B 29 17.32 -29.92 2.97
C CYS B 29 16.29 -29.06 3.72
N THR B 30 16.64 -27.81 4.05
CA THR B 30 15.73 -26.96 4.79
C THR B 30 14.47 -26.74 3.94
N ASP B 31 13.29 -27.08 4.47
CA ASP B 31 12.00 -26.65 3.92
C ASP B 31 11.85 -27.17 2.47
N LYS B 32 11.83 -28.50 2.32
CA LYS B 32 11.71 -29.11 1.01
C LYS B 32 10.50 -30.04 0.96
N HIS B 33 9.55 -29.82 1.87
CA HIS B 33 8.28 -30.54 1.82
C HIS B 33 8.53 -32.04 1.84
N LEU B 34 9.52 -32.46 2.63
CA LEU B 34 9.87 -33.86 2.75
C LEU B 34 8.99 -34.50 3.82
N THR B 35 8.52 -35.74 3.53
CA THR B 35 7.88 -36.64 4.49
C THR B 35 8.79 -37.82 4.84
N GLU B 36 9.94 -37.94 4.17
CA GLU B 36 10.93 -39.01 4.38
C GLU B 36 12.32 -38.39 4.40
N ILE B 37 13.29 -39.02 5.07
CA ILE B 37 14.67 -38.66 4.76
C ILE B 37 14.94 -39.13 3.34
N PRO B 38 15.44 -38.26 2.43
CA PRO B 38 15.67 -38.66 1.05
C PRO B 38 16.74 -39.77 0.99
N GLY B 39 16.54 -40.71 0.06
CA GLY B 39 17.56 -41.68 -0.31
C GLY B 39 18.70 -40.98 -1.04
N GLY B 40 19.90 -41.56 -0.95
CA GLY B 40 21.03 -41.16 -1.77
C GLY B 40 21.76 -39.95 -1.24
N ILE B 41 21.67 -39.71 0.09
CA ILE B 41 22.45 -38.64 0.73
C ILE B 41 23.91 -39.09 0.71
N PRO B 42 24.87 -38.21 0.35
CA PRO B 42 26.28 -38.61 0.30
C PRO B 42 26.75 -39.28 1.60
N THR B 43 27.57 -40.31 1.46
CA THR B 43 28.07 -41.11 2.56
C THR B 43 29.08 -40.32 3.38
N ASN B 44 29.77 -39.36 2.75
CA ASN B 44 30.76 -38.48 3.40
C ASN B 44 30.08 -37.28 4.09
N THR B 45 28.73 -37.26 4.17
CA THR B 45 27.97 -36.12 4.71
C THR B 45 28.36 -35.87 6.17
N THR B 46 28.72 -34.62 6.49
CA THR B 46 29.11 -34.26 7.85
C THR B 46 28.03 -33.40 8.52
N ASN B 47 27.50 -32.39 7.83
CA ASN B 47 26.40 -31.52 8.36
C ASN B 47 25.10 -31.73 7.56
N LEU B 48 24.09 -32.33 8.19
CA LEU B 48 22.82 -32.64 7.57
C LEU B 48 21.70 -31.83 8.23
N THR B 49 21.06 -30.94 7.46
CA THR B 49 19.97 -30.08 7.96
C THR B 49 18.64 -30.50 7.34
N LEU B 50 17.66 -30.83 8.19
CA LEU B 50 16.33 -31.28 7.76
C LEU B 50 15.23 -30.42 8.41
N THR B 51 15.58 -29.20 8.83
CA THR B 51 14.66 -28.24 9.46
C THR B 51 13.45 -27.99 8.54
N ILE B 52 12.27 -27.92 9.15
CA ILE B 52 11.03 -27.54 8.50
C ILE B 52 10.71 -28.54 7.38
N ASN B 53 10.33 -29.76 7.79
CA ASN B 53 9.82 -30.76 6.93
C ASN B 53 8.77 -31.48 7.77
N HIS B 54 8.22 -32.58 7.26
CA HIS B 54 7.17 -33.30 7.93
C HIS B 54 7.57 -34.78 8.05
N ILE B 55 8.85 -35.00 8.39
CA ILE B 55 9.37 -36.35 8.56
C ILE B 55 8.87 -36.87 9.90
N PRO B 56 8.02 -37.93 9.92
CA PRO B 56 7.28 -38.31 11.12
C PRO B 56 8.09 -39.13 12.14
N ASP B 57 9.27 -39.61 11.75
CA ASP B 57 10.07 -40.46 12.62
C ASP B 57 11.55 -40.51 12.21
N ILE B 58 12.36 -40.81 13.22
CA ILE B 58 13.75 -41.15 13.12
C ILE B 58 13.92 -42.59 13.61
N SER B 59 14.83 -43.33 12.96
CA SER B 59 15.11 -44.74 13.29
C SER B 59 16.55 -45.09 12.94
N PRO B 60 17.05 -46.30 13.27
CA PRO B 60 18.40 -46.69 12.86
C PRO B 60 18.61 -46.58 11.34
N ALA B 61 17.55 -46.79 10.55
CA ALA B 61 17.59 -46.65 9.08
C ALA B 61 17.89 -45.20 8.66
N SER B 62 17.40 -44.22 9.43
CA SER B 62 17.50 -42.78 9.10
C SER B 62 18.92 -42.39 8.71
N PHE B 63 19.91 -42.80 9.51
CA PHE B 63 21.29 -42.35 9.33
C PHE B 63 22.27 -43.54 9.17
N HIS B 64 21.75 -44.72 8.80
CA HIS B 64 22.50 -46.02 8.69
C HIS B 64 23.89 -45.81 8.09
N ARG B 65 23.97 -45.12 6.95
CA ARG B 65 25.19 -45.05 6.15
C ARG B 65 26.04 -43.83 6.51
N LEU B 66 25.48 -42.92 7.32
CA LEU B 66 25.96 -41.53 7.42
C LEU B 66 26.88 -41.36 8.62
N VAL B 67 27.87 -42.26 8.71
CA VAL B 67 28.58 -42.49 9.97
C VAL B 67 29.57 -41.35 10.26
N HIS B 68 29.77 -40.42 9.32
CA HIS B 68 30.75 -39.34 9.52
C HIS B 68 30.05 -38.03 9.92
N LEU B 69 28.74 -38.08 10.23
CA LEU B 69 27.93 -36.92 10.65
C LEU B 69 28.50 -36.30 11.92
N VAL B 70 28.83 -35.01 11.89
CA VAL B 70 29.19 -34.27 13.10
C VAL B 70 28.01 -33.42 13.58
N GLU B 71 27.04 -33.13 12.70
CA GLU B 71 25.91 -32.27 13.06
C GLU B 71 24.66 -32.73 12.33
N ILE B 72 23.60 -32.98 13.10
CA ILE B 72 22.29 -33.16 12.59
C ILE B 72 21.42 -31.99 13.08
N ASP B 73 20.81 -31.26 12.13
CA ASP B 73 19.80 -30.25 12.47
C ASP B 73 18.43 -30.75 12.01
N PHE B 74 17.66 -31.31 12.94
CA PHE B 74 16.34 -31.87 12.70
C PHE B 74 15.27 -31.07 13.47
N ARG B 75 15.32 -29.73 13.36
CA ARG B 75 14.35 -28.83 14.01
C ARG B 75 13.02 -28.80 13.25
N CYS B 76 11.93 -28.61 14.01
CA CYS B 76 10.65 -28.15 13.48
C CYS B 76 10.11 -29.10 12.39
N ASN B 77 10.15 -30.39 12.66
CA ASN B 77 9.42 -31.37 11.88
C ASN B 77 8.09 -31.69 12.56
N CYS B 78 7.89 -31.21 13.79
CA CYS B 78 6.58 -31.29 14.44
C CYS B 78 6.46 -30.18 15.48
N VAL B 79 6.33 -28.94 15.02
CA VAL B 79 6.40 -27.84 15.95
C VAL B 79 5.09 -27.78 16.74
N PRO B 80 5.14 -27.41 18.04
CA PRO B 80 3.93 -27.32 18.86
C PRO B 80 2.84 -26.51 18.15
N ILE B 81 1.59 -26.88 18.42
CA ILE B 81 0.40 -26.39 17.73
C ILE B 81 0.42 -24.86 17.63
N ARG B 82 0.66 -24.16 18.75
CA ARG B 82 0.50 -22.71 18.84
C ARG B 82 1.64 -21.97 18.13
N LEU B 83 2.78 -22.65 17.94
CA LEU B 83 3.99 -22.06 17.36
C LEU B 83 4.04 -22.28 15.84
N GLY B 84 3.37 -23.34 15.37
CA GLY B 84 3.48 -23.79 13.99
C GLY B 84 2.32 -23.31 13.12
N SER B 85 2.38 -23.72 11.85
CA SER B 85 1.36 -23.49 10.84
C SER B 85 0.03 -24.06 11.33
N LYS B 86 -1.04 -23.27 11.20
CA LYS B 86 -2.41 -23.78 11.40
C LYS B 86 -2.97 -24.48 10.15
N SER B 87 -2.43 -24.19 8.96
CA SER B 87 -2.92 -24.86 7.72
C SER B 87 -2.25 -26.23 7.53
N ASN B 88 -1.17 -26.49 8.26
CA ASN B 88 -0.45 -27.77 8.20
C ASN B 88 0.06 -28.08 9.61
N MET B 89 -0.88 -28.35 10.53
CA MET B 89 -0.57 -28.75 11.89
C MET B 89 0.06 -30.14 11.82
N CYS B 90 1.21 -30.31 12.49
CA CYS B 90 1.76 -31.62 12.69
C CYS B 90 0.71 -32.48 13.42
N PRO B 91 0.30 -33.63 12.83
CA PRO B 91 -0.72 -34.48 13.45
C PRO B 91 -0.26 -35.25 14.70
N ARG B 92 0.99 -35.74 14.72
CA ARG B 92 1.50 -36.54 15.84
C ARG B 92 2.98 -36.27 16.06
N ARG B 93 3.43 -36.28 17.32
CA ARG B 93 4.81 -35.90 17.69
C ARG B 93 5.84 -36.79 16.98
N LEU B 94 7.03 -36.23 16.74
CA LEU B 94 8.16 -36.93 16.14
C LEU B 94 8.49 -38.17 16.99
N GLN B 95 8.68 -39.31 16.32
CA GLN B 95 8.95 -40.61 16.95
C GLN B 95 10.42 -40.98 16.74
N ILE B 96 11.18 -41.09 17.82
CA ILE B 96 12.59 -41.42 17.74
C ILE B 96 12.78 -42.84 18.27
N LYS B 97 13.15 -43.78 17.38
CA LYS B 97 13.29 -45.18 17.74
C LYS B 97 14.59 -45.37 18.54
N PRO B 98 14.66 -46.43 19.38
CA PRO B 98 15.92 -46.85 19.99
C PRO B 98 17.02 -47.02 18.93
N ARG B 99 18.24 -46.60 19.29
CA ARG B 99 19.48 -46.88 18.56
C ARG B 99 19.63 -45.95 17.34
N SER B 100 18.83 -44.88 17.27
CA SER B 100 18.86 -43.99 16.11
C SER B 100 20.16 -43.17 16.02
N PHE B 101 20.76 -42.84 17.16
CA PHE B 101 21.93 -41.95 17.15
C PHE B 101 23.20 -42.65 17.65
N SER B 102 23.06 -43.82 18.29
CA SER B 102 24.18 -44.47 19.00
C SER B 102 25.31 -44.87 18.04
N GLY B 103 25.00 -45.08 16.76
CA GLY B 103 25.99 -45.37 15.70
C GLY B 103 26.82 -44.17 15.25
N LEU B 104 26.41 -42.94 15.61
CA LEU B 104 27.05 -41.73 15.06
C LEU B 104 28.20 -41.30 15.96
N THR B 105 29.25 -42.10 15.92
CA THR B 105 30.41 -41.99 16.79
C THR B 105 30.99 -40.57 16.79
N TYR B 106 30.78 -39.79 15.72
CA TYR B 106 31.46 -38.49 15.53
C TYR B 106 30.50 -37.29 15.77
N LEU B 107 29.25 -37.57 16.16
CA LEU B 107 28.19 -36.54 16.22
C LEU B 107 28.47 -35.55 17.37
N LYS B 108 28.68 -34.28 17.04
CA LYS B 108 29.02 -33.23 17.99
C LYS B 108 27.82 -32.30 18.30
N SER B 109 26.82 -32.22 17.41
CA SER B 109 25.70 -31.25 17.55
C SER B 109 24.41 -31.92 17.10
N LEU B 110 23.40 -31.87 17.97
CA LEU B 110 22.10 -32.40 17.63
C LEU B 110 21.04 -31.36 18.03
N TYR B 111 20.35 -30.83 17.02
CA TYR B 111 19.23 -29.93 17.19
C TYR B 111 17.92 -30.70 16.95
N LEU B 112 17.10 -30.84 17.99
CA LEU B 112 15.81 -31.48 17.87
C LEU B 112 14.72 -30.56 18.40
N ASP B 113 14.94 -29.24 18.29
CA ASP B 113 13.98 -28.25 18.78
C ASP B 113 12.66 -28.40 18.00
N GLY B 114 11.54 -28.14 18.67
CA GLY B 114 10.26 -27.98 17.97
C GLY B 114 9.73 -29.26 17.33
N ASN B 115 9.74 -30.37 18.08
CA ASN B 115 9.31 -31.67 17.57
C ASN B 115 8.28 -32.32 18.50
N GLN B 116 7.90 -31.60 19.57
CA GLN B 116 6.86 -32.03 20.50
C GLN B 116 7.33 -33.28 21.28
N LEU B 117 8.66 -33.39 21.49
CA LEU B 117 9.23 -34.50 22.26
C LEU B 117 8.76 -34.39 23.72
N LEU B 118 8.53 -35.55 24.34
CA LEU B 118 8.07 -35.66 25.73
C LEU B 118 9.25 -35.89 26.68
N GLU B 119 10.36 -36.40 26.17
CA GLU B 119 11.51 -36.80 26.99
C GLU B 119 12.81 -36.42 26.27
N ILE B 120 13.88 -36.34 27.07
CA ILE B 120 15.21 -36.19 26.54
C ILE B 120 15.58 -37.50 25.86
N PRO B 121 15.88 -37.50 24.54
CA PRO B 121 16.10 -38.75 23.82
C PRO B 121 17.40 -39.39 24.34
N GLN B 122 17.38 -40.73 24.45
CA GLN B 122 18.48 -41.47 25.04
C GLN B 122 19.28 -42.14 23.92
N GLY B 123 20.38 -42.79 24.27
CA GLY B 123 21.21 -43.48 23.31
C GLY B 123 22.04 -42.50 22.48
N LEU B 124 22.29 -41.31 23.03
CA LEU B 124 23.10 -40.32 22.35
C LEU B 124 24.56 -40.70 22.54
N PRO B 125 25.42 -40.48 21.52
CA PRO B 125 26.84 -40.81 21.63
C PRO B 125 27.65 -39.85 22.50
N PRO B 126 28.74 -40.36 23.10
CA PRO B 126 29.54 -39.58 24.04
C PRO B 126 30.36 -38.46 23.39
N SER B 127 30.35 -38.36 22.06
CA SER B 127 31.01 -37.27 21.32
C SER B 127 30.23 -35.95 21.43
N LEU B 128 28.96 -36.01 21.83
CA LEU B 128 28.01 -34.86 21.73
C LEU B 128 28.44 -33.69 22.63
N GLN B 129 28.60 -32.51 22.03
CA GLN B 129 28.93 -31.27 22.75
C GLN B 129 27.72 -30.34 22.88
N LEU B 130 26.81 -30.36 21.89
CA LEU B 130 25.69 -29.42 21.87
C LEU B 130 24.41 -30.22 21.63
N LEU B 131 23.42 -30.01 22.52
CA LEU B 131 22.11 -30.61 22.38
C LEU B 131 21.05 -29.53 22.61
N SER B 132 20.08 -29.47 21.68
CA SER B 132 19.09 -28.42 21.63
C SER B 132 17.71 -29.06 21.55
N LEU B 133 16.86 -28.71 22.53
CA LEU B 133 15.58 -29.31 22.68
C LEU B 133 14.53 -28.22 22.96
N GLU B 134 14.76 -26.99 22.46
CA GLU B 134 13.80 -25.90 22.65
C GLU B 134 12.44 -26.30 22.03
N ALA B 135 11.37 -25.72 22.58
CA ALA B 135 10.05 -25.80 21.97
C ALA B 135 9.65 -27.26 21.77
N ASN B 136 9.97 -28.08 22.77
CA ASN B 136 9.43 -29.44 22.92
C ASN B 136 8.46 -29.43 24.11
N ASN B 137 8.05 -30.62 24.59
CA ASN B 137 7.18 -30.75 25.78
C ASN B 137 7.92 -31.57 26.87
N ILE B 138 9.11 -31.10 27.23
CA ILE B 138 9.94 -31.70 28.25
C ILE B 138 9.99 -30.72 29.43
N PHE B 139 9.27 -31.04 30.51
CA PHE B 139 9.14 -30.12 31.63
C PHE B 139 9.46 -30.81 32.97
N SER B 140 10.25 -31.89 32.92
CA SER B 140 10.77 -32.58 34.11
C SER B 140 12.12 -33.22 33.78
N ILE B 141 13.18 -32.71 34.43
CA ILE B 141 14.58 -33.04 34.20
C ILE B 141 15.09 -33.90 35.35
N ARG B 142 15.46 -35.14 35.04
CA ARG B 142 15.87 -36.13 36.01
C ARG B 142 17.33 -36.48 35.75
N LYS B 143 18.12 -36.59 36.83
CA LYS B 143 19.55 -36.85 36.79
C LYS B 143 19.86 -38.04 35.87
N GLU B 144 19.00 -39.06 35.96
CA GLU B 144 19.15 -40.33 35.28
C GLU B 144 19.17 -40.13 33.75
N GLN B 145 18.33 -39.21 33.25
CA GLN B 145 18.16 -38.94 31.82
C GLN B 145 19.35 -38.16 31.25
N LEU B 146 20.19 -37.61 32.13
CA LEU B 146 21.31 -36.75 31.76
C LEU B 146 22.67 -37.46 31.86
N THR B 147 22.72 -38.74 32.26
CA THR B 147 24.02 -39.44 32.42
C THR B 147 24.69 -39.56 31.03
N GLU B 148 23.89 -39.88 30.01
CA GLU B 148 24.40 -40.02 28.63
C GLU B 148 25.14 -38.75 28.16
N LEU B 149 24.87 -37.58 28.76
CA LEU B 149 25.45 -36.32 28.29
C LEU B 149 26.74 -35.96 29.01
N ALA B 150 27.59 -36.96 29.30
CA ALA B 150 28.79 -36.74 30.11
C ALA B 150 29.66 -35.62 29.53
N ASN B 151 29.78 -35.57 28.19
CA ASN B 151 30.74 -34.69 27.53
C ASN B 151 30.09 -33.39 27.06
N ILE B 152 28.83 -33.14 27.45
CA ILE B 152 28.05 -32.04 26.85
C ILE B 152 28.54 -30.68 27.37
N GLU B 153 28.61 -29.69 26.47
CA GLU B 153 29.06 -28.34 26.80
C GLU B 153 27.95 -27.29 26.64
N ILE B 154 26.97 -27.55 25.77
CA ILE B 154 25.91 -26.58 25.48
C ILE B 154 24.58 -27.33 25.51
N LEU B 155 23.67 -26.87 26.36
CA LEU B 155 22.38 -27.50 26.56
C LEU B 155 21.27 -26.42 26.54
N TYR B 156 20.39 -26.52 25.52
CA TYR B 156 19.26 -25.61 25.31
C TYR B 156 17.97 -26.35 25.63
N LEU B 157 17.28 -25.95 26.71
CA LEU B 157 16.08 -26.66 27.16
C LEU B 157 14.88 -25.73 27.26
N GLY B 158 14.99 -24.51 26.70
CA GLY B 158 13.97 -23.44 26.90
C GLY B 158 12.71 -23.66 26.07
N GLN B 159 11.70 -22.82 26.34
CA GLN B 159 10.44 -22.77 25.55
C GLN B 159 9.73 -24.13 25.56
N ASN B 160 9.91 -24.89 26.63
CA ASN B 160 9.20 -26.15 26.81
C ASN B 160 7.96 -25.98 27.70
N CYS B 161 7.80 -24.84 28.39
CA CYS B 161 6.59 -24.58 29.18
C CYS B 161 6.36 -23.08 29.39
N TYR B 162 5.60 -22.48 28.47
CA TYR B 162 5.24 -21.06 28.52
C TYR B 162 3.97 -20.84 27.71
N TYR B 163 3.46 -19.60 27.68
CA TYR B 163 2.11 -19.31 27.18
C TYR B 163 1.89 -19.83 25.75
N ARG B 164 2.92 -19.86 24.89
CA ARG B 164 2.78 -20.31 23.51
C ARG B 164 2.96 -21.83 23.41
N ASN B 165 3.36 -22.49 24.50
CA ASN B 165 3.66 -23.91 24.45
C ASN B 165 3.53 -24.45 25.85
N PRO B 166 2.30 -24.41 26.42
CA PRO B 166 2.09 -24.67 27.84
C PRO B 166 2.20 -26.15 28.25
N CYS B 167 2.62 -26.38 29.49
CA CYS B 167 2.68 -27.69 30.11
C CYS B 167 1.72 -27.78 31.30
N TYR B 168 1.20 -26.65 31.78
CA TYR B 168 0.14 -26.57 32.82
C TYR B 168 0.64 -27.06 34.19
N VAL B 169 1.96 -27.20 34.39
CA VAL B 169 2.54 -27.47 35.71
C VAL B 169 3.82 -26.64 35.84
N SER B 170 4.37 -26.60 37.04
CA SER B 170 5.70 -26.08 37.28
C SER B 170 6.73 -27.02 36.66
N TYR B 171 7.83 -26.44 36.16
CA TYR B 171 8.97 -27.18 35.69
C TYR B 171 9.60 -27.90 36.90
N SER B 172 10.10 -29.13 36.71
CA SER B 172 10.77 -29.91 37.76
C SER B 172 12.21 -30.20 37.35
N ILE B 173 13.13 -29.90 38.26
CA ILE B 173 14.52 -30.27 38.11
C ILE B 173 14.98 -30.97 39.39
N GLU B 174 15.40 -32.22 39.29
CA GLU B 174 15.93 -32.93 40.42
C GLU B 174 17.14 -32.18 40.98
N LYS B 175 17.25 -32.20 42.31
CA LYS B 175 18.44 -31.82 43.04
C LYS B 175 19.65 -32.37 42.28
N ASP B 176 20.60 -31.47 41.98
CA ASP B 176 21.95 -31.80 41.48
C ASP B 176 21.89 -32.43 40.08
N ALA B 177 20.75 -32.31 39.39
CA ALA B 177 20.54 -33.03 38.13
C ALA B 177 21.70 -32.76 37.16
N PHE B 178 22.25 -31.55 37.16
CA PHE B 178 23.26 -31.13 36.18
C PHE B 178 24.68 -31.17 36.72
N LEU B 179 24.88 -31.48 38.02
CA LEU B 179 26.21 -31.33 38.69
C LEU B 179 27.27 -32.23 38.04
N ASN B 180 26.87 -33.46 37.66
CA ASN B 180 27.82 -34.45 37.10
C ASN B 180 28.16 -34.17 35.62
N LEU B 181 27.61 -33.10 35.03
CA LEU B 181 27.98 -32.67 33.68
C LEU B 181 29.17 -31.72 33.79
N THR B 182 30.37 -32.30 33.90
CA THR B 182 31.56 -31.60 34.34
C THR B 182 32.18 -30.75 33.22
N LYS B 183 31.61 -30.79 32.01
CA LYS B 183 32.11 -29.93 30.90
C LYS B 183 31.08 -28.86 30.48
N LEU B 184 29.91 -28.82 31.12
CA LEU B 184 28.77 -27.95 30.76
C LEU B 184 29.18 -26.47 30.89
N LYS B 185 29.06 -25.71 29.79
CA LYS B 185 29.44 -24.31 29.74
C LYS B 185 28.18 -23.42 29.66
N VAL B 186 27.20 -23.82 28.84
CA VAL B 186 26.01 -23.02 28.57
C VAL B 186 24.77 -23.84 28.92
N LEU B 187 23.96 -23.31 29.85
CA LEU B 187 22.67 -23.90 30.22
C LEU B 187 21.58 -22.83 30.05
N SER B 188 20.55 -23.19 29.27
CA SER B 188 19.42 -22.30 28.97
C SER B 188 18.13 -22.99 29.38
N LEU B 189 17.43 -22.37 30.33
CA LEU B 189 16.20 -22.93 30.90
C LEU B 189 15.12 -21.84 30.89
N LYS B 190 15.23 -20.94 29.91
CA LYS B 190 14.35 -19.77 29.76
C LYS B 190 12.94 -20.21 29.34
N ASP B 191 11.94 -19.38 29.63
CA ASP B 191 10.61 -19.58 29.07
C ASP B 191 10.10 -20.99 29.42
N ASN B 192 10.23 -21.37 30.71
CA ASN B 192 10.01 -22.77 31.14
C ASN B 192 9.14 -22.90 32.40
N ASN B 193 8.70 -21.82 33.03
CA ASN B 193 7.84 -21.95 34.23
C ASN B 193 8.64 -22.58 35.40
N VAL B 194 9.95 -22.32 35.45
CA VAL B 194 10.81 -22.76 36.53
C VAL B 194 10.53 -21.91 37.78
N THR B 195 10.50 -22.54 38.97
CA THR B 195 10.16 -21.88 40.25
C THR B 195 11.38 -21.66 41.16
N THR B 196 12.48 -22.39 40.99
CA THR B 196 13.73 -22.06 41.73
C THR B 196 14.95 -22.27 40.84
N VAL B 197 16.01 -21.51 41.13
CA VAL B 197 17.31 -21.78 40.55
C VAL B 197 17.65 -23.22 40.89
N PRO B 198 17.89 -24.11 39.90
CA PRO B 198 18.24 -25.49 40.20
C PRO B 198 19.66 -25.49 40.79
N THR B 199 19.87 -26.30 41.82
CA THR B 199 21.18 -26.47 42.44
C THR B 199 21.42 -27.96 42.63
N VAL B 200 22.68 -28.38 42.73
CA VAL B 200 23.84 -27.53 42.50
C VAL B 200 24.22 -27.69 41.03
N LEU B 201 24.66 -26.58 40.43
CA LEU B 201 25.06 -26.54 39.02
C LEU B 201 26.57 -26.73 38.92
N PRO B 202 27.09 -27.22 37.77
CA PRO B 202 28.53 -27.38 37.61
C PRO B 202 29.28 -26.04 37.51
N SER B 203 30.48 -25.99 38.10
CA SER B 203 31.25 -24.75 38.24
C SER B 203 31.89 -24.34 36.91
N THR B 204 31.74 -25.21 35.90
CA THR B 204 32.31 -24.96 34.60
C THR B 204 31.40 -24.03 33.77
N LEU B 205 30.19 -23.71 34.24
CA LEU B 205 29.24 -22.81 33.52
C LEU B 205 29.86 -21.45 33.24
N THR B 206 29.74 -21.00 31.98
CA THR B 206 30.09 -19.64 31.56
C THR B 206 28.83 -18.78 31.32
N GLU B 207 27.72 -19.44 30.97
CA GLU B 207 26.48 -18.76 30.61
C GLU B 207 25.31 -19.52 31.23
N LEU B 208 24.44 -18.78 31.91
CA LEU B 208 23.27 -19.33 32.58
C LEU B 208 22.08 -18.41 32.29
N TYR B 209 21.05 -18.97 31.64
CA TYR B 209 19.84 -18.27 31.16
C TYR B 209 18.63 -18.86 31.87
N LEU B 210 18.03 -18.05 32.76
CA LEU B 210 16.89 -18.45 33.59
C LEU B 210 15.75 -17.45 33.41
N TYR B 211 15.70 -16.76 32.26
CA TYR B 211 14.79 -15.64 32.12
C TYR B 211 13.39 -16.14 31.72
N ASN B 212 12.39 -15.29 31.97
CA ASN B 212 10.98 -15.59 31.70
C ASN B 212 10.59 -16.90 32.37
N ASN B 213 10.70 -16.92 33.71
CA ASN B 213 10.32 -18.07 34.55
C ASN B 213 9.46 -17.54 35.71
N MET B 214 9.28 -18.36 36.76
CA MET B 214 8.41 -18.07 37.94
C MET B 214 9.27 -18.16 39.21
N ILE B 215 10.49 -17.63 39.12
CA ILE B 215 11.42 -17.63 40.24
C ILE B 215 11.14 -16.33 41.03
N ALA B 216 10.68 -16.47 42.28
CA ALA B 216 10.32 -15.32 43.13
C ALA B 216 11.50 -14.89 43.99
N GLU B 217 12.43 -15.84 44.24
CA GLU B 217 13.46 -15.66 45.23
C GLU B 217 14.75 -16.35 44.76
N ILE B 218 15.87 -15.61 44.86
CA ILE B 218 17.20 -16.14 44.78
C ILE B 218 17.71 -16.43 46.21
N GLN B 219 18.10 -17.69 46.46
CA GLN B 219 18.78 -18.09 47.70
C GLN B 219 20.21 -17.58 47.67
N GLU B 220 20.77 -17.23 48.84
CA GLU B 220 22.06 -16.54 48.90
C GLU B 220 23.17 -17.43 48.35
N ASP B 221 22.94 -18.75 48.26
CA ASP B 221 23.99 -19.68 47.83
C ASP B 221 23.62 -20.38 46.49
N ASP B 222 22.57 -19.90 45.83
CA ASP B 222 22.16 -20.42 44.52
C ASP B 222 23.31 -20.34 43.50
N PHE B 223 24.17 -19.31 43.55
CA PHE B 223 25.24 -19.10 42.54
C PHE B 223 26.64 -19.22 43.15
N ASN B 224 26.77 -20.03 44.20
CA ASN B 224 27.94 -20.09 45.09
C ASN B 224 29.21 -20.55 44.38
N ASN B 225 29.08 -21.60 43.56
CA ASN B 225 30.28 -22.28 43.06
C ASN B 225 30.57 -21.86 41.62
N LEU B 226 29.87 -20.83 41.11
CA LEU B 226 29.90 -20.51 39.70
C LEU B 226 30.97 -19.45 39.43
N ASN B 227 32.23 -19.81 39.71
CA ASN B 227 33.35 -18.87 39.67
C ASN B 227 33.84 -18.69 38.22
N GLN B 228 33.27 -19.41 37.25
CA GLN B 228 33.60 -19.22 35.82
C GLN B 228 32.48 -18.51 35.05
N LEU B 229 31.37 -18.16 35.72
CA LEU B 229 30.23 -17.56 35.02
C LEU B 229 30.58 -16.19 34.44
N GLN B 230 30.23 -16.00 33.16
CA GLN B 230 30.45 -14.75 32.46
C GLN B 230 29.11 -14.03 32.17
N ILE B 231 28.04 -14.81 31.95
CA ILE B 231 26.74 -14.29 31.56
C ILE B 231 25.68 -14.91 32.48
N LEU B 232 24.90 -14.04 33.13
CA LEU B 232 23.73 -14.44 33.93
C LEU B 232 22.52 -13.62 33.48
N ASP B 233 21.40 -14.32 33.19
CA ASP B 233 20.16 -13.66 32.82
C ASP B 233 19.03 -14.20 33.69
N LEU B 234 18.50 -13.32 34.57
CA LEU B 234 17.40 -13.64 35.48
C LEU B 234 16.17 -12.80 35.14
N SER B 235 16.18 -12.16 33.95
CA SER B 235 15.12 -11.24 33.49
C SER B 235 13.75 -11.94 33.48
N GLY B 236 12.69 -11.14 33.66
CA GLY B 236 11.32 -11.64 33.48
C GLY B 236 10.94 -12.66 34.55
N ASN B 237 11.54 -12.54 35.74
CA ASN B 237 11.06 -13.23 36.95
C ASN B 237 10.53 -12.13 37.87
N CYS B 238 9.23 -12.17 38.15
CA CYS B 238 8.51 -10.98 38.72
C CYS B 238 8.52 -9.85 37.69
N PRO B 239 7.86 -10.06 36.55
CA PRO B 239 7.85 -9.06 35.49
C PRO B 239 7.06 -7.78 35.82
N ARG B 240 7.54 -6.68 35.25
CA ARG B 240 6.77 -5.46 35.10
C ARG B 240 5.84 -5.62 33.89
N CYS B 241 4.53 -5.58 34.11
CA CYS B 241 3.56 -6.06 33.17
C CYS B 241 2.75 -4.95 32.49
N TYR B 242 2.99 -3.67 32.82
CA TYR B 242 2.23 -2.61 32.16
C TYR B 242 2.49 -2.63 30.64
N ASN B 243 1.39 -2.63 29.87
CA ASN B 243 1.39 -2.63 28.40
C ASN B 243 2.19 -3.79 27.81
N ALA B 244 2.27 -4.91 28.53
CA ALA B 244 2.96 -6.07 28.02
C ALA B 244 2.19 -6.63 26.83
N PRO B 245 2.86 -6.92 25.69
CA PRO B 245 2.19 -7.55 24.54
C PRO B 245 2.15 -9.08 24.59
N PHE B 246 2.43 -9.66 25.76
CA PHE B 246 2.24 -11.09 26.01
C PHE B 246 1.46 -11.21 27.32
N PRO B 247 0.81 -12.35 27.62
CA PRO B 247 0.21 -12.57 28.95
C PRO B 247 1.28 -12.50 30.04
N CYS B 248 1.06 -11.66 31.04
CA CYS B 248 2.07 -11.27 31.96
C CYS B 248 1.47 -11.34 33.36
N THR B 249 2.05 -12.21 34.19
CA THR B 249 1.67 -12.41 35.57
C THR B 249 2.77 -11.89 36.49
N PRO B 250 2.51 -10.77 37.22
CA PRO B 250 3.46 -10.25 38.19
C PRO B 250 3.53 -11.19 39.39
N CYS B 251 4.59 -11.07 40.19
CA CYS B 251 4.65 -11.69 41.52
C CYS B 251 3.62 -10.98 42.40
N LYS B 252 3.01 -11.74 43.33
CA LYS B 252 1.95 -11.18 44.15
C LYS B 252 2.58 -10.10 45.04
N ASN B 253 1.74 -9.18 45.54
CA ASN B 253 2.09 -8.12 46.52
C ASN B 253 3.04 -7.11 45.88
N ASN B 254 3.00 -6.94 44.55
CA ASN B 254 3.93 -6.09 43.78
C ASN B 254 5.40 -6.38 44.15
N SER B 255 5.70 -7.66 44.38
CA SER B 255 6.99 -8.02 44.90
C SER B 255 8.05 -7.90 43.79
N PRO B 256 9.29 -7.46 44.10
CA PRO B 256 10.43 -7.65 43.21
C PRO B 256 10.95 -9.10 43.26
N LEU B 257 11.75 -9.49 42.27
CA LEU B 257 12.55 -10.69 42.42
C LEU B 257 13.49 -10.40 43.58
N GLN B 258 13.53 -11.30 44.56
CA GLN B 258 14.28 -11.04 45.77
C GLN B 258 15.64 -11.72 45.67
N ILE B 259 16.67 -10.86 45.68
CA ILE B 259 18.06 -11.23 45.51
C ILE B 259 18.83 -10.74 46.74
N PRO B 260 19.29 -11.67 47.60
CA PRO B 260 20.11 -11.30 48.74
C PRO B 260 21.33 -10.51 48.25
N VAL B 261 21.85 -9.63 49.12
CA VAL B 261 22.88 -8.65 48.76
C VAL B 261 24.20 -9.35 48.41
N ASN B 262 24.39 -10.59 48.90
CA ASN B 262 25.63 -11.36 48.64
C ASN B 262 25.43 -12.49 47.63
N ALA B 263 24.37 -12.43 46.81
CA ALA B 263 24.04 -13.57 45.93
C ALA B 263 25.06 -13.72 44.80
N PHE B 264 25.76 -12.62 44.47
CA PHE B 264 26.67 -12.60 43.31
C PHE B 264 28.14 -12.67 43.74
N ASP B 265 28.41 -12.85 45.05
CA ASP B 265 29.79 -12.74 45.65
C ASP B 265 30.78 -13.67 44.93
N ALA B 266 30.32 -14.86 44.52
CA ALA B 266 31.16 -15.84 43.85
C ALA B 266 31.42 -15.51 42.36
N LEU B 267 30.71 -14.53 41.78
CA LEU B 267 30.69 -14.36 40.31
C LEU B 267 31.77 -13.38 39.88
N THR B 268 33.02 -13.71 40.21
CA THR B 268 34.19 -12.83 40.05
C THR B 268 34.41 -12.53 38.57
N GLU B 269 33.96 -13.46 37.71
CA GLU B 269 34.23 -13.44 36.27
C GLU B 269 33.05 -12.85 35.46
N LEU B 270 31.97 -12.41 36.13
CA LEU B 270 30.74 -11.98 35.45
C LEU B 270 30.98 -10.74 34.57
N LYS B 271 30.55 -10.84 33.31
CA LYS B 271 30.65 -9.75 32.30
C LYS B 271 29.26 -9.16 31.98
N VAL B 272 28.23 -10.02 31.91
CA VAL B 272 26.87 -9.60 31.58
C VAL B 272 25.92 -10.07 32.70
N LEU B 273 25.17 -9.11 33.25
CA LEU B 273 24.11 -9.38 34.19
C LEU B 273 22.82 -8.75 33.66
N ARG B 274 21.82 -9.58 33.37
CA ARG B 274 20.57 -9.09 32.84
C ARG B 274 19.47 -9.29 33.86
N LEU B 275 18.94 -8.17 34.36
CA LEU B 275 17.85 -8.08 35.31
C LEU B 275 16.75 -7.18 34.75
N HIS B 276 16.30 -7.51 33.54
CA HIS B 276 15.22 -6.84 32.82
C HIS B 276 13.90 -7.38 33.38
N SER B 277 12.97 -6.48 33.66
CA SER B 277 11.60 -6.90 34.02
C SER B 277 11.64 -7.85 35.22
N ASN B 278 12.17 -7.35 36.35
CA ASN B 278 12.18 -8.03 37.65
C ASN B 278 11.47 -7.18 38.74
N SER B 279 10.82 -6.09 38.34
CA SER B 279 10.07 -5.20 39.24
C SER B 279 10.95 -4.72 40.41
N LEU B 280 12.25 -4.50 40.14
CA LEU B 280 13.17 -4.00 41.14
C LEU B 280 12.86 -2.54 41.50
N GLN B 281 12.90 -2.24 42.80
CA GLN B 281 12.73 -0.87 43.32
C GLN B 281 14.06 -0.31 43.82
N HIS B 282 15.02 -1.20 44.09
CA HIS B 282 16.31 -0.86 44.70
C HIS B 282 17.39 -1.69 44.00
N VAL B 283 18.56 -1.09 43.81
CA VAL B 283 19.74 -1.80 43.35
C VAL B 283 20.80 -1.65 44.43
N PRO B 284 20.93 -2.62 45.35
CA PRO B 284 21.88 -2.50 46.46
C PRO B 284 23.33 -2.52 46.00
N PRO B 285 24.16 -1.51 46.36
CA PRO B 285 25.58 -1.50 46.01
C PRO B 285 26.31 -2.81 46.32
N ARG B 286 25.87 -3.46 47.40
CA ARG B 286 26.47 -4.65 47.96
C ARG B 286 26.48 -5.79 46.92
N TRP B 287 25.53 -5.79 45.96
CA TRP B 287 25.47 -6.79 44.85
C TRP B 287 26.82 -6.88 44.14
N PHE B 288 27.44 -5.71 43.91
CA PHE B 288 28.57 -5.59 42.96
C PHE B 288 29.93 -5.50 43.69
N LYS B 289 30.01 -6.01 44.92
CA LYS B 289 31.21 -5.84 45.75
C LYS B 289 32.39 -6.64 45.18
N ASN B 290 32.14 -7.86 44.67
CA ASN B 290 33.21 -8.74 44.13
C ASN B 290 33.09 -8.94 42.61
N ILE B 291 32.28 -8.09 41.95
CA ILE B 291 32.24 -8.07 40.50
C ILE B 291 32.87 -6.75 40.03
N ASN B 292 34.14 -6.82 39.62
CA ASN B 292 34.82 -5.64 39.16
C ASN B 292 34.98 -5.66 37.63
N ASN B 293 34.58 -6.77 36.99
CA ASN B 293 34.77 -6.97 35.54
C ASN B 293 33.46 -6.74 34.76
N LEU B 294 32.38 -6.30 35.43
CA LEU B 294 31.07 -6.27 34.79
C LEU B 294 31.10 -5.22 33.67
N GLN B 295 30.69 -5.64 32.47
CA GLN B 295 30.76 -4.82 31.26
C GLN B 295 29.37 -4.39 30.77
N GLU B 296 28.37 -5.25 30.95
CA GLU B 296 26.98 -4.99 30.50
C GLU B 296 25.98 -5.29 31.62
N LEU B 297 25.14 -4.30 31.89
CA LEU B 297 24.11 -4.37 32.92
C LEU B 297 22.77 -3.87 32.36
N ASP B 298 21.77 -4.77 32.29
CA ASP B 298 20.39 -4.44 31.83
C ASP B 298 19.45 -4.38 33.04
N LEU B 299 19.02 -3.15 33.39
CA LEU B 299 18.05 -2.94 34.47
C LEU B 299 16.76 -2.29 33.93
N SER B 300 16.45 -2.58 32.66
CA SER B 300 15.26 -2.07 32.00
C SER B 300 13.99 -2.79 32.50
N GLN B 301 12.86 -2.08 32.44
CA GLN B 301 11.51 -2.57 32.84
C GLN B 301 11.55 -2.98 34.32
N ASN B 302 11.94 -2.04 35.17
CA ASN B 302 11.85 -2.23 36.62
C ASN B 302 11.08 -1.01 37.16
N PHE B 303 11.15 -0.74 38.47
CA PHE B 303 10.59 0.48 39.04
C PHE B 303 11.72 1.25 39.75
N LEU B 304 12.70 1.70 38.97
CA LEU B 304 13.94 2.30 39.49
C LEU B 304 13.99 3.81 39.22
N ALA B 305 12.83 4.42 38.91
CA ALA B 305 12.75 5.87 38.74
C ALA B 305 13.50 6.61 39.86
N LYS B 306 13.10 6.41 41.13
CA LYS B 306 13.72 7.10 42.30
C LYS B 306 15.22 6.77 42.37
N GLU B 307 15.55 5.51 42.12
CA GLU B 307 16.89 4.98 42.30
C GLU B 307 17.85 5.68 41.33
N ILE B 308 17.38 6.02 40.14
CA ILE B 308 18.19 6.70 39.12
C ILE B 308 18.70 8.03 39.67
N GLY B 309 17.97 8.61 40.63
CA GLY B 309 18.34 9.91 41.23
C GLY B 309 19.40 9.78 42.33
N ASP B 310 19.87 8.56 42.59
CA ASP B 310 20.68 8.20 43.76
C ASP B 310 21.77 7.22 43.31
N ALA B 311 21.42 5.95 43.11
CA ALA B 311 22.22 4.99 42.31
C ALA B 311 23.65 4.88 42.84
N LYS B 312 23.80 4.67 44.15
CA LYS B 312 25.12 4.50 44.75
C LYS B 312 25.85 3.33 44.10
N PHE B 313 25.12 2.32 43.59
CA PHE B 313 25.73 1.10 43.04
C PHE B 313 26.69 1.41 41.88
N LEU B 314 26.48 2.53 41.19
CA LEU B 314 27.29 2.87 40.01
C LEU B 314 28.78 3.05 40.40
N HIS B 315 29.05 3.48 41.64
CA HIS B 315 30.43 3.67 42.15
C HIS B 315 31.24 2.35 42.07
N PHE B 316 30.56 1.20 41.95
CA PHE B 316 31.24 -0.09 41.95
C PHE B 316 31.36 -0.65 40.53
N LEU B 317 31.08 0.17 39.51
CA LEU B 317 31.04 -0.34 38.14
C LEU B 317 31.95 0.48 37.22
N PRO B 318 33.25 0.65 37.56
CA PRO B 318 34.13 1.46 36.74
C PRO B 318 34.49 0.79 35.38
N ASN B 319 34.23 -0.51 35.20
CA ASN B 319 34.58 -1.20 33.94
C ASN B 319 33.36 -1.38 33.01
N LEU B 320 32.21 -0.80 33.36
CA LEU B 320 30.96 -1.04 32.65
C LEU B 320 30.98 -0.31 31.30
N ILE B 321 30.67 -1.05 30.23
CA ILE B 321 30.59 -0.53 28.87
C ILE B 321 29.15 -0.07 28.56
N GLN B 322 28.16 -0.92 28.90
CA GLN B 322 26.72 -0.72 28.57
C GLN B 322 25.87 -0.71 29.84
N LEU B 323 25.06 0.31 29.98
CA LEU B 323 24.06 0.44 31.08
C LEU B 323 22.69 0.73 30.44
N ASP B 324 21.68 -0.08 30.79
CA ASP B 324 20.33 0.14 30.30
C ASP B 324 19.37 0.30 31.48
N LEU B 325 18.77 1.50 31.59
CA LEU B 325 17.78 1.83 32.63
C LEU B 325 16.42 2.25 32.02
N SER B 326 16.11 1.72 30.83
CA SER B 326 14.91 2.09 30.09
C SER B 326 13.66 1.50 30.77
N PHE B 327 12.55 2.26 30.70
CA PHE B 327 11.22 1.87 31.13
C PHE B 327 11.24 1.56 32.64
N ASN B 328 11.55 2.59 33.43
CA ASN B 328 11.54 2.52 34.89
C ASN B 328 10.57 3.55 35.50
N PHE B 329 9.76 4.21 34.68
CA PHE B 329 8.88 5.29 35.14
C PHE B 329 7.83 4.74 36.11
N GLU B 330 7.44 5.57 37.07
CA GLU B 330 6.29 5.24 37.90
C GLU B 330 5.01 5.46 37.08
N LEU B 331 4.12 4.46 37.11
CA LEU B 331 2.83 4.57 36.44
C LEU B 331 2.12 5.82 37.00
N GLN B 332 1.55 6.61 36.09
CA GLN B 332 0.66 7.76 36.39
C GLN B 332 1.47 9.00 36.82
N VAL B 333 2.77 9.03 36.50
CA VAL B 333 3.61 10.16 36.87
C VAL B 333 4.34 10.67 35.62
N TYR B 334 4.31 12.00 35.48
CA TYR B 334 4.93 12.71 34.39
C TYR B 334 5.88 13.75 34.99
N ARG B 335 7.12 13.35 35.26
CA ARG B 335 8.10 14.20 35.92
C ARG B 335 8.40 15.43 35.07
N ALA B 336 8.74 16.53 35.74
CA ALA B 336 9.12 17.76 35.06
C ALA B 336 10.51 17.62 34.44
N SER B 337 11.37 16.79 35.05
CA SER B 337 12.82 16.80 34.80
C SER B 337 13.39 15.38 34.87
N MET B 338 14.60 15.17 34.34
CA MET B 338 15.37 13.98 34.63
C MET B 338 16.38 14.27 35.75
N ASN B 339 16.28 13.48 36.83
CA ASN B 339 17.19 13.54 37.99
C ASN B 339 18.19 12.40 37.83
N LEU B 340 19.34 12.67 37.21
CA LEU B 340 20.44 11.70 37.13
C LEU B 340 21.40 11.95 38.31
N SER B 341 21.71 10.90 39.07
CA SER B 341 22.65 10.98 40.19
C SER B 341 24.04 11.40 39.70
N GLN B 342 24.79 12.11 40.58
CA GLN B 342 26.19 12.42 40.31
C GLN B 342 27.01 11.12 40.15
N ALA B 343 26.51 10.01 40.72
CA ALA B 343 27.21 8.72 40.64
C ALA B 343 27.42 8.26 39.19
N PHE B 344 26.61 8.78 38.26
CA PHE B 344 26.81 8.46 36.84
C PHE B 344 28.24 8.85 36.40
N SER B 345 28.83 9.89 37.02
CA SER B 345 30.15 10.43 36.62
C SER B 345 31.30 9.47 36.97
N SER B 346 31.03 8.39 37.73
CA SER B 346 32.07 7.40 38.06
C SER B 346 32.07 6.26 37.03
N LEU B 347 31.20 6.31 36.04
CA LEU B 347 31.11 5.25 35.02
C LEU B 347 32.16 5.50 33.93
N LYS B 348 33.43 5.38 34.34
CA LYS B 348 34.63 5.77 33.57
C LYS B 348 34.66 5.11 32.19
N SER B 349 34.26 3.83 32.10
CA SER B 349 34.41 3.04 30.84
C SER B 349 33.16 3.10 29.94
N LEU B 350 32.10 3.80 30.37
CA LEU B 350 30.77 3.70 29.72
C LEU B 350 30.80 4.21 28.27
N LYS B 351 30.43 3.33 27.34
CA LYS B 351 30.25 3.64 25.93
C LYS B 351 28.77 3.86 25.59
N ILE B 352 27.86 3.14 26.26
CA ILE B 352 26.44 3.14 25.89
C ILE B 352 25.58 3.30 27.14
N LEU B 353 24.75 4.35 27.16
CA LEU B 353 23.77 4.57 28.21
C LEU B 353 22.39 4.72 27.56
N ARG B 354 21.45 3.85 27.94
CA ARG B 354 20.07 3.91 27.46
C ARG B 354 19.12 4.17 28.63
N ILE B 355 18.31 5.21 28.52
CA ILE B 355 17.27 5.54 29.47
C ILE B 355 16.04 6.00 28.68
N ARG B 356 15.47 5.06 27.91
CA ARG B 356 14.14 5.22 27.35
C ARG B 356 13.13 5.13 28.50
N GLY B 357 11.95 5.72 28.30
CA GLY B 357 10.81 5.49 29.16
C GLY B 357 11.06 5.86 30.61
N TYR B 358 11.75 6.98 30.83
CA TYR B 358 11.84 7.62 32.14
C TYR B 358 10.62 8.54 32.32
N VAL B 359 10.23 9.20 31.22
CA VAL B 359 8.96 9.94 31.05
C VAL B 359 9.02 11.27 31.81
N PHE B 360 9.47 12.33 31.10
CA PHE B 360 9.65 13.64 31.70
C PHE B 360 9.42 14.74 30.67
N LYS B 361 9.08 15.94 31.14
CA LYS B 361 8.54 17.02 30.29
C LYS B 361 9.68 17.80 29.62
N GLU B 362 10.77 18.04 30.34
CA GLU B 362 11.74 19.05 29.91
C GLU B 362 13.14 18.51 30.16
N LEU B 363 13.94 18.47 29.10
CA LEU B 363 15.34 18.17 29.21
C LEU B 363 16.14 19.49 29.16
N LYS B 364 17.03 19.66 30.14
CA LYS B 364 17.88 20.85 30.26
C LYS B 364 19.34 20.42 30.36
N SER B 365 20.23 21.29 29.92
CA SER B 365 21.66 21.03 29.82
C SER B 365 22.24 20.44 31.12
N PHE B 366 21.88 21.03 32.26
CA PHE B 366 22.52 20.71 33.55
C PHE B 366 22.21 19.25 33.92
N GLN B 367 21.00 18.77 33.60
CA GLN B 367 20.53 17.44 33.98
C GLN B 367 21.48 16.34 33.47
N LEU B 368 22.26 16.64 32.43
CA LEU B 368 23.19 15.64 31.83
C LEU B 368 24.63 15.85 32.33
N SER B 369 24.83 16.79 33.28
CA SER B 369 26.18 17.20 33.68
C SER B 369 26.97 16.01 34.22
N PRO B 370 26.33 15.02 34.91
CA PRO B 370 27.05 13.83 35.35
C PRO B 370 27.69 13.00 34.23
N LEU B 371 27.28 13.25 32.98
CA LEU B 371 27.82 12.53 31.83
C LEU B 371 29.00 13.30 31.20
N HIS B 372 29.22 14.57 31.59
CA HIS B 372 30.13 15.51 30.84
C HIS B 372 31.53 14.93 30.66
N ASN B 373 32.08 14.27 31.69
CA ASN B 373 33.49 13.81 31.63
C ASN B 373 33.56 12.29 31.45
N LEU B 374 32.53 11.67 30.86
CA LEU B 374 32.62 10.27 30.44
C LEU B 374 33.27 10.25 29.05
N GLN B 375 34.56 9.94 29.01
CA GLN B 375 35.38 10.19 27.83
C GLN B 375 35.00 9.19 26.72
N ASN B 376 34.53 7.99 27.07
CA ASN B 376 34.29 6.97 26.05
C ASN B 376 32.81 6.88 25.65
N LEU B 377 31.97 7.78 26.17
CA LEU B 377 30.54 7.73 25.87
C LEU B 377 30.33 7.86 24.35
N GLU B 378 29.65 6.88 23.77
CA GLU B 378 29.44 6.78 22.31
C GLU B 378 27.96 6.92 21.97
N VAL B 379 27.06 6.42 22.83
CA VAL B 379 25.63 6.45 22.58
C VAL B 379 24.89 6.97 23.82
N LEU B 380 24.07 8.00 23.63
CA LEU B 380 23.11 8.42 24.66
C LEU B 380 21.69 8.29 24.09
N ASP B 381 20.94 7.31 24.60
CA ASP B 381 19.60 7.04 24.12
C ASP B 381 18.54 7.54 25.11
N LEU B 382 17.86 8.64 24.77
CA LEU B 382 16.78 9.16 25.60
C LEU B 382 15.44 9.12 24.85
N GLY B 383 15.24 8.04 24.08
CA GLY B 383 14.03 7.85 23.28
C GLY B 383 12.82 7.54 24.14
N THR B 384 11.63 7.76 23.57
CA THR B 384 10.36 7.36 24.16
C THR B 384 10.30 7.90 25.59
N ASN B 385 10.41 9.23 25.72
CA ASN B 385 10.38 9.89 27.04
C ASN B 385 9.29 10.96 27.11
N PHE B 386 8.59 11.21 26.01
CA PHE B 386 7.50 12.21 25.96
C PHE B 386 8.05 13.58 26.38
N ILE B 387 9.29 13.87 25.96
CA ILE B 387 9.93 15.13 26.23
C ILE B 387 9.29 16.18 25.32
N LYS B 388 8.86 17.31 25.90
CA LYS B 388 8.20 18.40 25.17
C LYS B 388 9.21 19.49 24.80
N ILE B 389 10.26 19.69 25.60
CA ILE B 389 11.14 20.87 25.46
C ILE B 389 12.60 20.44 25.59
N ALA B 390 13.42 20.81 24.59
CA ALA B 390 14.85 20.58 24.64
C ALA B 390 15.60 21.58 23.75
N ASN B 391 16.47 22.38 24.37
CA ASN B 391 17.45 23.17 23.64
C ASN B 391 18.51 22.20 23.12
N LEU B 392 18.47 21.94 21.82
CA LEU B 392 19.32 20.97 21.16
C LEU B 392 20.79 21.40 21.25
N SER B 393 21.03 22.69 21.47
CA SER B 393 22.39 23.25 21.61
C SER B 393 23.14 22.61 22.79
N MET B 394 22.43 22.03 23.75
CA MET B 394 23.08 21.34 24.87
C MET B 394 24.03 20.24 24.35
N PHE B 395 23.79 19.71 23.14
CA PHE B 395 24.58 18.57 22.68
C PHE B 395 25.93 19.04 22.13
N LYS B 396 26.19 20.35 22.13
CA LYS B 396 27.52 20.91 21.79
C LYS B 396 28.58 20.38 22.78
N GLN B 397 28.15 19.98 23.98
CA GLN B 397 29.05 19.38 24.96
C GLN B 397 29.14 17.84 24.77
N PHE B 398 28.66 17.32 23.64
CA PHE B 398 28.65 15.88 23.39
C PHE B 398 29.10 15.58 21.95
N LYS B 399 30.02 16.40 21.43
CA LYS B 399 30.59 16.26 20.08
C LYS B 399 31.21 14.87 19.89
N ARG B 400 31.71 14.27 20.99
CA ARG B 400 32.45 13.01 20.92
C ARG B 400 31.52 11.81 20.69
N LEU B 401 30.20 12.01 20.82
CA LEU B 401 29.23 10.91 20.74
C LEU B 401 29.00 10.54 19.27
N LYS B 402 28.68 9.26 19.04
CA LYS B 402 28.36 8.72 17.74
C LYS B 402 26.86 8.84 17.44
N VAL B 403 26.04 8.72 18.49
CA VAL B 403 24.59 8.75 18.39
C VAL B 403 23.96 9.39 19.63
N ILE B 404 23.17 10.43 19.39
CA ILE B 404 22.27 11.02 20.34
C ILE B 404 20.85 10.70 19.88
N ASP B 405 20.13 9.88 20.66
CA ASP B 405 18.83 9.35 20.25
C ASP B 405 17.70 9.98 21.07
N LEU B 406 16.92 10.87 20.44
CA LEU B 406 15.74 11.53 21.03
C LEU B 406 14.47 11.12 20.28
N SER B 407 14.53 9.96 19.62
CA SER B 407 13.47 9.36 18.83
C SER B 407 12.22 9.08 19.70
N VAL B 408 11.04 9.38 19.17
CA VAL B 408 9.77 9.11 19.83
C VAL B 408 9.69 9.99 21.08
N ASN B 409 9.60 11.29 20.87
CA ASN B 409 9.36 12.20 21.95
C ASN B 409 8.26 13.15 21.47
N LYS B 410 8.06 14.25 22.20
CA LYS B 410 7.03 15.21 21.96
C LYS B 410 7.64 16.61 21.73
N ILE B 411 8.88 16.66 21.24
CA ILE B 411 9.58 17.93 21.11
C ILE B 411 8.92 18.80 20.03
N SER B 412 8.75 20.09 20.35
CA SER B 412 8.33 21.10 19.39
C SER B 412 8.85 22.48 19.79
N PRO B 413 8.85 23.47 18.89
CA PRO B 413 9.08 24.87 19.28
C PRO B 413 7.77 25.53 19.74
N VAL B 437 21.33 -0.29 15.81
CA VAL B 437 19.88 -0.15 15.55
C VAL B 437 19.13 -1.29 16.28
N LEU B 438 18.32 -0.94 17.29
CA LEU B 438 17.47 -1.90 18.05
C LEU B 438 16.14 -2.13 17.31
N GLU B 439 15.63 -3.37 17.36
CA GLU B 439 14.45 -3.82 16.58
C GLU B 439 13.22 -2.97 16.92
N GLN B 440 12.17 -3.08 16.08
CA GLN B 440 10.93 -2.27 16.17
C GLN B 440 10.20 -2.58 17.50
N LEU B 441 10.22 -3.85 17.90
CA LEU B 441 9.83 -4.33 19.24
C LEU B 441 11.13 -4.81 19.94
N TYR B 442 11.45 -4.23 21.11
CA TYR B 442 12.73 -4.51 21.79
C TYR B 442 12.55 -4.63 23.31
N TYR B 443 12.15 -3.53 23.96
CA TYR B 443 11.96 -3.47 25.38
C TYR B 443 10.65 -4.18 25.80
N PHE B 444 9.75 -4.37 24.83
CA PHE B 444 8.45 -4.94 25.18
C PHE B 444 8.26 -6.33 24.58
N ARG B 445 9.27 -6.96 23.97
CA ARG B 445 8.99 -8.32 23.52
C ARG B 445 9.32 -9.33 24.62
N TYR B 446 8.70 -10.49 24.50
CA TYR B 446 8.76 -11.56 25.48
C TYR B 446 10.21 -12.08 25.54
N ASP B 447 10.72 -12.53 24.39
CA ASP B 447 12.03 -13.15 24.33
C ASP B 447 12.71 -12.68 23.04
N LYS B 448 13.45 -11.58 23.15
CA LYS B 448 14.06 -10.96 22.00
C LYS B 448 15.21 -11.80 21.43
N TYR B 449 15.65 -12.85 22.15
CA TYR B 449 16.72 -13.75 21.68
C TYR B 449 16.15 -15.09 21.22
N ALA B 450 14.86 -15.20 20.97
CA ALA B 450 14.27 -16.49 20.56
C ALA B 450 14.73 -16.85 19.12
N ARG B 451 15.02 -18.13 18.94
CA ARG B 451 15.51 -18.71 17.71
C ARG B 451 14.33 -19.03 16.80
N SER B 452 14.51 -18.84 15.49
CA SER B 452 13.50 -19.20 14.47
C SER B 452 13.78 -20.64 13.98
N CYS B 453 12.75 -21.28 13.42
CA CYS B 453 12.93 -22.53 12.65
C CYS B 453 13.67 -22.21 11.35
N SER B 468 20.47 3.17 7.49
CA SER B 468 20.92 3.82 8.72
C SER B 468 22.16 4.68 8.45
N CYS B 469 22.29 5.80 9.16
CA CYS B 469 23.23 6.88 8.81
C CYS B 469 24.38 7.02 9.82
N TYR B 470 24.50 6.06 10.74
CA TYR B 470 25.46 6.18 11.83
C TYR B 470 26.90 6.25 11.26
N LYS B 471 27.15 5.51 10.18
CA LYS B 471 28.51 5.35 9.62
C LYS B 471 29.04 6.68 9.04
N TYR B 472 28.17 7.67 8.82
CA TYR B 472 28.62 8.97 8.34
C TYR B 472 29.26 9.79 9.49
N GLY B 473 29.06 9.37 10.75
CA GLY B 473 29.60 10.08 11.91
C GLY B 473 28.49 10.53 12.86
N GLN B 474 28.73 11.61 13.59
CA GLN B 474 27.84 12.05 14.65
C GLN B 474 26.40 12.17 14.13
N THR B 475 25.47 11.55 14.85
CA THR B 475 24.08 11.46 14.47
C THR B 475 23.20 11.99 15.63
N LEU B 476 22.36 12.98 15.31
CA LEU B 476 21.32 13.41 16.17
C LEU B 476 19.97 12.94 15.61
N ASP B 477 19.34 11.99 16.30
CA ASP B 477 18.09 11.36 15.86
C ASP B 477 16.91 12.06 16.55
N LEU B 478 16.19 12.90 15.79
CA LEU B 478 15.00 13.60 16.25
C LEU B 478 13.74 13.01 15.60
N SER B 479 13.84 11.79 15.06
CA SER B 479 12.70 11.16 14.37
C SER B 479 11.53 10.98 15.35
N LYS B 480 10.32 11.10 14.83
CA LYS B 480 9.10 10.87 15.56
C LYS B 480 9.07 11.83 16.74
N ASN B 481 9.05 13.11 16.41
CA ASN B 481 8.77 14.16 17.37
C ASN B 481 7.65 15.03 16.80
N SER B 482 7.38 16.16 17.43
CA SER B 482 6.31 17.06 17.01
C SER B 482 6.89 18.39 16.48
N ILE B 483 7.99 18.33 15.73
CA ILE B 483 8.62 19.57 15.22
C ILE B 483 7.86 20.02 13.96
N PHE B 484 7.08 21.10 14.08
CA PHE B 484 6.27 21.63 12.95
C PHE B 484 7.01 22.76 12.22
N PHE B 485 8.00 23.38 12.88
CA PHE B 485 8.73 24.51 12.31
C PHE B 485 10.18 24.50 12.79
N ILE B 486 11.11 24.77 11.87
CA ILE B 486 12.54 24.81 12.15
C ILE B 486 13.10 26.13 11.63
N LYS B 487 14.12 26.62 12.37
CA LYS B 487 14.91 27.78 11.96
C LYS B 487 16.37 27.50 12.35
N SER B 488 17.27 28.28 11.76
CA SER B 488 18.71 28.11 11.92
C SER B 488 19.13 28.09 13.39
N SER B 489 18.50 28.91 14.23
CA SER B 489 18.93 29.05 15.63
C SER B 489 18.73 27.73 16.40
N ASP B 490 17.77 26.90 15.96
CA ASP B 490 17.46 25.61 16.57
C ASP B 490 18.68 24.69 16.55
N PHE B 491 19.60 24.92 15.60
CA PHE B 491 20.79 24.09 15.38
C PHE B 491 22.09 24.82 15.76
N GLN B 492 21.97 25.91 16.53
CA GLN B 492 23.15 26.68 16.92
C GLN B 492 24.07 25.75 17.74
N HIS B 493 25.35 25.75 17.34
CA HIS B 493 26.43 25.06 18.02
C HIS B 493 26.43 23.56 17.67
N LEU B 494 25.73 23.15 16.61
CA LEU B 494 25.70 21.71 16.25
C LEU B 494 26.36 21.49 14.87
N SER B 495 27.40 22.26 14.57
CA SER B 495 28.04 22.28 13.27
C SER B 495 28.77 20.96 13.01
N PHE B 496 29.14 20.29 14.10
CA PHE B 496 29.87 19.02 14.03
C PHE B 496 29.01 17.88 13.49
N LEU B 497 27.68 18.04 13.45
CA LEU B 497 26.76 16.91 13.13
C LEU B 497 26.96 16.46 11.68
N LYS B 498 27.05 15.14 11.50
CA LYS B 498 27.22 14.49 10.22
C LYS B 498 25.88 13.98 9.68
N CYS B 499 24.97 13.55 10.56
CA CYS B 499 23.63 13.04 10.17
C CYS B 499 22.58 13.62 11.12
N LEU B 500 21.49 14.14 10.55
CA LEU B 500 20.34 14.58 11.32
C LEU B 500 19.12 13.80 10.83
N ASN B 501 18.34 13.26 11.77
CA ASN B 501 17.16 12.48 11.43
C ASN B 501 15.92 13.25 11.90
N LEU B 502 15.18 13.82 10.95
CA LEU B 502 13.95 14.56 11.24
C LEU B 502 12.73 13.77 10.74
N SER B 503 12.89 12.46 10.51
CA SER B 503 11.84 11.65 9.93
C SER B 503 10.64 11.66 10.87
N GLY B 504 9.44 11.73 10.30
CA GLY B 504 8.23 11.57 11.11
C GLY B 504 8.02 12.75 12.05
N ASN B 505 8.34 13.96 11.59
CA ASN B 505 7.95 15.17 12.27
C ASN B 505 6.76 15.78 11.52
N LEU B 506 6.45 17.07 11.79
CA LEU B 506 5.30 17.73 11.21
C LEU B 506 5.71 18.90 10.29
N ILE B 507 6.90 18.78 9.68
CA ILE B 507 7.49 19.97 9.04
C ILE B 507 6.80 20.19 7.69
N SER B 508 6.16 21.36 7.60
CA SER B 508 5.22 21.75 6.55
C SER B 508 5.66 23.05 5.84
N GLN B 509 6.87 23.54 6.14
CA GLN B 509 7.23 24.90 5.73
C GLN B 509 7.87 24.87 4.34
N THR B 510 7.82 26.05 3.70
CA THR B 510 8.48 26.31 2.43
C THR B 510 9.96 26.61 2.69
N LEU B 511 10.75 25.54 2.83
CA LEU B 511 12.20 25.63 3.00
C LEU B 511 12.79 26.52 1.89
N ASN B 512 13.51 27.57 2.29
CA ASN B 512 14.09 28.57 1.37
C ASN B 512 15.62 28.52 1.44
N GLY B 513 16.17 27.56 2.20
CA GLY B 513 17.61 27.37 2.36
C GLY B 513 18.22 28.18 3.51
N SER B 514 17.42 28.64 4.47
CA SER B 514 17.96 29.39 5.60
C SER B 514 17.85 28.59 6.91
N GLU B 515 17.23 27.40 6.87
CA GLU B 515 16.71 26.73 8.08
C GLU B 515 17.79 25.90 8.80
N PHE B 516 18.84 25.50 8.08
CA PHE B 516 19.83 24.56 8.60
C PHE B 516 21.25 25.15 8.53
N GLN B 517 21.36 26.49 8.68
CA GLN B 517 22.59 27.21 8.30
C GLN B 517 23.76 26.70 9.13
N PRO B 518 23.63 26.46 10.45
CA PRO B 518 24.76 25.97 11.25
C PRO B 518 25.34 24.61 10.87
N LEU B 519 24.56 23.77 10.15
CA LEU B 519 24.90 22.37 9.94
C LEU B 519 25.82 22.23 8.72
N ALA B 520 27.01 22.86 8.82
CA ALA B 520 27.94 23.01 7.68
C ALA B 520 28.63 21.69 7.34
N GLU B 521 28.59 20.71 8.24
CA GLU B 521 29.27 19.44 8.01
C GLU B 521 28.29 18.32 7.66
N LEU B 522 26.98 18.61 7.66
CA LEU B 522 25.96 17.55 7.56
C LEU B 522 26.10 16.80 6.23
N ARG B 523 26.24 15.48 6.32
CA ARG B 523 26.40 14.60 5.16
C ARG B 523 25.08 13.90 4.83
N TYR B 524 24.20 13.72 5.82
CA TYR B 524 23.00 12.91 5.68
C TYR B 524 21.87 13.60 6.43
N LEU B 525 20.81 13.93 5.69
CA LEU B 525 19.59 14.41 6.25
C LEU B 525 18.46 13.46 5.84
N ASP B 526 17.79 12.89 6.84
CA ASP B 526 16.55 12.17 6.65
C ASP B 526 15.40 13.12 7.01
N PHE B 527 14.66 13.54 5.97
CA PHE B 527 13.52 14.41 6.06
C PHE B 527 12.25 13.66 5.63
N SER B 528 12.26 12.33 5.69
CA SER B 528 11.11 11.53 5.26
C SER B 528 9.97 11.67 6.28
N ASN B 529 8.73 11.36 5.82
CA ASN B 529 7.51 11.43 6.63
C ASN B 529 7.40 12.81 7.27
N ASN B 530 7.62 13.86 6.47
CA ASN B 530 7.26 15.24 6.81
C ASN B 530 6.28 15.73 5.75
N ARG B 531 6.09 17.06 5.66
CA ARG B 531 5.22 17.65 4.66
C ARG B 531 5.97 18.72 3.88
N LEU B 532 7.08 18.31 3.26
CA LEU B 532 7.91 19.21 2.46
C LEU B 532 7.04 19.96 1.45
N ASP B 533 7.23 21.29 1.41
CA ASP B 533 6.64 22.16 0.40
C ASP B 533 7.79 22.77 -0.43
N LEU B 534 7.98 22.21 -1.63
CA LEU B 534 9.03 22.61 -2.56
C LEU B 534 8.57 23.83 -3.38
N LEU B 535 8.17 24.90 -2.70
CA LEU B 535 7.88 26.13 -3.38
C LEU B 535 9.19 26.74 -3.91
N HIS B 536 10.28 26.67 -3.13
CA HIS B 536 11.53 27.38 -3.44
C HIS B 536 12.58 26.38 -3.92
N SER B 537 13.26 26.70 -5.03
CA SER B 537 14.30 25.81 -5.57
C SER B 537 15.61 25.94 -4.78
N THR B 538 15.62 26.81 -3.77
CA THR B 538 16.74 27.04 -2.86
C THR B 538 16.67 26.13 -1.62
N ALA B 539 15.62 25.30 -1.53
CA ALA B 539 15.46 24.39 -0.40
C ALA B 539 16.71 23.51 -0.23
N PHE B 540 17.22 23.44 1.01
CA PHE B 540 18.33 22.54 1.40
C PHE B 540 19.72 23.04 0.96
N GLU B 541 19.79 24.15 0.22
CA GLU B 541 21.09 24.54 -0.41
C GLU B 541 22.14 24.95 0.63
N GLU B 542 21.73 25.33 1.84
CA GLU B 542 22.69 25.68 2.92
C GLU B 542 23.49 24.45 3.37
N LEU B 543 23.03 23.24 3.06
CA LEU B 543 23.76 22.02 3.46
C LEU B 543 24.79 21.67 2.38
N ARG B 544 25.92 22.38 2.43
CA ARG B 544 26.87 22.40 1.33
C ARG B 544 27.61 21.06 1.24
N LYS B 545 27.66 20.28 2.32
CA LYS B 545 28.35 19.00 2.29
C LYS B 545 27.37 17.81 2.24
N LEU B 546 26.09 18.08 1.92
CA LEU B 546 25.06 17.03 1.92
C LEU B 546 25.32 16.00 0.82
N GLU B 547 25.46 14.72 1.22
CA GLU B 547 25.68 13.62 0.30
C GLU B 547 24.40 12.77 0.09
N VAL B 548 23.56 12.67 1.12
CA VAL B 548 22.34 11.89 1.04
C VAL B 548 21.18 12.73 1.59
N LEU B 549 20.16 12.94 0.74
CA LEU B 549 18.91 13.60 1.10
C LEU B 549 17.76 12.61 0.91
N ASP B 550 17.02 12.33 1.99
CA ASP B 550 15.82 11.53 1.91
C ASP B 550 14.62 12.44 2.14
N ILE B 551 13.83 12.66 1.07
CA ILE B 551 12.57 13.41 1.20
C ILE B 551 11.39 12.51 0.79
N SER B 552 11.53 11.19 0.99
CA SER B 552 10.47 10.22 0.73
C SER B 552 9.27 10.43 1.67
N SER B 553 8.10 9.98 1.21
CA SER B 553 6.88 10.05 1.98
C SER B 553 6.65 11.49 2.48
N ASN B 554 6.79 12.45 1.56
CA ASN B 554 6.41 13.84 1.78
C ASN B 554 5.33 14.21 0.75
N SER B 555 4.33 13.34 0.61
CA SER B 555 3.40 13.36 -0.52
C SER B 555 2.34 14.45 -0.36
N HIS B 556 2.17 14.97 0.86
CA HIS B 556 1.03 15.80 1.22
C HIS B 556 0.73 16.88 0.16
N TYR B 557 1.70 17.77 -0.10
CA TYR B 557 1.45 18.94 -0.93
C TYR B 557 1.44 18.57 -2.42
N PHE B 558 1.96 17.38 -2.77
CA PHE B 558 1.94 16.89 -4.14
C PHE B 558 0.56 16.35 -4.51
N GLN B 559 -0.36 16.27 -3.55
CA GLN B 559 -1.65 15.61 -3.74
C GLN B 559 -2.75 16.62 -4.15
N SER B 560 -2.48 17.94 -4.06
CA SER B 560 -3.46 18.95 -4.38
C SER B 560 -3.01 19.74 -5.61
N GLU B 561 -3.95 19.94 -6.55
CA GLU B 561 -3.70 20.64 -7.80
C GLU B 561 -3.36 22.12 -7.56
N GLY B 562 -2.55 22.67 -8.45
CA GLY B 562 -2.29 24.10 -8.54
C GLY B 562 -1.26 24.57 -7.53
N ILE B 563 -0.49 23.64 -6.98
CA ILE B 563 0.60 23.98 -6.07
C ILE B 563 1.93 23.87 -6.83
N THR B 564 2.78 24.90 -6.68
CA THR B 564 4.12 24.98 -7.31
C THR B 564 5.06 23.99 -6.62
N HIS B 565 5.77 23.20 -7.45
CA HIS B 565 6.83 22.30 -6.98
C HIS B 565 8.09 22.49 -7.85
N MET B 566 9.21 22.83 -7.21
CA MET B 566 10.45 23.10 -7.89
C MET B 566 11.36 21.89 -7.76
N LEU B 567 11.20 20.91 -8.66
CA LEU B 567 12.00 19.67 -8.64
C LEU B 567 13.45 19.93 -9.05
N ASN B 568 13.76 21.16 -9.50
CA ASN B 568 15.09 21.52 -9.98
C ASN B 568 15.97 21.95 -8.81
N PHE B 569 15.45 21.86 -7.58
CA PHE B 569 16.17 22.26 -6.36
C PHE B 569 17.53 21.54 -6.22
N THR B 570 17.75 20.46 -6.97
CA THR B 570 18.97 19.63 -6.85
C THR B 570 20.24 20.37 -7.29
N LYS B 571 20.08 21.38 -8.16
CA LYS B 571 21.19 22.07 -8.80
C LYS B 571 22.19 22.61 -7.77
N ASN B 572 21.70 23.12 -6.63
CA ASN B 572 22.56 23.83 -5.64
C ASN B 572 23.37 22.88 -4.74
N LEU B 573 23.06 21.59 -4.73
CA LEU B 573 23.71 20.61 -3.82
C LEU B 573 24.87 19.93 -4.54
N LYS B 574 26.06 20.49 -4.35
CA LYS B 574 27.15 20.27 -5.27
C LYS B 574 27.85 18.93 -5.02
N VAL B 575 27.60 18.29 -3.87
CA VAL B 575 28.21 17.00 -3.58
C VAL B 575 27.14 15.94 -3.28
N LEU B 576 25.87 16.17 -3.67
CA LEU B 576 24.79 15.22 -3.41
C LEU B 576 25.03 13.97 -4.25
N GLN B 577 25.12 12.80 -3.58
CA GLN B 577 25.33 11.51 -4.23
C GLN B 577 23.98 10.78 -4.40
N LYS B 578 23.12 10.89 -3.40
CA LYS B 578 21.93 10.03 -3.33
C LYS B 578 20.72 10.84 -2.89
N LEU B 579 19.67 10.78 -3.72
CA LEU B 579 18.40 11.45 -3.44
C LEU B 579 17.27 10.41 -3.48
N MET B 580 16.50 10.38 -2.39
CA MET B 580 15.34 9.51 -2.28
C MET B 580 14.09 10.39 -2.22
N MET B 581 13.20 10.21 -3.19
CA MET B 581 11.95 10.89 -3.15
C MET B 581 10.82 9.91 -3.51
N ASN B 582 10.84 8.78 -2.78
CA ASN B 582 9.88 7.72 -2.92
C ASN B 582 8.54 8.13 -2.29
N ASP B 583 7.45 7.62 -2.87
CA ASP B 583 6.11 7.69 -2.29
C ASP B 583 5.67 9.14 -2.08
N ASN B 584 6.00 10.01 -3.05
CA ASN B 584 5.62 11.40 -2.96
C ASN B 584 4.41 11.69 -3.84
N ASP B 585 3.96 10.73 -4.64
CA ASP B 585 2.75 10.91 -5.40
C ASP B 585 2.93 12.12 -6.35
N ILE B 586 4.14 12.28 -6.89
CA ILE B 586 4.44 13.43 -7.73
C ILE B 586 3.84 13.20 -9.13
N SER B 587 2.94 14.10 -9.53
CA SER B 587 2.24 14.02 -10.79
C SER B 587 2.30 15.35 -11.56
N SER B 588 3.07 16.30 -11.05
CA SER B 588 3.14 17.65 -11.57
C SER B 588 4.45 18.26 -11.07
N SER B 589 4.98 19.21 -11.84
CA SER B 589 6.23 19.90 -11.53
C SER B 589 6.31 21.20 -12.31
N THR B 590 6.71 22.27 -11.64
CA THR B 590 6.84 23.55 -12.25
C THR B 590 8.11 23.54 -13.12
N SER B 591 9.16 22.83 -12.67
CA SER B 591 10.37 22.68 -13.47
C SER B 591 10.28 21.40 -14.31
N ARG B 592 10.87 21.50 -15.51
CA ARG B 592 10.82 20.49 -16.55
C ARG B 592 12.01 19.54 -16.44
N THR B 593 13.06 19.96 -15.73
CA THR B 593 14.31 19.21 -15.64
C THR B 593 14.88 19.26 -14.21
N MET B 594 15.44 18.15 -13.77
CA MET B 594 16.25 18.08 -12.56
C MET B 594 17.72 18.08 -12.99
N GLU B 595 18.55 18.80 -12.24
CA GLU B 595 19.95 19.01 -12.61
C GLU B 595 20.87 18.69 -11.44
N SER B 596 21.93 17.93 -11.71
CA SER B 596 23.02 17.70 -10.76
C SER B 596 24.26 17.27 -11.54
N GLU B 597 25.42 17.76 -11.09
CA GLU B 597 26.70 17.31 -11.59
C GLU B 597 27.19 16.11 -10.76
N SER B 598 26.59 15.94 -9.57
CA SER B 598 27.12 15.03 -8.55
C SER B 598 26.30 13.76 -8.40
N LEU B 599 24.98 13.84 -8.62
CA LEU B 599 24.05 12.79 -8.16
C LEU B 599 24.29 11.46 -8.88
N ARG B 600 24.41 10.39 -8.09
CA ARG B 600 24.69 9.03 -8.59
C ARG B 600 23.42 8.16 -8.55
N THR B 601 22.60 8.36 -7.52
CA THR B 601 21.47 7.48 -7.24
C THR B 601 20.23 8.33 -6.95
N LEU B 602 19.16 8.06 -7.70
CA LEU B 602 17.87 8.70 -7.50
C LEU B 602 16.82 7.59 -7.37
N GLU B 603 16.11 7.64 -6.25
CA GLU B 603 14.96 6.80 -5.98
C GLU B 603 13.70 7.67 -6.14
N PHE B 604 12.86 7.31 -7.12
CA PHE B 604 11.68 8.05 -7.53
C PHE B 604 10.47 7.10 -7.64
N ARG B 605 10.47 6.11 -6.76
CA ARG B 605 9.45 5.06 -6.64
C ARG B 605 8.17 5.68 -6.08
N GLY B 606 7.01 5.19 -6.52
CA GLY B 606 5.72 5.56 -5.88
C GLY B 606 5.32 7.00 -6.17
N ASN B 607 5.40 7.38 -7.45
CA ASN B 607 5.12 8.73 -7.95
C ASN B 607 4.20 8.54 -9.16
N HIS B 608 3.93 9.60 -9.91
CA HIS B 608 3.03 9.50 -11.01
C HIS B 608 3.68 10.01 -12.30
N LEU B 609 4.80 9.38 -12.68
CA LEU B 609 5.42 9.66 -13.98
C LEU B 609 4.43 9.34 -15.12
N ASP B 610 3.44 8.47 -14.90
CA ASP B 610 2.43 8.19 -15.93
C ASP B 610 1.69 9.48 -16.32
N VAL B 611 1.43 10.34 -15.32
CA VAL B 611 0.77 11.64 -15.52
C VAL B 611 1.77 12.64 -16.11
N LEU B 612 2.96 12.78 -15.51
CA LEU B 612 3.98 13.70 -16.05
C LEU B 612 4.29 13.37 -17.52
N TRP B 613 4.30 12.08 -17.88
CA TRP B 613 4.62 11.62 -19.22
C TRP B 613 3.35 11.25 -20.02
N ARG B 614 2.22 11.90 -19.71
CA ARG B 614 0.97 11.63 -20.42
C ARG B 614 1.25 11.73 -21.94
N ASP B 615 0.85 10.69 -22.68
CA ASP B 615 1.07 10.64 -24.14
C ASP B 615 0.53 11.92 -24.81
N GLY B 616 1.41 12.56 -25.59
CA GLY B 616 1.19 13.88 -26.20
C GLY B 616 1.88 15.03 -25.46
N ASP B 617 2.31 14.82 -24.20
CA ASP B 617 2.98 15.88 -23.45
C ASP B 617 4.46 15.55 -23.37
N ASN B 618 5.27 16.37 -24.04
CA ASN B 618 6.70 16.14 -24.25
C ASN B 618 7.50 16.89 -23.19
N ARG B 619 6.86 17.70 -22.35
CA ARG B 619 7.57 18.71 -21.56
C ARG B 619 8.50 18.06 -20.51
N TYR B 620 8.15 16.87 -19.99
CA TYR B 620 8.94 16.27 -18.89
C TYR B 620 9.73 15.04 -19.36
N LEU B 621 9.82 14.82 -20.68
CA LEU B 621 10.56 13.65 -21.21
C LEU B 621 12.07 13.76 -20.97
N GLN B 622 12.55 14.88 -20.39
CA GLN B 622 13.98 15.08 -20.15
C GLN B 622 14.22 15.40 -18.68
N LEU B 623 13.29 14.96 -17.82
CA LEU B 623 13.27 15.31 -16.38
C LEU B 623 14.57 14.91 -15.67
N PHE B 624 15.16 13.78 -16.06
CA PHE B 624 16.35 13.21 -15.44
C PHE B 624 17.61 13.35 -16.33
N LYS B 625 17.47 13.91 -17.54
CA LYS B 625 18.56 13.92 -18.53
C LYS B 625 19.81 14.65 -18.02
N ASN B 626 19.61 15.74 -17.26
CA ASN B 626 20.70 16.61 -16.82
C ASN B 626 21.23 16.21 -15.44
N LEU B 627 20.91 14.99 -15.00
CA LEU B 627 21.58 14.36 -13.88
C LEU B 627 22.74 13.56 -14.46
N LEU B 628 23.84 14.25 -14.76
CA LEU B 628 24.82 13.75 -15.75
C LEU B 628 25.57 12.53 -15.22
N LYS B 629 25.76 12.43 -13.90
CA LYS B 629 26.54 11.32 -13.34
C LYS B 629 25.62 10.21 -12.80
N LEU B 630 24.31 10.29 -13.06
CA LEU B 630 23.35 9.32 -12.50
C LEU B 630 23.62 7.92 -13.06
N GLU B 631 23.70 6.97 -12.13
CA GLU B 631 23.98 5.57 -12.43
C GLU B 631 22.78 4.69 -12.06
N GLU B 632 22.02 5.06 -11.03
CA GLU B 632 20.92 4.24 -10.51
C GLU B 632 19.65 5.10 -10.46
N LEU B 633 18.64 4.65 -11.20
CA LEU B 633 17.33 5.27 -11.23
C LEU B 633 16.27 4.20 -10.93
N ASP B 634 15.50 4.45 -9.87
CA ASP B 634 14.39 3.62 -9.48
C ASP B 634 13.08 4.34 -9.81
N ILE B 635 12.41 3.91 -10.90
CA ILE B 635 11.12 4.48 -11.24
C ILE B 635 10.08 3.35 -11.33
N SER B 636 10.21 2.41 -10.38
CA SER B 636 9.17 1.44 -10.10
C SER B 636 7.94 2.15 -9.52
N LYS B 637 6.78 1.50 -9.60
CA LYS B 637 5.57 1.91 -8.89
C LYS B 637 5.20 3.34 -9.29
N ASN B 638 5.13 3.57 -10.61
CA ASN B 638 4.78 4.87 -11.14
C ASN B 638 3.63 4.74 -12.13
N SER B 639 2.93 3.61 -12.09
CA SER B 639 1.77 3.32 -12.96
C SER B 639 2.12 3.47 -14.45
N LEU B 640 3.37 3.20 -14.84
CA LEU B 640 3.74 3.33 -16.24
C LEU B 640 3.31 2.09 -17.01
N SER B 641 2.08 2.13 -17.51
CA SER B 641 1.50 0.97 -18.21
C SER B 641 2.16 0.85 -19.59
N PHE B 642 2.74 1.96 -20.06
CA PHE B 642 3.63 2.02 -21.23
C PHE B 642 4.63 3.14 -21.01
N LEU B 643 5.71 3.12 -21.78
CA LEU B 643 6.67 4.20 -21.83
C LEU B 643 6.50 4.97 -23.14
N PRO B 644 6.20 6.29 -23.09
CA PRO B 644 6.18 7.09 -24.31
C PRO B 644 7.56 7.04 -24.97
N SER B 645 7.59 7.16 -26.31
CA SER B 645 8.87 7.29 -27.01
C SER B 645 9.49 8.63 -26.57
N GLY B 646 10.79 8.58 -26.31
CA GLY B 646 11.51 9.73 -25.85
C GLY B 646 11.97 9.57 -24.41
N VAL B 647 11.40 8.59 -23.70
CA VAL B 647 11.79 8.36 -22.32
C VAL B 647 13.23 7.84 -22.30
N PHE B 648 13.55 6.86 -23.14
CA PHE B 648 14.91 6.25 -23.14
C PHE B 648 15.94 7.28 -23.65
N ASP B 649 15.61 7.99 -24.74
CA ASP B 649 16.43 9.09 -25.24
C ASP B 649 16.65 10.14 -24.13
N GLY B 650 15.62 10.34 -23.31
CA GLY B 650 15.63 11.30 -22.21
C GLY B 650 16.51 10.90 -21.03
N MET B 651 16.93 9.63 -20.97
CA MET B 651 17.70 9.13 -19.81
C MET B 651 19.09 9.73 -19.82
N PRO B 652 19.71 9.99 -18.65
CA PRO B 652 21.08 10.50 -18.60
C PRO B 652 22.06 9.44 -19.08
N PRO B 653 23.23 9.85 -19.61
CA PRO B 653 24.06 8.97 -20.43
C PRO B 653 24.77 7.81 -19.71
N ASN B 654 24.94 7.90 -18.39
CA ASN B 654 25.71 6.91 -17.64
C ASN B 654 24.81 5.96 -16.80
N LEU B 655 23.51 5.87 -17.13
CA LEU B 655 22.56 5.01 -16.41
C LEU B 655 23.01 3.54 -16.49
N LYS B 656 23.12 2.90 -15.33
CA LYS B 656 23.64 1.53 -15.21
C LYS B 656 22.54 0.57 -14.73
N ASN B 657 21.75 1.04 -13.76
CA ASN B 657 20.80 0.24 -13.02
C ASN B 657 19.44 0.95 -13.08
N LEU B 658 18.51 0.41 -13.88
CA LEU B 658 17.17 0.97 -14.05
C LEU B 658 16.11 -0.03 -13.57
N SER B 659 15.26 0.41 -12.64
CA SER B 659 14.06 -0.36 -12.25
C SER B 659 12.77 0.27 -12.82
N LEU B 660 12.00 -0.55 -13.52
CA LEU B 660 10.68 -0.24 -13.99
C LEU B 660 9.69 -1.24 -13.43
N ALA B 661 10.03 -1.77 -12.25
CA ALA B 661 9.22 -2.81 -11.64
C ALA B 661 7.86 -2.22 -11.22
N LYS B 662 6.84 -3.08 -11.23
CA LYS B 662 5.55 -2.83 -10.57
C LYS B 662 4.89 -1.58 -11.16
N ASN B 663 4.84 -1.53 -12.49
CA ASN B 663 4.31 -0.39 -13.19
C ASN B 663 3.04 -0.77 -13.96
N GLY B 664 2.68 -2.05 -13.95
CA GLY B 664 1.68 -2.59 -14.86
C GLY B 664 2.04 -2.39 -16.33
N LEU B 665 3.34 -2.38 -16.68
CA LEU B 665 3.80 -2.32 -18.07
C LEU B 665 3.18 -3.46 -18.88
N LYS B 666 2.51 -3.13 -19.99
CA LYS B 666 1.85 -4.11 -20.85
C LYS B 666 2.64 -4.29 -22.14
N SER B 667 3.60 -3.40 -22.38
CA SER B 667 4.31 -3.34 -23.64
C SER B 667 5.59 -2.54 -23.46
N PHE B 668 6.57 -2.86 -24.31
CA PHE B 668 7.92 -2.41 -24.10
C PHE B 668 8.67 -2.58 -25.43
N ILE B 669 9.11 -1.45 -25.99
CA ILE B 669 9.94 -1.43 -27.20
C ILE B 669 11.40 -1.69 -26.80
N TRP B 670 11.78 -2.98 -26.82
CA TRP B 670 13.09 -3.46 -26.35
C TRP B 670 14.23 -2.79 -27.13
N GLU B 671 14.01 -2.49 -28.42
CA GLU B 671 15.03 -1.89 -29.29
C GLU B 671 15.51 -0.55 -28.72
N LYS B 672 14.64 0.16 -27.99
CA LYS B 672 14.97 1.49 -27.45
C LYS B 672 16.00 1.38 -26.32
N LEU B 673 16.31 0.16 -25.86
CA LEU B 673 17.39 -0.01 -24.89
C LEU B 673 18.74 0.42 -25.48
N ARG B 674 18.82 0.52 -26.81
CA ARG B 674 20.06 0.92 -27.50
C ARG B 674 20.54 2.31 -27.06
N TYR B 675 19.62 3.19 -26.62
CA TYR B 675 19.99 4.54 -26.13
C TYR B 675 20.73 4.47 -24.79
N LEU B 676 20.54 3.38 -24.04
CA LEU B 676 21.11 3.30 -22.69
C LEU B 676 22.44 2.55 -22.81
N LYS B 677 23.49 3.28 -23.23
CA LYS B 677 24.72 2.64 -23.69
C LYS B 677 25.54 2.07 -22.52
N ASN B 678 25.21 2.48 -21.28
CA ASN B 678 25.88 1.95 -20.10
C ASN B 678 24.99 1.05 -19.25
N LEU B 679 23.85 0.60 -19.79
CA LEU B 679 22.87 -0.24 -19.02
C LEU B 679 23.48 -1.60 -18.69
N GLU B 680 23.42 -1.98 -17.41
CA GLU B 680 23.96 -3.25 -16.89
C GLU B 680 22.83 -4.07 -16.23
N THR B 681 21.99 -3.39 -15.43
CA THR B 681 20.86 -4.00 -14.74
C THR B 681 19.54 -3.36 -15.20
N LEU B 682 18.62 -4.18 -15.68
CA LEU B 682 17.27 -3.80 -16.01
C LEU B 682 16.30 -4.67 -15.23
N ASP B 683 15.51 -4.03 -14.36
CA ASP B 683 14.50 -4.71 -13.56
C ASP B 683 13.10 -4.39 -14.11
N LEU B 684 12.46 -5.38 -14.73
CA LEU B 684 11.11 -5.28 -15.26
C LEU B 684 10.17 -6.23 -14.51
N SER B 685 10.50 -6.54 -13.26
CA SER B 685 9.76 -7.49 -12.45
C SER B 685 8.35 -6.96 -12.15
N HIS B 686 7.37 -7.88 -12.04
CA HIS B 686 6.00 -7.59 -11.59
C HIS B 686 5.34 -6.58 -12.55
N ASN B 687 5.25 -6.95 -13.82
CA ASN B 687 4.63 -6.17 -14.85
C ASN B 687 3.71 -7.12 -15.63
N GLN B 688 3.25 -6.74 -16.83
CA GLN B 688 2.34 -7.56 -17.61
C GLN B 688 2.91 -7.83 -19.01
N LEU B 689 4.24 -7.95 -19.12
CA LEU B 689 4.86 -8.19 -20.41
C LEU B 689 4.49 -9.60 -20.88
N THR B 690 4.18 -9.76 -22.17
CA THR B 690 3.86 -11.07 -22.71
C THR B 690 4.95 -11.59 -23.66
N THR B 691 5.90 -10.73 -24.06
CA THR B 691 6.93 -11.15 -25.03
C THR B 691 8.29 -10.59 -24.64
N VAL B 692 9.32 -11.29 -25.13
CA VAL B 692 10.72 -10.88 -25.04
C VAL B 692 11.15 -10.40 -26.43
N PRO B 693 12.31 -9.71 -26.55
CA PRO B 693 12.80 -9.28 -27.85
C PRO B 693 13.26 -10.45 -28.73
N GLU B 694 13.10 -10.30 -30.06
CA GLU B 694 13.48 -11.31 -31.05
C GLU B 694 14.98 -11.64 -30.92
N ARG B 695 15.81 -10.61 -30.66
CA ARG B 695 17.25 -10.76 -30.39
C ARG B 695 17.66 -9.71 -29.35
N LEU B 696 17.98 -10.17 -28.14
CA LEU B 696 18.35 -9.30 -27.05
C LEU B 696 19.68 -8.59 -27.36
N SER B 697 20.61 -9.29 -28.01
CA SER B 697 21.95 -8.72 -28.30
C SER B 697 21.82 -7.48 -29.20
N ASN B 698 20.79 -7.47 -30.05
CA ASN B 698 20.45 -6.38 -30.97
C ASN B 698 19.77 -5.21 -30.25
N CYS B 699 19.56 -5.33 -28.92
CA CYS B 699 18.87 -4.32 -28.10
C CYS B 699 19.86 -3.60 -27.19
N SER B 700 20.93 -4.28 -26.81
CA SER B 700 21.87 -3.76 -25.83
C SER B 700 23.15 -4.59 -25.87
N ARG B 701 24.29 -3.90 -25.94
CA ARG B 701 25.61 -4.52 -25.90
C ARG B 701 26.10 -4.67 -24.46
N SER B 702 25.45 -3.97 -23.53
CA SER B 702 25.99 -3.75 -22.19
C SER B 702 25.29 -4.59 -21.13
N LEU B 703 24.06 -5.02 -21.42
CA LEU B 703 23.15 -5.58 -20.40
C LEU B 703 23.73 -6.85 -19.78
N LYS B 704 23.84 -6.86 -18.46
CA LYS B 704 24.34 -7.99 -17.68
C LYS B 704 23.22 -8.69 -16.91
N ASN B 705 22.31 -7.93 -16.29
CA ASN B 705 21.31 -8.50 -15.37
C ASN B 705 19.92 -8.09 -15.84
N LEU B 706 19.12 -9.08 -16.27
CA LEU B 706 17.78 -8.88 -16.77
C LEU B 706 16.81 -9.59 -15.84
N ILE B 707 15.93 -8.82 -15.19
CA ILE B 707 14.95 -9.31 -14.28
C ILE B 707 13.57 -9.18 -14.91
N LEU B 708 12.97 -10.33 -15.25
CA LEU B 708 11.68 -10.40 -15.92
C LEU B 708 10.67 -11.21 -15.10
N LYS B 709 10.93 -11.39 -13.79
CA LYS B 709 10.04 -12.25 -13.00
C LYS B 709 8.66 -11.59 -12.83
N ASN B 710 7.62 -12.44 -12.70
CA ASN B 710 6.25 -12.04 -12.44
C ASN B 710 5.75 -11.18 -13.59
N ASN B 711 5.76 -11.76 -14.78
CA ASN B 711 5.23 -11.17 -15.98
C ASN B 711 4.30 -12.23 -16.57
N GLN B 712 3.86 -12.06 -17.82
CA GLN B 712 2.86 -12.94 -18.43
C GLN B 712 3.45 -13.64 -19.66
N ILE B 713 4.75 -13.91 -19.63
CA ILE B 713 5.46 -14.39 -20.82
C ILE B 713 5.13 -15.87 -21.02
N ARG B 714 4.66 -16.22 -22.23
CA ARG B 714 4.16 -17.56 -22.54
C ARG B 714 5.16 -18.37 -23.39
N SER B 715 6.03 -17.67 -24.14
CA SER B 715 7.08 -18.32 -24.92
C SER B 715 8.23 -17.33 -25.14
N LEU B 716 9.41 -17.87 -25.43
CA LEU B 716 10.56 -17.07 -25.76
C LEU B 716 10.63 -16.98 -27.29
N THR B 717 11.22 -15.91 -27.79
CA THR B 717 11.44 -15.78 -29.24
C THR B 717 12.48 -16.81 -29.68
N LYS B 718 12.44 -17.17 -30.96
CA LYS B 718 13.26 -18.26 -31.50
C LYS B 718 14.75 -18.03 -31.21
N TYR B 719 15.24 -16.79 -31.32
CA TYR B 719 16.68 -16.52 -31.17
C TYR B 719 16.96 -15.56 -29.99
N PHE B 720 16.05 -15.53 -29.01
CA PHE B 720 16.07 -14.59 -27.88
C PHE B 720 17.51 -14.27 -27.42
N LEU B 721 18.27 -15.27 -26.97
CA LEU B 721 19.54 -14.99 -26.29
C LEU B 721 20.74 -15.11 -27.25
N GLN B 722 20.48 -15.27 -28.55
CA GLN B 722 21.56 -15.53 -29.51
C GLN B 722 22.55 -14.36 -29.50
N ASP B 723 23.80 -14.68 -29.14
CA ASP B 723 24.98 -13.81 -29.23
C ASP B 723 24.93 -12.71 -28.15
N ALA B 724 24.14 -12.90 -27.09
CA ALA B 724 24.10 -11.94 -25.98
C ALA B 724 25.14 -12.30 -24.93
N PHE B 725 26.43 -12.28 -25.31
CA PHE B 725 27.52 -12.84 -24.48
C PHE B 725 27.74 -12.03 -23.20
N GLN B 726 27.18 -10.82 -23.12
CA GLN B 726 27.38 -9.95 -21.96
C GLN B 726 26.51 -10.38 -20.77
N LEU B 727 25.45 -11.16 -21.04
CA LEU B 727 24.46 -11.55 -20.02
C LEU B 727 25.13 -12.40 -18.93
N ARG B 728 24.77 -12.13 -17.67
CA ARG B 728 25.28 -12.88 -16.50
C ARG B 728 24.15 -13.34 -15.56
N TYR B 729 22.98 -12.71 -15.63
CA TYR B 729 21.85 -13.00 -14.69
C TYR B 729 20.54 -12.82 -15.45
N LEU B 730 19.68 -13.84 -15.41
CA LEU B 730 18.40 -13.82 -16.09
C LEU B 730 17.36 -14.46 -15.17
N ASP B 731 16.38 -13.65 -14.74
CA ASP B 731 15.26 -14.13 -13.96
C ASP B 731 14.02 -14.14 -14.87
N LEU B 732 13.56 -15.34 -15.21
CA LEU B 732 12.36 -15.55 -15.96
C LEU B 732 11.31 -16.27 -15.10
N SER B 733 11.47 -16.24 -13.78
CA SER B 733 10.59 -16.96 -12.88
C SER B 733 9.20 -16.29 -12.85
N SER B 734 8.19 -17.07 -12.44
CA SER B 734 6.84 -16.61 -12.24
C SER B 734 6.31 -15.93 -13.52
N ASN B 735 6.45 -16.65 -14.66
CA ASN B 735 5.89 -16.31 -15.93
C ASN B 735 5.00 -17.49 -16.32
N LYS B 736 4.66 -17.64 -17.59
CA LYS B 736 3.79 -18.74 -18.00
C LYS B 736 4.42 -19.50 -19.16
N ILE B 737 5.73 -19.74 -19.08
CA ILE B 737 6.47 -20.32 -20.21
C ILE B 737 6.18 -21.82 -20.26
N GLN B 738 5.88 -22.32 -21.47
CA GLN B 738 5.60 -23.75 -21.71
C GLN B 738 6.86 -24.49 -22.19
N MET B 739 7.56 -23.92 -23.17
CA MET B 739 8.65 -24.53 -23.90
C MET B 739 9.83 -23.58 -23.95
N ILE B 740 11.03 -24.13 -23.92
CA ILE B 740 12.24 -23.41 -24.23
C ILE B 740 13.06 -24.34 -25.14
N GLN B 741 13.37 -23.87 -26.36
CA GLN B 741 14.17 -24.61 -27.32
C GLN B 741 15.59 -24.02 -27.35
N LYS B 742 16.52 -24.82 -27.89
CA LYS B 742 17.97 -24.54 -27.88
C LYS B 742 18.29 -23.22 -28.63
N THR B 743 17.54 -22.92 -29.69
CA THR B 743 17.77 -21.71 -30.46
C THR B 743 17.63 -20.47 -29.56
N SER B 744 16.63 -20.48 -28.67
CA SER B 744 16.36 -19.35 -27.73
C SER B 744 17.47 -19.25 -26.68
N PHE B 745 18.00 -20.41 -26.31
CA PHE B 745 18.86 -20.60 -25.14
C PHE B 745 20.15 -21.28 -25.60
N PRO B 746 21.00 -20.61 -26.42
CA PRO B 746 22.26 -21.20 -26.84
C PRO B 746 23.21 -21.36 -25.65
N GLU B 747 23.93 -22.49 -25.66
CA GLU B 747 24.71 -22.93 -24.51
C GLU B 747 25.94 -22.03 -24.33
N ASN B 748 26.39 -21.38 -25.41
CA ASN B 748 27.55 -20.49 -25.34
C ASN B 748 27.21 -19.22 -24.55
N VAL B 749 25.92 -18.94 -24.34
CA VAL B 749 25.47 -17.85 -23.44
C VAL B 749 25.11 -18.45 -22.08
N LEU B 750 24.33 -19.54 -22.08
CA LEU B 750 23.79 -20.06 -20.83
C LEU B 750 24.92 -20.34 -19.85
N ASN B 751 26.09 -20.75 -20.35
CA ASN B 751 27.09 -21.39 -19.51
C ASN B 751 27.78 -20.34 -18.62
N ASN B 752 27.85 -19.07 -19.09
CA ASN B 752 28.48 -17.99 -18.32
C ASN B 752 27.48 -17.20 -17.47
N LEU B 753 26.27 -17.74 -17.29
CA LEU B 753 25.31 -17.14 -16.38
C LEU B 753 25.71 -17.51 -14.95
N LYS B 754 25.86 -16.51 -14.09
CA LYS B 754 26.00 -16.70 -12.66
C LYS B 754 24.73 -17.33 -12.07
N MET B 755 23.56 -17.03 -12.65
CA MET B 755 22.26 -17.53 -12.14
C MET B 755 21.21 -17.44 -13.25
N LEU B 756 20.29 -18.41 -13.26
CA LEU B 756 19.18 -18.48 -14.21
C LEU B 756 17.96 -19.00 -13.45
N LEU B 757 16.97 -18.12 -13.25
CA LEU B 757 15.77 -18.45 -12.49
C LEU B 757 14.63 -18.80 -13.47
N LEU B 758 14.02 -19.98 -13.26
CA LEU B 758 13.03 -20.55 -14.17
C LEU B 758 11.81 -21.08 -13.40
N HIS B 759 11.79 -20.90 -12.08
CA HIS B 759 10.77 -21.56 -11.29
C HIS B 759 9.43 -20.86 -11.49
N HIS B 760 8.35 -21.62 -11.22
CA HIS B 760 6.96 -21.18 -11.25
C HIS B 760 6.62 -20.70 -12.66
N ASN B 761 6.83 -21.58 -13.62
CA ASN B 761 6.41 -21.41 -15.01
C ASN B 761 5.35 -22.49 -15.29
N ARG B 762 5.10 -22.82 -16.56
CA ARG B 762 4.04 -23.75 -16.94
C ARG B 762 4.61 -24.78 -17.91
N PHE B 763 5.71 -25.43 -17.52
CA PHE B 763 6.51 -26.27 -18.42
C PHE B 763 5.74 -27.54 -18.82
N LEU B 764 5.78 -27.84 -20.11
CA LEU B 764 5.09 -28.95 -20.69
C LEU B 764 6.13 -30.00 -21.01
N CYS B 765 6.01 -31.17 -20.37
CA CYS B 765 7.08 -32.16 -20.37
C CYS B 765 6.77 -33.29 -21.36
N THR B 766 6.74 -32.92 -22.64
CA THR B 766 6.54 -33.82 -23.74
C THR B 766 7.89 -34.06 -24.40
N CYS B 767 7.88 -34.91 -25.43
CA CYS B 767 9.06 -35.21 -26.20
C CYS B 767 9.61 -33.96 -26.90
N ASP B 768 8.78 -32.92 -27.06
CA ASP B 768 9.26 -31.65 -27.63
C ASP B 768 10.22 -30.93 -26.67
N ALA B 769 10.18 -31.28 -25.37
CA ALA B 769 10.95 -30.59 -24.33
C ALA B 769 12.23 -31.35 -24.00
N VAL B 770 12.58 -32.30 -24.87
CA VAL B 770 13.68 -33.20 -24.58
C VAL B 770 14.97 -32.41 -24.30
N TRP B 771 15.22 -31.37 -25.10
CA TRP B 771 16.45 -30.59 -24.95
C TRP B 771 16.49 -29.88 -23.59
N PHE B 772 15.39 -29.17 -23.26
CA PHE B 772 15.38 -28.35 -22.06
C PHE B 772 15.51 -29.24 -20.84
N VAL B 773 14.81 -30.37 -20.86
CA VAL B 773 14.82 -31.30 -19.75
C VAL B 773 16.26 -31.80 -19.55
N TRP B 774 16.91 -32.23 -20.64
CA TRP B 774 18.30 -32.73 -20.58
C TRP B 774 19.23 -31.64 -20.03
N TRP B 775 19.17 -30.44 -20.64
CA TRP B 775 20.04 -29.32 -20.24
C TRP B 775 19.88 -29.01 -18.74
N VAL B 776 18.64 -28.91 -18.27
CA VAL B 776 18.35 -28.56 -16.88
C VAL B 776 18.94 -29.64 -15.96
N GLN B 777 18.90 -30.90 -16.39
CA GLN B 777 19.38 -32.03 -15.59
C GLN B 777 20.91 -32.05 -15.49
N HIS B 778 21.61 -31.58 -16.53
CA HIS B 778 23.08 -31.72 -16.68
C HIS B 778 23.85 -30.37 -16.64
N THR B 779 23.25 -29.26 -16.19
CA THR B 779 23.92 -27.94 -16.27
C THR B 779 24.58 -27.60 -14.93
N GLU B 780 25.72 -26.89 -14.99
CA GLU B 780 26.48 -26.38 -13.82
C GLU B 780 25.81 -25.10 -13.31
N VAL B 781 25.19 -24.38 -14.26
CA VAL B 781 24.56 -23.10 -14.05
C VAL B 781 23.60 -23.22 -12.89
N THR B 782 23.68 -22.25 -11.99
CA THR B 782 22.91 -22.25 -10.78
C THR B 782 21.46 -21.92 -11.16
N ILE B 783 20.53 -22.78 -10.73
CA ILE B 783 19.10 -22.61 -10.92
C ILE B 783 18.44 -22.89 -9.59
N PRO B 784 18.00 -21.87 -8.84
CA PRO B 784 17.42 -22.11 -7.53
C PRO B 784 16.06 -22.80 -7.64
N TYR B 785 15.70 -23.53 -6.57
CA TYR B 785 14.44 -24.18 -6.41
C TYR B 785 14.25 -25.29 -7.44
N LEU B 786 15.35 -25.85 -7.97
CA LEU B 786 15.30 -26.87 -9.04
C LEU B 786 14.49 -28.08 -8.58
N ALA B 787 14.53 -28.34 -7.27
CA ALA B 787 13.96 -29.50 -6.62
C ALA B 787 12.52 -29.24 -6.17
N THR B 788 12.17 -27.98 -5.92
CA THR B 788 10.93 -27.69 -5.24
C THR B 788 9.89 -27.02 -6.19
N ASP B 789 10.29 -26.14 -7.13
CA ASP B 789 9.27 -25.34 -7.87
C ASP B 789 9.67 -25.19 -9.36
N VAL B 790 10.42 -26.15 -9.93
CA VAL B 790 10.61 -26.23 -11.40
C VAL B 790 9.95 -27.52 -11.89
N THR B 791 8.70 -27.36 -12.31
CA THR B 791 7.71 -28.40 -12.32
C THR B 791 7.03 -28.47 -13.69
N CYS B 792 6.74 -29.68 -14.13
CA CYS B 792 5.83 -29.96 -15.22
C CYS B 792 4.38 -29.67 -14.79
N VAL B 793 3.58 -29.02 -15.64
CA VAL B 793 2.13 -28.88 -15.40
C VAL B 793 1.36 -29.90 -16.26
N GLY B 794 2.07 -30.59 -17.16
CA GLY B 794 1.49 -31.57 -18.04
C GLY B 794 2.59 -32.29 -18.82
N PRO B 795 2.20 -33.30 -19.62
CA PRO B 795 0.81 -33.72 -19.76
C PRO B 795 0.40 -34.80 -18.77
N GLY B 796 -0.78 -34.63 -18.14
CA GLY B 796 -1.48 -35.66 -17.35
C GLY B 796 -0.55 -36.46 -16.43
N ALA B 797 0.10 -37.48 -17.01
CA ALA B 797 1.07 -38.36 -16.33
C ALA B 797 2.04 -37.56 -15.44
N HIS B 798 2.74 -36.60 -16.04
CA HIS B 798 3.87 -35.94 -15.42
C HIS B 798 3.45 -34.68 -14.63
N LYS B 799 2.14 -34.39 -14.55
CA LYS B 799 1.64 -33.19 -13.84
C LYS B 799 2.14 -33.19 -12.39
N GLY B 800 2.75 -32.07 -11.98
CA GLY B 800 3.20 -31.83 -10.61
C GLY B 800 4.59 -32.37 -10.34
N GLN B 801 5.17 -33.06 -11.32
CA GLN B 801 6.49 -33.71 -11.20
C GLN B 801 7.61 -32.70 -11.49
N SER B 802 8.69 -32.76 -10.70
CA SER B 802 9.91 -31.99 -10.92
C SER B 802 10.54 -32.40 -12.26
N VAL B 803 11.10 -31.45 -13.02
CA VAL B 803 11.70 -31.78 -14.33
C VAL B 803 13.08 -32.42 -14.09
N ILE B 804 13.72 -32.10 -12.97
CA ILE B 804 14.98 -32.71 -12.62
C ILE B 804 14.80 -34.25 -12.55
N SER B 805 13.63 -34.72 -12.09
CA SER B 805 13.37 -36.17 -11.83
C SER B 805 12.76 -36.88 -13.05
N LEU B 806 12.55 -36.14 -14.14
CA LEU B 806 11.76 -36.59 -15.28
C LEU B 806 12.58 -37.56 -16.15
N ASP B 807 12.04 -38.75 -16.39
CA ASP B 807 12.64 -39.75 -17.29
C ASP B 807 11.88 -39.69 -18.62
N LEU B 808 12.60 -39.38 -19.71
CA LEU B 808 11.97 -39.22 -21.03
C LEU B 808 12.50 -40.27 -22.02
N TYR B 809 12.82 -41.47 -21.53
CA TYR B 809 13.44 -42.52 -22.36
C TYR B 809 12.50 -42.92 -23.51
N THR B 810 11.18 -42.84 -23.28
CA THR B 810 10.19 -43.26 -24.28
C THR B 810 10.23 -42.36 -25.53
N CYS B 811 10.87 -41.20 -25.42
CA CYS B 811 11.06 -40.28 -26.54
C CYS B 811 12.20 -40.74 -27.46
N GLU B 812 12.86 -41.87 -27.16
CA GLU B 812 14.16 -42.26 -27.75
C GLU B 812 14.21 -43.74 -28.16
N LEU B 813 13.08 -44.39 -28.46
CA LEU B 813 13.06 -45.86 -28.65
C LEU B 813 13.57 -46.24 -30.04
C1 NAG E . -2.83 24.11 -34.67
C2 NAG E . -1.87 22.90 -34.63
C3 NAG E . -0.39 23.23 -34.86
C4 NAG E . -0.20 24.22 -36.03
C5 NAG E . -1.23 25.32 -35.77
C6 NAG E . -1.04 26.56 -36.63
C7 NAG E . -2.27 20.88 -33.29
C8 NAG E . -2.25 20.34 -31.87
N2 NAG E . -1.95 22.17 -33.38
O3 NAG E . 0.30 21.98 -35.07
O4 NAG E . 1.15 24.74 -36.00
O5 NAG E . -2.56 24.79 -35.87
O6 NAG E . -2.10 26.70 -37.56
O7 NAG E . -2.58 20.21 -34.28
C1 NAG E . 1.98 24.48 -37.12
C2 NAG E . 3.09 25.54 -37.10
C3 NAG E . 4.26 25.18 -38.05
C4 NAG E . 4.65 23.71 -38.11
C5 NAG E . 3.39 22.84 -38.16
C6 NAG E . 3.78 21.37 -38.09
C7 NAG E . 2.39 27.88 -36.56
C8 NAG E . 1.94 29.20 -37.16
N2 NAG E . 2.58 26.88 -37.45
O3 NAG E . 5.43 25.85 -37.56
O4 NAG E . 5.56 23.46 -39.22
O5 NAG E . 2.54 23.18 -37.04
O6 NAG E . 4.22 21.08 -36.75
O7 NAG E . 2.55 27.78 -35.35
C1 NAG F . 3.05 -22.92 35.29
C2 NAG F . 1.99 -23.19 34.25
C3 NAG F . 0.57 -22.93 34.80
C4 NAG F . 0.34 -23.68 36.12
C5 NAG F . 1.50 -23.34 37.01
C6 NAG F . 1.32 -23.94 38.40
C7 NAG F . 2.28 -22.81 31.81
C8 NAG F . 2.39 -21.73 30.75
N2 NAG F . 2.28 -22.37 33.10
O3 NAG F . -0.40 -23.38 33.85
O4 NAG F . -0.87 -23.28 36.81
O5 NAG F . 2.71 -23.77 36.39
O6 NAG F . 2.41 -23.43 39.16
O7 NAG F . 2.15 -23.99 31.47
C1 BMA F . -1.74 -24.40 37.11
C2 BMA F . -2.18 -24.32 38.61
C3 BMA F . -3.60 -24.93 38.82
C4 BMA F . -4.54 -24.83 37.60
C5 BMA F . -3.84 -25.39 36.37
C6 BMA F . -4.87 -25.50 35.24
O2 BMA F . -2.01 -22.99 39.22
O3 BMA F . -4.21 -24.32 39.95
O4 BMA F . -5.80 -25.53 37.79
O5 BMA F . -2.75 -24.52 36.08
O6 BMA F . -4.31 -25.29 33.95
C1 NAG G . 28.97 -28.25 10.76
C2 NAG G . 28.79 -26.76 10.86
C3 NAG G . 29.87 -26.19 11.76
C4 NAG G . 29.77 -26.75 13.17
C5 NAG G . 29.74 -28.29 13.08
C6 NAG G . 29.39 -29.00 14.39
C7 NAG G . 27.67 -25.79 8.87
C8 NAG G . 27.87 -24.99 7.62
N2 NAG G . 28.79 -26.12 9.55
O3 NAG G . 29.75 -24.77 11.84
O4 NAG G . 30.89 -26.20 13.91
O5 NAG G . 28.82 -28.78 12.09
O6 NAG G . 28.23 -28.42 15.01
O7 NAG G . 26.54 -26.11 9.23
C1 NAG G . 30.59 -25.30 15.03
C2 NAG G . 31.69 -25.51 16.11
C3 NAG G . 32.03 -24.28 17.00
C4 NAG G . 31.85 -22.95 16.27
C5 NAG G . 30.43 -22.97 15.70
C6 NAG G . 29.95 -21.58 15.27
C7 NAG G . 31.93 -27.83 17.02
C8 NAG G . 31.33 -28.85 17.94
N2 NAG G . 31.30 -26.64 16.97
O3 NAG G . 33.38 -24.35 17.47
O4 NAG G . 32.11 -21.83 17.15
O5 NAG G . 30.46 -23.91 14.61
O6 NAG G . 29.82 -20.74 16.43
O7 NAG G . 32.93 -28.10 16.36
C1 NAG H . -12.69 15.47 4.36
C2 NAG H . -13.64 14.58 3.60
C3 NAG H . -12.93 13.50 2.79
C4 NAG H . -11.83 14.05 1.89
C5 NAG H . -10.98 14.93 2.84
C6 NAG H . -9.73 15.48 2.15
C7 NAG H . -15.80 13.87 4.52
C8 NAG H . -16.47 13.14 5.66
N2 NAG H . -14.45 13.95 4.61
O3 NAG H . -13.89 12.74 2.04
O4 NAG H . -11.09 12.90 1.42
O5 NAG H . -11.72 16.01 3.48
O6 NAG H . -9.88 16.82 1.74
O7 NAG H . -16.42 14.34 3.58
C1 NAG I . -10.65 2.17 29.93
C2 NAG I . -11.62 2.76 30.94
C3 NAG I . -10.81 3.42 32.05
C4 NAG I . -9.94 2.37 32.70
C5 NAG I . -9.00 1.72 31.68
C6 NAG I . -8.24 0.52 32.31
C7 NAG I . -13.74 3.71 30.07
C8 NAG I . -14.35 4.93 29.45
N2 NAG I . -12.43 3.81 30.33
O3 NAG I . -11.67 4.08 32.99
O4 NAG I . -9.19 3.07 33.71
O5 NAG I . -9.67 1.29 30.47
O6 NAG I . -7.31 -0.06 31.36
O7 NAG I . -14.41 2.71 30.30
C1 NAG J . -12.43 35.21 17.50
C2 NAG J . -11.62 35.74 18.67
C3 NAG J . -12.50 35.86 19.91
C4 NAG J . -13.90 36.42 19.65
C5 NAG J . -14.53 35.94 18.32
C6 NAG J . -15.72 36.78 17.91
C7 NAG J . -9.21 35.30 18.65
C8 NAG J . -8.08 34.36 18.95
N2 NAG J . -10.45 34.91 18.95
O3 NAG J . -11.81 36.71 20.83
O4 NAG J . -14.71 35.98 20.77
O5 NAG J . -13.62 35.99 17.25
O6 NAG J . -16.73 35.90 17.42
O7 NAG J . -8.99 36.39 18.12
C1 NAG K . -24.93 -30.48 11.88
C2 NAG K . -25.95 -29.97 12.93
C3 NAG K . -25.98 -30.90 14.14
C4 NAG K . -26.38 -32.29 13.69
C5 NAG K . -25.46 -32.81 12.56
C6 NAG K . -26.01 -34.12 11.97
C7 NAG K . -26.23 -27.57 12.84
C8 NAG K . -25.77 -26.27 13.42
N2 NAG K . -25.60 -28.62 13.36
O3 NAG K . -26.87 -30.46 15.17
O4 NAG K . -26.29 -33.09 14.87
O5 NAG K . -25.28 -31.84 11.48
O6 NAG K . -26.89 -33.80 10.89
O7 NAG K . -27.12 -27.70 12.01
C1 NAG L . -21.57 -5.57 3.95
C2 NAG L . -22.64 -4.94 3.03
C3 NAG L . -21.96 -4.34 1.79
C4 NAG L . -20.83 -3.33 2.15
C5 NAG L . -19.87 -4.03 3.12
C6 NAG L . -18.77 -3.08 3.62
C7 NAG L . -24.90 -5.98 3.29
C8 NAG L . -25.81 -7.01 2.69
N2 NAG L . -23.71 -5.87 2.66
O3 NAG L . -22.98 -3.73 1.00
O4 NAG L . -20.10 -2.79 1.02
O5 NAG L . -20.58 -4.58 4.25
O6 NAG L . -17.56 -3.85 3.68
O7 NAG L . -25.24 -5.32 4.25
C1 NAG M . -31.72 4.13 -26.82
C2 NAG M . -31.23 4.78 -25.55
C3 NAG M . -32.06 6.02 -25.20
C4 NAG M . -32.02 7.07 -26.31
C5 NAG M . -32.39 6.40 -27.64
C6 NAG M . -32.12 7.37 -28.76
C7 NAG M . -30.11 3.19 -24.05
C8 NAG M . -30.23 2.57 -22.68
N2 NAG M . -31.19 3.89 -24.40
O3 NAG M . -31.49 6.56 -24.03
O4 NAG M . -32.83 8.20 -25.95
O5 NAG M . -31.66 5.15 -27.86
O6 NAG M . -30.72 7.42 -29.03
O7 NAG M . -29.10 3.08 -24.75
C1 NAG N . -9.92 46.77 -3.21
C2 NAG N . -9.51 48.05 -2.46
C3 NAG N . -10.08 49.21 -3.28
C4 NAG N . -9.58 49.15 -4.72
C5 NAG N . -10.07 47.85 -5.33
C6 NAG N . -9.67 47.68 -6.79
C7 NAG N . -9.37 47.78 -0.01
C8 NAG N . -10.15 47.74 1.28
N2 NAG N . -10.06 48.13 -1.11
O3 NAG N . -9.72 50.45 -2.68
O4 NAG N . -10.08 50.24 -5.49
O5 NAG N . -9.49 46.80 -4.56
O6 NAG N . -8.37 47.09 -6.87
O7 NAG N . -8.18 47.47 -0.07
P PO4 O . -1.76 0.30 -22.38
O1 PO4 O . -1.95 1.71 -22.87
O2 PO4 O . -0.46 -0.31 -22.94
O3 PO4 O . -1.74 0.43 -20.88
O4 PO4 O . -2.92 -0.59 -22.77
S SO4 P . -7.92 8.01 31.22
O1 SO4 P . -8.99 8.92 30.76
O2 SO4 P . -6.59 8.58 30.90
O3 SO4 P . -8.10 7.93 32.68
O4 SO4 P . -8.04 6.59 30.73
S SO4 Q . -36.40 -13.94 0.24
O1 SO4 Q . -37.14 -13.21 -0.84
O2 SO4 Q . -34.97 -13.52 0.34
O3 SO4 Q . -36.98 -13.74 1.58
O4 SO4 Q . -36.46 -15.36 -0.15
S SO4 R . -11.49 38.48 12.88
O1 SO4 R . -11.72 39.78 12.19
O2 SO4 R . -10.50 38.76 13.96
O3 SO4 R . -12.75 37.97 13.43
O4 SO4 R . -11.01 37.42 11.93
S SO4 S . -27.09 33.07 9.35
O1 SO4 S . -27.71 34.40 9.13
O2 SO4 S . -26.57 32.51 8.07
O3 SO4 S . -28.15 32.14 9.82
O4 SO4 S . -25.96 33.18 10.32
S SO4 T . -19.15 18.88 -24.17
O1 SO4 T . -19.24 18.97 -25.65
O2 SO4 T . -18.00 19.65 -23.65
O3 SO4 T . -20.31 19.51 -23.51
O4 SO4 T . -19.03 17.42 -23.79
S SO4 U . -34.36 -13.15 -34.57
O1 SO4 U . -34.69 -12.97 -36.01
O2 SO4 U . -32.90 -12.96 -34.39
O3 SO4 U . -35.06 -12.18 -33.69
O4 SO4 U . -34.74 -14.54 -34.19
S SO4 V . -23.23 -8.39 -2.14
O1 SO4 V . -22.92 -7.16 -2.90
O2 SO4 V . -22.25 -9.37 -2.64
O3 SO4 V . -22.98 -8.19 -0.67
O4 SO4 V . -24.65 -8.86 -2.36
S SO4 W . -29.70 24.11 12.74
O1 SO4 W . -29.55 23.43 11.42
O2 SO4 W . -28.46 24.81 13.16
O3 SO4 W . -30.79 25.13 12.69
O4 SO4 W . -30.01 23.08 13.77
S SO4 X . -12.80 23.26 -19.33
O1 SO4 X . -11.81 24.07 -20.10
O2 SO4 X . -14.09 24.07 -19.26
O3 SO4 X . -12.16 22.85 -18.04
O4 SO4 X . -13.08 22.00 -20.05
S SO4 Y . 3.77 8.54 10.05
O1 SO4 Y . 2.73 9.61 10.11
O2 SO4 Y . 5.13 9.14 10.09
O3 SO4 Y . 3.65 7.61 11.19
O4 SO4 Y . 3.60 7.75 8.79
O3P ACK Z . 2.60 33.12 -7.02
P ACK Z . 3.51 31.94 -6.75
O1P ACK Z . 4.89 32.08 -7.38
O2' ACK Z . 3.71 31.69 -5.17
O3' ACK Z . 2.77 30.56 -7.14
C3' ACK Z . 2.55 29.74 -6.00
C4' ACK Z . 1.08 29.49 -5.75
O4' ACK Z . 0.88 29.82 -4.36
C5' ACK Z . 0.72 28.03 -6.10
O5' ACK Z . 1.53 27.14 -5.31
C1' ACK Z . 1.88 30.75 -3.87
N9 ACK Z . 2.20 30.56 -2.43
C8 ACK Z . 2.18 31.49 -1.43
N7 ACK Z . 2.51 30.91 -0.23
C5 ACK Z . 2.75 29.59 -0.45
C6 ACK Z . 3.13 28.38 0.35
N6 ACK Z . 3.37 28.47 1.68
N1 ACK Z . 3.26 27.17 -0.31
C2 ACK Z . 3.07 27.02 -1.65
N3 ACK Z . 2.71 28.07 -2.43
C4 ACK Z . 2.54 29.35 -1.90
C2' ACK Z . 3.08 30.46 -4.75
C1 NAG AA . 15.53 7.88 10.93
C2 NAG AA . 16.24 6.69 10.32
C3 NAG AA . 15.31 5.59 9.81
C4 NAG AA . 14.14 5.33 10.78
C5 NAG AA . 13.55 6.66 11.25
C6 NAG AA . 12.32 6.52 12.14
C7 NAG AA . 18.31 6.94 9.12
C8 NAG AA . 19.03 7.45 7.92
N2 NAG AA . 16.99 7.18 9.20
O3 NAG AA . 16.03 4.36 9.63
O4 NAG AA . 13.20 4.57 10.01
O5 NAG AA . 14.56 7.43 11.88
O6 NAG AA . 12.72 5.95 13.37
O7 NAG AA . 18.88 6.33 9.99
C1 NAG BA . 14.20 26.30 -11.24
C2 NAG BA . 15.30 27.36 -11.15
C3 NAG BA . 14.66 28.74 -10.94
C4 NAG BA . 13.61 29.05 -11.99
C5 NAG BA . 12.58 27.94 -12.13
C6 NAG BA . 11.69 28.18 -13.35
C7 NAG BA . 17.40 26.44 -10.27
C8 NAG BA . 18.36 26.35 -9.11
N2 NAG BA . 16.27 27.14 -10.08
O3 NAG BA . 15.63 29.79 -10.99
O4 NAG BA . 13.01 30.26 -11.53
O5 NAG BA . 13.21 26.63 -12.25
O6 NAG BA . 10.82 27.07 -13.52
O7 NAG BA . 17.65 25.92 -11.35
P PO4 CA . -0.53 -20.72 8.68
O1 PO4 CA . -0.51 -19.42 7.94
O2 PO4 CA . 0.73 -21.47 8.25
O3 PO4 CA . -0.60 -20.41 10.18
O4 PO4 CA . -1.77 -21.55 8.34
S SO4 DA . 12.77 30.12 -6.41
O1 SO4 DA . 12.20 31.16 -7.32
O2 SO4 DA . 14.26 30.12 -6.42
O3 SO4 DA . 12.36 30.39 -5.00
O4 SO4 DA . 12.34 28.82 -6.95
S SO4 EA . 19.51 -17.60 24.85
O1 SO4 EA . 19.74 -16.24 25.48
O2 SO4 EA . 20.79 -17.98 24.20
O3 SO4 EA . 18.42 -17.42 23.85
O4 SO4 EA . 19.17 -18.79 25.70
S SO4 FA . 14.74 -10.96 27.58
O1 SO4 FA . 14.57 -10.09 26.37
O2 SO4 FA . 16.16 -11.03 28.12
O3 SO4 FA . 13.82 -10.49 28.65
O4 SO4 FA . 14.31 -12.28 27.05
O3P ACK GA . -0.45 5.70 32.18
P ACK GA . 0.92 6.35 32.02
O1P ACK GA . 1.66 6.67 33.31
O2' ACK GA . 0.87 7.70 31.13
O3' ACK GA . 1.83 5.48 30.99
C3' ACK GA . 1.92 6.08 29.69
C4' ACK GA . 3.32 6.07 29.09
O4' ACK GA . 3.71 7.46 28.98
C5' ACK GA . 3.33 5.32 27.75
O5' ACK GA . 2.37 5.86 26.83
C1' ACK GA . 2.84 8.34 29.73
N9 ACK GA . 2.68 9.67 29.06
C8 ACK GA . 2.96 10.87 29.65
N7 ACK GA . 2.76 11.89 28.78
C5 ACK GA . 2.34 11.38 27.59
C6 ACK GA . 1.93 11.92 26.25
N6 ACK GA . 1.96 13.26 26.01
N1 ACK GA . 1.52 11.00 25.29
C2 ACK GA . 1.49 9.64 25.49
N3 ACK GA . 1.86 9.09 26.68
C4 ACK GA . 2.28 9.89 27.77
C2' ACK GA . 1.54 7.56 29.86
#